data_3GUA
#
_entry.id   3GUA
#
_cell.length_a   98.428
_cell.length_b   98.428
_cell.length_c   265.568
_cell.angle_alpha   90.000
_cell.angle_beta   90.000
_cell.angle_gamma   90.000
#
_symmetry.space_group_name_H-M   'P 41'
#
loop_
_entity.id
_entity.type
_entity.pdbx_description
1 polymer 'Soluble acetylcholine receptor'
2 non-polymer 'SULFATE ION'
3 water water
#
_entity_poly.entity_id   1
_entity_poly.type   'polypeptide(L)'
_entity_poly.pdbx_seq_one_letter_code
;DYKDDDDKLHSQANLMRLKSDLFNRSPMYPGPTKDDPLTVTLGFTLQDIVKADSSTNEVDLVYYEQQRWKLNSLMWDPNE
YGNITDFRTSAADIWTPDITAYSSTRPVQVLSPQIAVVTHDGSVMFIPAQRLSFMCDPTGVDSEEGATCAVKFGSWVYSG
FEIDLKTDTDQVDLSSYYASSKYEILSATQTRQVQHYSCCPEPYIDVNLVVKFRERR
;
_entity_poly.pdbx_strand_id   A,B,C,D,E,F,G,H,I,J
#
# COMPACT_ATOMS: atom_id res chain seq x y z
N ASP A 1 4.12 15.32 37.70
CA ASP A 1 5.19 14.30 37.47
C ASP A 1 4.78 13.33 36.35
N TYR A 2 4.96 12.04 36.60
CA TYR A 2 4.58 11.00 35.64
C TYR A 2 3.07 10.83 35.49
N LYS A 3 2.34 11.00 36.59
CA LYS A 3 0.89 10.80 36.58
C LYS A 3 0.16 11.85 35.73
N ASP A 4 0.54 13.12 35.87
CA ASP A 4 -0.07 14.16 35.03
C ASP A 4 0.61 14.32 33.64
N ASP A 5 1.62 13.50 33.39
CA ASP A 5 2.16 13.32 32.05
C ASP A 5 1.44 12.15 31.37
N ASP A 6 1.03 11.17 32.18
CA ASP A 6 0.19 10.06 31.75
C ASP A 6 -1.26 10.51 31.56
N ASP A 7 -1.69 11.47 32.39
CA ASP A 7 -3.04 12.02 32.29
C ASP A 7 -3.20 12.70 30.95
N LYS A 8 -2.22 13.51 30.58
CA LYS A 8 -2.24 14.25 29.31
C LYS A 8 -2.21 13.26 28.15
N LEU A 9 -1.37 12.23 28.27
CA LEU A 9 -1.32 11.13 27.30
C LEU A 9 -2.65 10.40 27.17
N HIS A 10 -3.29 10.14 28.31
CA HIS A 10 -4.61 9.52 28.33
C HIS A 10 -5.63 10.37 27.57
N SER A 11 -5.66 11.66 27.87
CA SER A 11 -6.58 12.59 27.22
C SER A 11 -6.34 12.62 25.72
N GLN A 12 -5.08 12.49 25.31
CA GLN A 12 -4.73 12.52 23.90
C GLN A 12 -5.19 11.25 23.25
N ALA A 13 -4.95 10.12 23.90
CA ALA A 13 -5.40 8.82 23.42
C ALA A 13 -6.90 8.80 23.19
N ASN A 14 -7.66 9.38 24.12
CA ASN A 14 -9.12 9.47 23.96
C ASN A 14 -9.57 10.20 22.73
N LEU A 15 -8.94 11.33 22.43
CA LEU A 15 -9.30 12.07 21.24
C LEU A 15 -8.87 11.32 19.97
N MET A 16 -7.67 10.75 20.00
CA MET A 16 -7.17 9.86 18.94
C MET A 16 -8.24 8.82 18.62
N ARG A 17 -8.71 8.14 19.66
CA ARG A 17 -9.72 7.09 19.55
C ARG A 17 -11.01 7.60 18.94
N LEU A 18 -11.47 8.75 19.41
CA LEU A 18 -12.72 9.34 18.91
C LEU A 18 -12.61 9.64 17.43
N LYS A 19 -11.57 10.37 17.04
CA LYS A 19 -11.37 10.72 15.65
C LYS A 19 -11.22 9.48 14.79
N SER A 20 -10.40 8.53 15.23
CA SER A 20 -10.19 7.28 14.52
C SER A 20 -11.49 6.49 14.34
N ASP A 21 -12.33 6.48 15.37
CA ASP A 21 -13.62 5.82 15.28
C ASP A 21 -14.52 6.57 14.34
N LEU A 22 -14.57 7.88 14.47
CA LEU A 22 -15.47 8.69 13.65
C LEU A 22 -15.11 8.69 12.16
N PHE A 23 -13.83 8.66 11.85
CA PHE A 23 -13.30 8.65 10.47
C PHE A 23 -13.54 7.28 9.83
N ASN A 24 -13.16 6.22 10.53
CA ASN A 24 -13.26 4.87 10.01
C ASN A 24 -14.66 4.31 10.00
N ARG A 25 -15.63 5.07 10.48
CA ARG A 25 -17.00 4.53 10.57
C ARG A 25 -17.50 4.14 9.19
N SER A 26 -18.13 2.96 9.09
CA SER A 26 -18.67 2.47 7.81
C SER A 26 -19.86 3.35 7.37
N PRO A 27 -20.34 3.19 6.13
CA PRO A 27 -20.62 4.08 5.03
C PRO A 27 -19.94 5.46 4.91
N MET A 28 -18.69 5.61 5.34
CA MET A 28 -18.11 6.97 5.42
C MET A 28 -18.86 7.96 4.49
N TYR A 29 -19.86 8.64 5.09
CA TYR A 29 -20.80 9.64 4.54
C TYR A 29 -20.66 10.14 3.09
N PRO A 30 -21.68 9.91 2.24
CA PRO A 30 -21.61 10.26 0.83
C PRO A 30 -22.26 11.57 0.39
N GLY A 31 -22.42 12.53 1.29
CA GLY A 31 -23.22 13.72 0.99
C GLY A 31 -24.72 13.58 1.28
N PRO A 32 -25.43 14.70 1.46
CA PRO A 32 -26.88 14.65 1.61
C PRO A 32 -27.57 14.09 0.37
N THR A 33 -28.69 13.42 0.59
CA THR A 33 -29.52 12.86 -0.48
C THR A 33 -30.97 13.17 -0.15
N LYS A 34 -31.89 12.86 -1.08
CA LYS A 34 -33.31 13.03 -0.78
C LYS A 34 -33.73 12.26 0.46
N ASP A 35 -33.29 11.00 0.60
CA ASP A 35 -33.69 10.21 1.77
C ASP A 35 -32.96 10.60 3.05
N ASP A 36 -31.98 11.48 2.93
CA ASP A 36 -31.10 11.81 4.03
C ASP A 36 -30.73 13.28 3.93
N PRO A 37 -31.74 14.17 3.96
CA PRO A 37 -31.48 15.59 3.70
C PRO A 37 -30.79 16.28 4.86
N LEU A 38 -30.42 17.53 4.66
CA LEU A 38 -29.57 18.27 5.57
C LEU A 38 -29.99 19.74 5.61
N THR A 39 -29.81 20.38 6.76
CA THR A 39 -30.06 21.83 6.85
C THR A 39 -28.79 22.56 7.19
N VAL A 40 -28.38 23.48 6.32
CA VAL A 40 -27.22 24.33 6.58
C VAL A 40 -27.66 25.71 7.03
N THR A 41 -27.18 26.14 8.20
CA THR A 41 -27.50 27.48 8.69
C THR A 41 -26.41 28.51 8.29
N LEU A 42 -26.84 29.59 7.64
CA LEU A 42 -25.93 30.62 7.19
C LEU A 42 -26.10 31.89 7.99
N GLY A 43 -24.96 32.51 8.29
CA GLY A 43 -24.92 33.81 8.93
C GLY A 43 -23.75 34.60 8.37
N PHE A 44 -23.91 35.92 8.23
CA PHE A 44 -22.80 36.77 7.81
C PHE A 44 -22.41 37.80 8.87
N THR A 45 -21.12 37.83 9.19
CA THR A 45 -20.56 38.95 9.93
C THR A 45 -19.78 39.78 8.91
N LEU A 46 -20.28 40.97 8.63
CA LEU A 46 -19.69 41.82 7.62
C LEU A 46 -18.64 42.72 8.24
N GLN A 47 -17.41 42.60 7.75
CA GLN A 47 -16.26 43.32 8.29
C GLN A 47 -15.96 44.63 7.58
N ASP A 48 -15.89 44.59 6.25
CA ASP A 48 -15.48 45.76 5.52
C ASP A 48 -15.99 45.74 4.08
N ILE A 49 -16.43 46.90 3.59
CA ILE A 49 -16.50 47.11 2.16
C ILE A 49 -15.18 47.79 1.79
N VAL A 50 -14.29 47.04 1.13
CA VAL A 50 -12.95 47.55 0.87
C VAL A 50 -12.91 48.47 -0.34
N LYS A 51 -13.63 48.10 -1.39
CA LYS A 51 -13.48 48.70 -2.71
C LYS A 51 -14.80 48.68 -3.47
N ALA A 52 -15.14 49.81 -4.09
CA ALA A 52 -16.30 49.86 -4.98
C ALA A 52 -15.83 50.38 -6.33
N ASP A 53 -15.61 49.48 -7.28
CA ASP A 53 -15.10 49.88 -8.59
C ASP A 53 -16.26 50.25 -9.49
N SER A 54 -16.41 51.55 -9.72
CA SER A 54 -17.52 52.05 -10.50
C SER A 54 -17.30 51.97 -12.01
N SER A 55 -16.08 51.69 -12.43
CA SER A 55 -15.79 51.52 -13.86
C SER A 55 -16.05 50.09 -14.33
N THR A 56 -16.22 49.16 -13.40
CA THR A 56 -16.56 47.77 -13.74
C THR A 56 -17.79 47.25 -13.01
N ASN A 57 -18.37 48.06 -12.12
CA ASN A 57 -19.47 47.61 -11.26
C ASN A 57 -19.14 46.31 -10.52
N GLU A 58 -18.00 46.33 -9.83
CA GLU A 58 -17.57 45.26 -8.94
C GLU A 58 -17.41 45.86 -7.56
N VAL A 59 -17.90 45.15 -6.54
CA VAL A 59 -17.70 45.56 -5.13
C VAL A 59 -17.02 44.44 -4.33
N ASP A 60 -16.11 44.83 -3.43
CA ASP A 60 -15.31 43.89 -2.65
C ASP A 60 -15.71 43.91 -1.18
N LEU A 61 -16.19 42.77 -0.69
CA LEU A 61 -16.54 42.61 0.72
C LEU A 61 -15.59 41.67 1.44
N VAL A 62 -15.34 41.96 2.71
CA VAL A 62 -14.68 41.02 3.60
C VAL A 62 -15.70 40.67 4.67
N TYR A 63 -15.95 39.37 4.86
CA TYR A 63 -16.94 38.90 5.84
C TYR A 63 -16.54 37.57 6.44
N TYR A 64 -17.18 37.20 7.55
CA TYR A 64 -17.11 35.84 8.08
C TYR A 64 -18.41 35.15 7.70
N GLU A 65 -18.29 34.03 7.01
CA GLU A 65 -19.45 33.28 6.59
C GLU A 65 -19.53 32.11 7.52
N GLN A 66 -20.56 32.11 8.35
CA GLN A 66 -20.68 31.10 9.37
C GLN A 66 -21.62 30.01 8.90
N GLN A 67 -21.14 28.78 8.91
CA GLN A 67 -21.88 27.65 8.41
C GLN A 67 -22.13 26.65 9.54
N ARG A 68 -23.32 26.06 9.55
CA ARG A 68 -23.64 25.07 10.56
C ARG A 68 -24.50 23.97 9.96
N TRP A 69 -24.23 22.74 10.39
CA TRP A 69 -25.03 21.59 9.99
C TRP A 69 -24.82 20.47 10.99
N LYS A 70 -25.62 19.42 10.89
CA LYS A 70 -25.56 18.33 11.85
C LYS A 70 -25.64 16.98 11.14
N LEU A 71 -24.67 16.10 11.40
CA LEU A 71 -24.69 14.76 10.83
C LEU A 71 -24.81 13.72 11.93
N ASN A 72 -25.70 12.76 11.75
CA ASN A 72 -25.76 11.62 12.65
C ASN A 72 -24.44 10.91 12.74
N SER A 73 -23.74 10.83 11.61
CA SER A 73 -22.45 10.16 11.52
C SER A 73 -21.30 10.87 12.25
N LEU A 74 -21.57 12.02 12.87
CA LEU A 74 -20.54 12.68 13.68
C LEU A 74 -20.91 12.69 15.16
N MET A 75 -22.00 12.03 15.49
CA MET A 75 -22.47 11.87 16.87
C MET A 75 -21.57 10.93 17.66
N TRP A 76 -21.40 11.21 18.94
CA TRP A 76 -20.78 10.27 19.88
C TRP A 76 -21.29 10.55 21.29
N ASP A 77 -21.12 9.57 22.17
CA ASP A 77 -21.45 9.75 23.57
C ASP A 77 -20.17 10.12 24.32
N PRO A 78 -20.10 11.34 24.88
CA PRO A 78 -18.91 11.80 25.58
C PRO A 78 -18.46 10.83 26.66
N ASN A 79 -19.39 10.06 27.21
CA ASN A 79 -19.08 9.08 28.24
C ASN A 79 -18.19 7.95 27.78
N GLU A 80 -18.31 7.59 26.51
CA GLU A 80 -17.47 6.57 25.92
C GLU A 80 -16.12 7.13 25.49
N TYR A 81 -16.01 8.45 25.41
CA TYR A 81 -14.79 9.05 24.91
C TYR A 81 -14.17 10.04 25.88
N GLY A 82 -14.03 9.60 27.13
CA GLY A 82 -13.35 10.38 28.18
C GLY A 82 -13.88 11.79 28.33
N ASN A 83 -15.20 11.91 28.31
CA ASN A 83 -15.93 13.17 28.47
C ASN A 83 -15.60 14.26 27.46
N ILE A 84 -14.95 13.89 26.35
CA ILE A 84 -14.69 14.80 25.25
C ILE A 84 -16.01 15.21 24.61
N THR A 85 -16.21 16.52 24.44
CA THR A 85 -17.50 17.01 23.97
C THR A 85 -17.43 17.65 22.59
N ASP A 86 -16.22 17.96 22.14
CA ASP A 86 -16.00 18.67 20.90
C ASP A 86 -14.53 18.62 20.49
N PHE A 87 -14.26 18.63 19.18
CA PHE A 87 -12.88 18.66 18.69
C PHE A 87 -12.70 19.54 17.47
N ARG A 88 -11.48 20.04 17.28
CA ARG A 88 -11.15 20.80 16.08
C ARG A 88 -10.54 19.86 15.07
N THR A 89 -10.93 20.02 13.82
CA THR A 89 -10.33 19.24 12.75
C THR A 89 -10.21 20.07 11.48
N SER A 90 -9.29 19.69 10.62
CA SER A 90 -9.15 20.34 9.32
C SER A 90 -10.44 20.14 8.50
N ALA A 91 -10.89 21.21 7.84
CA ALA A 91 -12.11 21.17 7.03
C ALA A 91 -12.00 20.17 5.88
N ALA A 92 -10.78 19.85 5.48
CA ALA A 92 -10.56 18.87 4.43
C ALA A 92 -10.75 17.43 4.91
N ASP A 93 -10.85 17.25 6.22
CA ASP A 93 -11.05 15.94 6.83
C ASP A 93 -12.52 15.53 6.88
N ILE A 94 -13.42 16.46 6.55
CA ILE A 94 -14.85 16.21 6.63
C ILE A 94 -15.61 16.78 5.45
N TRP A 95 -16.81 16.26 5.22
CA TRP A 95 -17.68 16.81 4.20
C TRP A 95 -18.04 18.19 4.68
N THR A 96 -18.13 19.13 3.75
CA THR A 96 -18.57 20.50 3.99
C THR A 96 -19.52 20.89 2.87
N PRO A 97 -20.47 21.80 3.13
CA PRO A 97 -21.39 22.14 2.06
C PRO A 97 -20.76 23.03 0.99
N ASP A 98 -21.27 22.95 -0.23
CA ASP A 98 -20.70 23.66 -1.37
C ASP A 98 -21.36 25.04 -1.56
N ILE A 99 -21.43 25.81 -0.49
CA ILE A 99 -22.13 27.09 -0.51
C ILE A 99 -21.35 28.13 -1.29
N THR A 100 -21.93 28.61 -2.41
CA THR A 100 -21.24 29.57 -3.26
C THR A 100 -22.04 30.85 -3.45
N ALA A 101 -21.32 31.93 -3.74
CA ALA A 101 -21.93 33.18 -4.17
C ALA A 101 -22.30 33.00 -5.63
N TYR A 102 -23.52 33.36 -5.99
CA TYR A 102 -23.97 33.16 -7.34
C TYR A 102 -23.50 34.21 -8.34
N SER A 103 -23.10 35.38 -7.85
CA SER A 103 -22.72 36.47 -8.75
C SER A 103 -21.34 37.07 -8.48
N SER A 104 -20.36 36.24 -8.11
CA SER A 104 -18.99 36.72 -7.94
C SER A 104 -18.35 37.04 -9.29
N THR A 105 -17.29 37.85 -9.27
CA THR A 105 -16.58 38.19 -10.48
C THR A 105 -15.12 37.73 -10.43
N ARG A 106 -14.70 37.19 -9.29
CA ARG A 106 -13.36 36.66 -9.10
C ARG A 106 -13.52 35.49 -8.17
N PRO A 107 -12.62 34.50 -8.26
CA PRO A 107 -12.70 33.44 -7.26
C PRO A 107 -12.62 34.03 -5.85
N VAL A 108 -13.45 33.54 -4.93
CA VAL A 108 -13.40 33.96 -3.54
C VAL A 108 -12.01 33.73 -2.97
N GLN A 109 -11.56 34.62 -2.09
CA GLN A 109 -10.31 34.43 -1.40
C GLN A 109 -10.56 34.09 0.06
N VAL A 110 -9.93 33.02 0.54
CA VAL A 110 -10.08 32.59 1.92
C VAL A 110 -8.99 33.23 2.74
N LEU A 111 -9.38 33.90 3.83
CA LEU A 111 -8.50 34.72 4.63
C LEU A 111 -8.07 34.03 5.91
N SER A 112 -8.79 32.98 6.28
CA SER A 112 -8.61 32.30 7.56
C SER A 112 -8.21 30.86 7.32
N PRO A 113 -7.73 30.14 8.36
CA PRO A 113 -7.58 28.70 8.23
C PRO A 113 -8.92 27.98 7.96
N GLN A 114 -8.79 26.84 7.30
CA GLN A 114 -9.91 25.96 6.99
C GLN A 114 -10.00 24.91 8.10
N ILE A 115 -10.57 25.30 9.23
CA ILE A 115 -10.70 24.38 10.35
C ILE A 115 -12.12 24.44 10.86
N ALA A 116 -12.71 23.28 11.09
CA ALA A 116 -14.06 23.22 11.63
C ALA A 116 -14.07 22.69 13.06
N VAL A 117 -15.19 22.91 13.76
CA VAL A 117 -15.33 22.47 15.14
C VAL A 117 -16.50 21.50 15.17
N VAL A 118 -16.24 20.27 15.62
CA VAL A 118 -17.29 19.25 15.70
C VAL A 118 -17.73 19.00 17.14
N THR A 119 -19.05 18.96 17.36
CA THR A 119 -19.61 18.74 18.69
C THR A 119 -20.30 17.37 18.77
N HIS A 120 -20.42 16.84 19.99
CA HIS A 120 -20.84 15.45 20.19
C HIS A 120 -22.21 15.09 19.62
N ASP A 121 -23.07 16.09 19.51
CA ASP A 121 -24.39 15.89 18.94
C ASP A 121 -24.31 15.75 17.43
N GLY A 122 -23.09 15.83 16.89
CA GLY A 122 -22.89 15.67 15.46
C GLY A 122 -22.94 16.96 14.67
N SER A 123 -23.04 18.09 15.35
CA SER A 123 -23.06 19.38 14.68
C SER A 123 -21.66 19.93 14.37
N VAL A 124 -21.53 20.49 13.18
CA VAL A 124 -20.26 21.03 12.74
C VAL A 124 -20.41 22.53 12.62
N MET A 125 -19.38 23.26 13.02
CA MET A 125 -19.35 24.69 12.80
C MET A 125 -18.09 25.10 12.05
N PHE A 126 -18.31 25.76 10.93
CA PHE A 126 -17.25 26.17 10.04
C PHE A 126 -17.45 27.66 9.73
N ILE A 127 -16.46 28.50 10.07
CA ILE A 127 -16.57 29.95 9.90
C ILE A 127 -15.35 30.55 9.16
N PRO A 128 -15.28 30.36 7.83
CA PRO A 128 -14.18 30.98 7.07
C PRO A 128 -14.33 32.48 6.81
N ALA A 129 -13.23 33.21 6.93
CA ALA A 129 -13.19 34.62 6.55
C ALA A 129 -12.88 34.68 5.06
N GLN A 130 -13.57 35.57 4.35
CA GLN A 130 -13.44 35.64 2.90
C GLN A 130 -13.40 37.05 2.37
N ARG A 131 -12.69 37.26 1.26
CA ARG A 131 -12.87 38.47 0.45
C ARG A 131 -13.56 38.05 -0.85
N LEU A 132 -14.73 38.66 -1.12
CA LEU A 132 -15.51 38.37 -2.32
C LEU A 132 -15.65 39.59 -3.22
N SER A 133 -15.36 39.42 -4.51
CA SER A 133 -15.68 40.44 -5.52
C SER A 133 -16.93 40.00 -6.23
N PHE A 134 -17.97 40.84 -6.18
CA PHE A 134 -19.22 40.49 -6.83
C PHE A 134 -19.85 41.64 -7.60
N MET A 135 -20.78 41.31 -8.48
CA MET A 135 -21.41 42.27 -9.36
C MET A 135 -22.29 43.17 -8.55
N CYS A 136 -21.96 44.45 -8.58
CA CYS A 136 -22.67 45.46 -7.84
C CYS A 136 -22.37 46.84 -8.41
N ASP A 137 -23.42 47.58 -8.76
CA ASP A 137 -23.31 48.92 -9.32
C ASP A 137 -23.38 49.94 -8.18
N PRO A 138 -22.26 50.66 -7.94
CA PRO A 138 -22.18 51.55 -6.79
C PRO A 138 -22.66 52.98 -7.02
N THR A 139 -23.53 53.19 -8.01
CA THR A 139 -24.08 54.52 -8.29
C THR A 139 -24.87 55.05 -7.11
N GLY A 140 -24.54 56.27 -6.69
CA GLY A 140 -25.24 56.94 -5.60
C GLY A 140 -24.63 56.68 -4.23
N VAL A 141 -23.54 55.93 -4.20
CA VAL A 141 -22.77 55.70 -2.97
C VAL A 141 -22.18 57.02 -2.48
N ASP A 142 -22.00 57.94 -3.44
CA ASP A 142 -21.52 59.29 -3.22
C ASP A 142 -22.63 60.23 -2.76
N SER A 143 -23.84 59.70 -2.62
CA SER A 143 -25.02 60.47 -2.17
C SER A 143 -25.44 60.05 -0.76
N GLU A 144 -26.54 60.63 -0.28
CA GLU A 144 -27.01 60.38 1.09
C GLU A 144 -27.75 59.05 1.27
N GLU A 145 -28.59 58.69 0.31
CA GLU A 145 -29.34 57.43 0.36
C GLU A 145 -28.45 56.24 0.01
N GLY A 146 -27.29 56.53 -0.57
CA GLY A 146 -26.30 55.50 -0.83
C GLY A 146 -26.67 54.59 -1.98
N ALA A 147 -25.95 53.47 -2.07
CA ALA A 147 -26.19 52.49 -3.12
C ALA A 147 -26.63 51.20 -2.46
N THR A 148 -27.34 50.36 -3.21
CA THR A 148 -27.79 49.08 -2.68
C THR A 148 -27.29 47.94 -3.56
N CYS A 149 -26.72 46.92 -2.95
CA CYS A 149 -26.27 45.74 -3.70
C CYS A 149 -26.73 44.43 -3.06
N ALA A 150 -26.81 43.38 -3.86
CA ALA A 150 -27.27 42.09 -3.39
C ALA A 150 -26.45 40.97 -4.00
N VAL A 151 -26.29 39.90 -3.26
CA VAL A 151 -25.62 38.70 -3.75
C VAL A 151 -26.30 37.50 -3.10
N LYS A 152 -26.59 36.48 -3.91
CA LYS A 152 -27.21 35.24 -3.42
C LYS A 152 -26.15 34.21 -3.09
N PHE A 153 -26.32 33.53 -1.97
CA PHE A 153 -25.46 32.41 -1.58
C PHE A 153 -26.27 31.14 -1.52
N GLY A 154 -25.74 30.05 -2.02
CA GLY A 154 -26.44 28.78 -1.93
C GLY A 154 -25.63 27.61 -2.45
N SER A 155 -26.19 26.41 -2.31
CA SER A 155 -25.51 25.21 -2.83
C SER A 155 -25.36 25.33 -4.35
N TRP A 156 -24.26 24.82 -4.87
CA TRP A 156 -24.03 24.83 -6.28
C TRP A 156 -24.73 23.70 -7.03
N VAL A 157 -24.81 22.52 -6.43
CA VAL A 157 -25.36 21.34 -7.11
C VAL A 157 -26.53 20.64 -6.39
N TYR A 158 -26.80 21.08 -5.16
CA TYR A 158 -27.86 20.46 -4.34
C TYR A 158 -29.16 21.28 -4.29
N SER A 159 -30.28 20.60 -4.54
CA SER A 159 -31.57 21.24 -4.44
C SER A 159 -32.03 21.33 -2.99
N GLY A 160 -33.16 22.00 -2.77
CA GLY A 160 -33.76 22.13 -1.44
C GLY A 160 -34.13 20.79 -0.83
N PHE A 161 -34.35 19.80 -1.67
CA PHE A 161 -34.67 18.45 -1.24
C PHE A 161 -33.49 17.72 -0.62
N GLU A 162 -32.28 18.21 -0.89
CA GLU A 162 -31.06 17.64 -0.34
C GLU A 162 -30.43 18.53 0.71
N ILE A 163 -30.20 19.79 0.36
CA ILE A 163 -29.74 20.79 1.33
C ILE A 163 -30.77 21.91 1.45
N ASP A 164 -31.30 22.11 2.65
CA ASP A 164 -32.10 23.27 2.92
C ASP A 164 -31.21 24.29 3.60
N LEU A 165 -31.45 25.56 3.34
CA LEU A 165 -30.76 26.64 4.04
C LEU A 165 -31.66 27.33 5.04
N LYS A 166 -31.05 27.90 6.08
CA LYS A 166 -31.79 28.73 7.02
C LYS A 166 -30.87 29.72 7.71
N THR A 167 -31.43 30.82 8.18
CA THR A 167 -30.67 31.79 8.93
C THR A 167 -31.17 31.82 10.36
N ASP A 168 -30.34 32.27 11.28
CA ASP A 168 -30.80 32.45 12.66
C ASP A 168 -31.49 33.78 12.79
N THR A 169 -31.16 34.71 11.90
CA THR A 169 -31.73 36.06 11.90
C THR A 169 -31.59 36.73 10.54
N ASP A 170 -32.41 37.76 10.31
CA ASP A 170 -32.39 38.54 9.09
C ASP A 170 -31.31 39.60 9.08
N GLN A 171 -30.77 39.90 10.27
CA GLN A 171 -29.75 40.92 10.41
C GLN A 171 -28.36 40.36 10.20
N VAL A 172 -27.68 40.87 9.19
CA VAL A 172 -26.26 40.65 9.04
C VAL A 172 -25.57 41.31 10.22
N ASP A 173 -24.70 40.57 10.87
CA ASP A 173 -23.97 41.03 12.06
C ASP A 173 -22.95 42.13 11.75
N LEU A 174 -23.23 43.33 12.24
CA LEU A 174 -22.43 44.49 11.91
C LEU A 174 -21.57 44.96 13.08
N SER A 175 -21.49 44.15 14.12
CA SER A 175 -20.79 44.54 15.35
C SER A 175 -19.28 44.51 15.15
N SER A 176 -18.83 43.90 14.05
CA SER A 176 -17.41 43.83 13.74
C SER A 176 -17.04 44.62 12.49
N TYR A 177 -17.97 45.42 11.99
CA TYR A 177 -17.71 46.27 10.82
C TYR A 177 -16.65 47.31 11.12
N TYR A 178 -15.65 47.40 10.24
CA TYR A 178 -14.51 48.28 10.41
C TYR A 178 -14.96 49.71 10.64
N ALA A 179 -14.68 50.20 11.85
CA ALA A 179 -15.12 51.54 12.25
C ALA A 179 -14.73 52.62 11.25
N SER A 180 -13.52 52.50 10.69
CA SER A 180 -12.96 53.55 9.85
C SER A 180 -12.93 53.18 8.37
N SER A 181 -13.86 52.35 7.92
CA SER A 181 -13.95 51.97 6.51
C SER A 181 -14.22 53.18 5.63
N LYS A 182 -13.91 53.05 4.33
CA LYS A 182 -14.24 54.08 3.36
C LYS A 182 -15.74 54.21 3.17
N TYR A 183 -16.47 53.13 3.47
CA TYR A 183 -17.91 53.07 3.28
C TYR A 183 -18.58 52.66 4.58
N GLU A 184 -19.69 53.32 4.91
CA GLU A 184 -20.48 52.91 6.09
C GLU A 184 -21.77 52.18 5.71
N ILE A 185 -22.19 51.24 6.57
CA ILE A 185 -23.34 50.41 6.29
C ILE A 185 -24.62 51.09 6.76
N LEU A 186 -25.57 51.24 5.85
CA LEU A 186 -26.86 51.79 6.19
C LEU A 186 -27.83 50.70 6.62
N SER A 187 -27.75 49.55 5.95
CA SER A 187 -28.42 48.32 6.41
C SER A 187 -27.80 47.12 5.74
N ALA A 188 -27.89 45.98 6.41
CA ALA A 188 -27.41 44.73 5.83
C ALA A 188 -28.30 43.59 6.29
N THR A 189 -28.96 42.93 5.35
CA THR A 189 -29.87 41.84 5.67
C THR A 189 -29.44 40.54 5.01
N GLN A 190 -29.87 39.42 5.59
CA GLN A 190 -29.68 38.10 5.00
C GLN A 190 -31.03 37.37 5.01
N THR A 191 -31.53 37.03 3.83
CA THR A 191 -32.89 36.57 3.74
C THR A 191 -32.92 35.26 3.00
N ARG A 192 -33.68 34.31 3.52
CA ARG A 192 -33.82 33.01 2.88
C ARG A 192 -34.79 33.11 1.72
N GLN A 193 -34.44 32.48 0.62
CA GLN A 193 -35.29 32.49 -0.56
C GLN A 193 -35.53 31.09 -1.08
N VAL A 194 -36.76 30.83 -1.50
CA VAL A 194 -37.11 29.60 -2.18
C VAL A 194 -37.36 29.93 -3.63
N GLN A 195 -36.46 29.43 -4.47
CA GLN A 195 -36.44 29.69 -5.91
C GLN A 195 -37.04 28.52 -6.67
N HIS A 196 -37.87 28.82 -7.65
CA HIS A 196 -38.45 27.78 -8.48
C HIS A 196 -38.00 27.92 -9.93
N TYR A 197 -37.54 26.81 -10.50
CA TYR A 197 -36.97 26.81 -11.85
C TYR A 197 -37.77 25.98 -12.84
N SER A 198 -37.71 26.42 -14.09
CA SER A 198 -38.54 25.93 -15.18
C SER A 198 -38.39 24.44 -15.47
N CYS A 199 -37.16 23.93 -15.37
CA CYS A 199 -36.83 22.52 -15.63
C CYS A 199 -37.31 21.59 -14.53
N CYS A 200 -37.42 22.13 -13.32
CA CYS A 200 -37.13 21.37 -12.12
C CYS A 200 -38.22 21.48 -11.06
N PRO A 201 -38.88 20.34 -10.72
CA PRO A 201 -39.95 20.38 -9.71
C PRO A 201 -39.39 20.51 -8.30
N GLU A 202 -38.13 20.14 -8.11
CA GLU A 202 -37.48 20.37 -6.83
C GLU A 202 -37.19 21.87 -6.68
N PRO A 203 -37.49 22.43 -5.50
CA PRO A 203 -37.20 23.83 -5.21
C PRO A 203 -35.73 24.00 -4.87
N TYR A 204 -35.17 25.19 -5.14
CA TYR A 204 -33.78 25.48 -4.79
C TYR A 204 -33.76 26.61 -3.78
N ILE A 205 -32.83 26.56 -2.83
CA ILE A 205 -32.77 27.58 -1.78
C ILE A 205 -31.52 28.44 -1.96
N ASP A 206 -31.61 29.70 -1.51
CA ASP A 206 -30.42 30.53 -1.32
C ASP A 206 -30.64 31.50 -0.17
N VAL A 207 -29.58 32.14 0.29
CA VAL A 207 -29.66 33.26 1.21
C VAL A 207 -29.24 34.50 0.46
N ASN A 208 -30.12 35.50 0.46
CA ASN A 208 -29.88 36.75 -0.25
C ASN A 208 -29.32 37.83 0.67
N LEU A 209 -28.04 38.13 0.47
CA LEU A 209 -27.34 39.16 1.23
C LEU A 209 -27.55 40.51 0.55
N VAL A 210 -28.19 41.45 1.24
CA VAL A 210 -28.49 42.76 0.67
C VAL A 210 -27.87 43.86 1.51
N VAL A 211 -26.96 44.63 0.90
CA VAL A 211 -26.26 45.70 1.61
C VAL A 211 -26.56 47.09 1.03
N LYS A 212 -26.97 48.00 1.91
CA LYS A 212 -27.07 49.40 1.58
C LYS A 212 -25.92 50.15 2.20
N PHE A 213 -25.11 50.79 1.37
CA PHE A 213 -23.94 51.52 1.85
C PHE A 213 -23.72 52.87 1.17
N ARG A 214 -22.86 53.69 1.76
CA ARG A 214 -22.49 54.98 1.19
C ARG A 214 -21.10 55.41 1.63
N GLU A 215 -20.53 56.40 0.95
CA GLU A 215 -19.21 56.93 1.32
C GLU A 215 -19.29 57.56 2.70
N ARG A 216 -18.26 57.37 3.54
CA ARG A 216 -18.29 57.89 4.91
C ARG A 216 -18.26 59.42 4.89
N ARG A 217 -18.89 60.06 5.88
CA ARG A 217 -18.94 61.53 5.92
C ARG A 217 -18.42 62.14 7.22
N ASP B 1 38.76 10.29 5.96
CA ASP B 1 38.78 9.01 5.21
C ASP B 1 37.50 8.23 5.49
N TYR B 2 37.62 6.91 5.59
CA TYR B 2 36.48 6.05 5.83
C TYR B 2 35.91 6.21 7.24
N LYS B 3 36.77 6.45 8.24
CA LYS B 3 36.30 6.64 9.61
C LYS B 3 35.37 7.85 9.72
N ASP B 4 35.80 8.96 9.12
CA ASP B 4 35.05 10.22 9.06
C ASP B 4 33.83 10.17 8.13
N ASP B 5 33.85 9.22 7.20
CA ASP B 5 32.69 8.95 6.33
C ASP B 5 31.65 8.16 7.12
N ASP B 6 32.11 7.16 7.87
CA ASP B 6 31.25 6.38 8.76
C ASP B 6 30.74 7.22 9.93
N ASP B 7 31.49 8.26 10.29
CA ASP B 7 31.12 9.13 11.39
C ASP B 7 30.08 10.15 11.00
N LYS B 8 30.05 10.53 9.73
CA LYS B 8 28.97 11.35 9.19
C LYS B 8 27.68 10.53 9.09
N LEU B 9 27.83 9.29 8.60
CA LEU B 9 26.71 8.35 8.47
C LEU B 9 26.09 8.00 9.81
N HIS B 10 26.93 7.82 10.83
CA HIS B 10 26.45 7.58 12.19
C HIS B 10 25.57 8.74 12.68
N SER B 11 26.05 9.96 12.51
CA SER B 11 25.30 11.13 12.95
C SER B 11 23.99 11.29 12.17
N GLN B 12 24.00 10.86 10.91
CA GLN B 12 22.81 10.90 10.09
C GLN B 12 21.79 9.90 10.61
N ALA B 13 22.24 8.66 10.84
CA ALA B 13 21.39 7.60 11.35
C ALA B 13 20.74 8.00 12.69
N ASN B 14 21.49 8.66 13.56
CA ASN B 14 20.96 9.13 14.83
C ASN B 14 19.82 10.10 14.65
N LEU B 15 19.96 11.04 13.73
CA LEU B 15 18.88 11.99 13.44
C LEU B 15 17.68 11.32 12.81
N MET B 16 17.93 10.40 11.88
CA MET B 16 16.85 9.63 11.28
C MET B 16 16.06 8.82 12.32
N ARG B 17 16.79 8.18 13.26
CA ARG B 17 16.17 7.47 14.36
C ARG B 17 15.31 8.39 15.22
N LEU B 18 15.85 9.54 15.58
CA LEU B 18 15.12 10.52 16.38
C LEU B 18 13.82 10.92 15.71
N LYS B 19 13.93 11.40 14.48
CA LYS B 19 12.77 11.85 13.72
C LYS B 19 11.75 10.73 13.50
N SER B 20 12.22 9.53 13.14
CA SER B 20 11.33 8.39 12.96
C SER B 20 10.64 8.01 14.28
N ASP B 21 11.35 8.07 15.39
CA ASP B 21 10.76 7.78 16.70
C ASP B 21 9.77 8.87 17.11
N LEU B 22 10.12 10.12 16.85
CA LEU B 22 9.24 11.24 17.19
C LEU B 22 7.94 11.31 16.37
N PHE B 23 8.02 10.99 15.08
CA PHE B 23 6.84 11.00 14.20
C PHE B 23 5.92 9.80 14.48
N ASN B 24 6.51 8.60 14.57
CA ASN B 24 5.73 7.37 14.78
C ASN B 24 5.24 7.13 16.20
N ARG B 25 5.51 8.07 17.11
CA ARG B 25 5.11 7.86 18.49
C ARG B 25 3.58 7.79 18.56
N SER B 26 3.08 6.82 19.34
CA SER B 26 1.63 6.64 19.49
C SER B 26 1.02 7.85 20.25
N PRO B 27 -0.32 7.98 20.28
CA PRO B 27 -1.26 9.03 19.97
C PRO B 27 -0.94 10.17 18.99
N MET B 28 -0.09 9.95 17.98
CA MET B 28 0.38 11.09 17.16
C MET B 28 -0.55 12.32 17.32
N TYR B 29 -0.16 13.15 18.29
CA TYR B 29 -0.78 14.42 18.74
C TYR B 29 -1.99 15.02 17.99
N PRO B 30 -3.15 15.15 18.67
CA PRO B 30 -4.37 15.61 18.02
C PRO B 30 -4.74 17.08 18.23
N GLY B 31 -3.77 17.95 18.45
CA GLY B 31 -4.06 19.35 18.79
C GLY B 31 -4.29 19.57 20.29
N PRO B 32 -4.16 20.82 20.77
CA PRO B 32 -4.51 21.15 22.14
C PRO B 32 -6.00 20.95 22.46
N THR B 33 -6.26 20.58 23.71
CA THR B 33 -7.61 20.37 24.22
C THR B 33 -7.68 21.01 25.61
N LYS B 34 -8.87 21.02 26.21
CA LYS B 34 -9.05 21.51 27.58
C LYS B 34 -8.19 20.81 28.61
N ASP B 35 -8.13 19.48 28.55
CA ASP B 35 -7.29 18.67 29.44
C ASP B 35 -5.80 18.72 29.11
N ASP B 36 -5.47 19.30 27.97
CA ASP B 36 -4.11 19.31 27.46
C ASP B 36 -3.79 20.65 26.77
N PRO B 37 -3.94 21.77 27.51
CA PRO B 37 -3.82 23.08 26.89
C PRO B 37 -2.40 23.43 26.50
N LEU B 38 -2.26 24.57 25.83
CA LEU B 38 -1.01 24.95 25.19
C LEU B 38 -0.82 26.46 25.26
N THR B 39 0.43 26.90 25.42
CA THR B 39 0.73 28.32 25.35
C THR B 39 1.56 28.60 24.12
N VAL B 40 1.07 29.51 23.27
CA VAL B 40 1.82 29.99 22.14
C VAL B 40 2.34 31.38 22.46
N THR B 41 3.65 31.58 22.26
CA THR B 41 4.26 32.88 22.44
C THR B 41 4.40 33.55 21.09
N LEU B 42 3.90 34.78 21.00
CA LEU B 42 3.99 35.58 19.77
C LEU B 42 4.94 36.76 19.92
N GLY B 43 5.70 37.01 18.87
CA GLY B 43 6.48 38.25 18.76
C GLY B 43 6.47 38.71 17.31
N PHE B 44 6.59 40.01 17.11
CA PHE B 44 6.71 40.53 15.76
C PHE B 44 8.02 41.27 15.57
N THR B 45 8.74 40.89 14.51
CA THR B 45 9.78 41.74 13.97
C THR B 45 9.23 42.45 12.72
N LEU B 46 8.99 43.76 12.85
CA LEU B 46 8.40 44.56 11.78
C LEU B 46 9.48 45.08 10.83
N GLN B 47 9.33 44.72 9.55
CA GLN B 47 10.36 45.03 8.55
C GLN B 47 10.04 46.26 7.72
N ASP B 48 8.82 46.32 7.21
CA ASP B 48 8.47 47.41 6.30
C ASP B 48 6.98 47.69 6.31
N ILE B 49 6.63 48.96 6.27
CA ILE B 49 5.31 49.36 5.82
C ILE B 49 5.49 49.68 4.34
N VAL B 50 5.02 48.77 3.49
CA VAL B 50 5.24 48.91 2.06
C VAL B 50 4.30 49.95 1.44
N LYS B 51 3.02 49.85 1.78
CA LYS B 51 1.97 50.55 1.07
C LYS B 51 0.88 50.97 2.03
N ALA B 52 0.42 52.22 1.89
CA ALA B 52 -0.76 52.68 2.59
C ALA B 52 -1.76 53.16 1.56
N ASP B 53 -2.75 52.34 1.23
CA ASP B 53 -3.74 52.70 0.23
C ASP B 53 -4.88 53.48 0.86
N SER B 54 -4.91 54.78 0.62
CA SER B 54 -5.89 55.65 1.25
C SER B 54 -7.24 55.65 0.55
N SER B 55 -7.29 55.10 -0.65
CA SER B 55 -8.55 55.00 -1.40
C SER B 55 -9.34 53.74 -1.05
N THR B 56 -8.71 52.83 -0.29
CA THR B 56 -9.39 51.60 0.19
C THR B 56 -9.18 51.34 1.69
N ASN B 57 -8.41 52.22 2.35
CA ASN B 57 -8.01 52.01 3.74
C ASN B 57 -7.47 50.61 4.01
N GLU B 58 -6.46 50.23 3.24
CA GLU B 58 -5.71 48.99 3.40
C GLU B 58 -4.26 49.35 3.60
N VAL B 59 -3.61 48.70 4.54
CA VAL B 59 -2.16 48.91 4.74
C VAL B 59 -1.39 47.59 4.64
N ASP B 60 -0.21 47.66 4.00
CA ASP B 60 0.61 46.48 3.71
C ASP B 60 1.86 46.44 4.58
N LEU B 61 1.95 45.42 5.43
CA LEU B 61 3.11 45.20 6.31
C LEU B 61 3.89 43.99 5.89
N VAL B 62 5.21 44.05 6.09
CA VAL B 62 6.06 42.87 6.00
C VAL B 62 6.74 42.69 7.36
N TYR B 63 6.55 41.50 7.94
CA TYR B 63 7.05 41.22 9.29
C TYR B 63 7.48 39.77 9.42
N TYR B 64 8.26 39.48 10.46
CA TYR B 64 8.53 38.11 10.85
C TYR B 64 7.60 37.84 12.00
N GLU B 65 6.84 36.77 11.91
CA GLU B 65 5.94 36.44 12.97
C GLU B 65 6.55 35.27 13.67
N GLN B 66 7.03 35.51 14.87
CA GLN B 66 7.73 34.49 15.59
C GLN B 66 6.82 33.75 16.59
N GLN B 67 6.74 32.44 16.40
CA GLN B 67 5.83 31.57 17.16
C GLN B 67 6.61 30.55 17.98
N ARG B 68 6.15 30.31 19.20
CA ARG B 68 6.78 29.35 20.08
C ARG B 68 5.78 28.58 20.88
N TRP B 69 6.02 27.28 21.02
CA TRP B 69 5.21 26.42 21.88
C TRP B 69 6.00 25.19 22.28
N LYS B 70 5.48 24.42 23.23
CA LYS B 70 6.19 23.27 23.79
C LYS B 70 5.26 22.07 23.89
N LEU B 71 5.66 20.95 23.31
CA LEU B 71 4.86 19.72 23.37
C LEU B 71 5.64 18.62 24.05
N ASN B 72 5.00 17.95 25.01
CA ASN B 72 5.60 16.78 25.65
C ASN B 72 6.00 15.73 24.64
N SER B 73 5.18 15.60 23.58
CA SER B 73 5.35 14.59 22.56
C SER B 73 6.50 14.89 21.61
N LEU B 74 7.18 16.01 21.81
CA LEU B 74 8.38 16.33 21.03
C LEU B 74 9.65 16.34 21.89
N MET B 75 9.50 15.94 23.16
CA MET B 75 10.62 15.77 24.07
C MET B 75 11.47 14.57 23.71
N TRP B 76 12.76 14.67 23.99
CA TRP B 76 13.65 13.50 23.94
C TRP B 76 14.87 13.70 24.81
N ASP B 77 15.53 12.61 25.15
CA ASP B 77 16.78 12.69 25.89
C ASP B 77 17.95 12.62 24.92
N PRO B 78 18.69 13.73 24.77
CA PRO B 78 19.82 13.79 23.85
C PRO B 78 20.76 12.63 24.03
N ASN B 79 20.84 12.11 25.25
CA ASN B 79 21.72 10.99 25.56
C ASN B 79 21.35 9.72 24.83
N GLU B 80 20.07 9.55 24.52
CA GLU B 80 19.60 8.37 23.80
C GLU B 80 19.70 8.56 22.30
N TYR B 81 19.97 9.80 21.87
CA TYR B 81 19.98 10.09 20.44
C TYR B 81 21.28 10.78 20.00
N GLY B 82 22.41 10.20 20.38
CA GLY B 82 23.72 10.69 19.97
C GLY B 82 23.97 12.16 20.21
N ASN B 83 23.58 12.63 21.41
CA ASN B 83 23.74 14.01 21.87
C ASN B 83 23.07 15.08 20.99
N ILE B 84 22.15 14.67 20.12
CA ILE B 84 21.40 15.61 19.28
C ILE B 84 20.50 16.43 20.18
N THR B 85 20.54 17.75 20.04
CA THR B 85 19.79 18.63 20.93
C THR B 85 18.64 19.38 20.24
N ASP B 86 18.66 19.38 18.90
CA ASP B 86 17.67 20.12 18.10
C ASP B 86 17.73 19.70 16.65
N PHE B 87 16.60 19.76 15.95
CA PHE B 87 16.59 19.49 14.51
C PHE B 87 15.67 20.43 13.74
N ARG B 88 15.95 20.60 12.45
CA ARG B 88 15.07 21.34 11.56
C ARG B 88 14.12 20.37 10.87
N THR B 89 12.85 20.73 10.78
CA THR B 89 11.92 19.93 10.03
C THR B 89 10.92 20.82 9.30
N SER B 90 10.32 20.31 8.23
CA SER B 90 9.29 21.07 7.52
C SER B 90 8.11 21.31 8.45
N ALA B 91 7.56 22.52 8.40
CA ALA B 91 6.42 22.87 9.26
C ALA B 91 5.18 22.04 8.94
N ALA B 92 5.13 21.44 7.75
CA ALA B 92 4.02 20.57 7.41
C ALA B 92 4.16 19.20 8.08
N ASP B 93 5.32 18.91 8.65
CA ASP B 93 5.56 17.63 9.29
C ASP B 93 5.03 17.61 10.70
N ILE B 94 4.65 18.77 11.22
CA ILE B 94 4.25 18.90 12.62
C ILE B 94 3.00 19.77 12.76
N TRP B 95 2.29 19.61 13.87
CA TRP B 95 1.18 20.48 14.19
C TRP B 95 1.74 21.87 14.39
N THR B 96 1.04 22.88 13.88
CA THR B 96 1.39 24.29 14.11
C THR B 96 0.11 25.07 14.49
N PRO B 97 0.25 26.16 15.25
CA PRO B 97 -0.97 26.82 15.69
C PRO B 97 -1.61 27.61 14.56
N ASP B 98 -2.92 27.77 14.63
CA ASP B 98 -3.69 28.42 13.58
C ASP B 98 -3.83 29.93 13.81
N ILE B 99 -2.71 30.59 14.06
CA ILE B 99 -2.69 32.03 14.43
C ILE B 99 -2.98 32.88 13.20
N THR B 100 -4.07 33.64 13.25
CA THR B 100 -4.48 34.44 12.11
C THR B 100 -4.68 35.89 12.48
N ALA B 101 -4.46 36.77 11.50
CA ALA B 101 -4.85 38.18 11.63
C ALA B 101 -6.35 38.29 11.47
N TYR B 102 -7.01 38.99 12.39
CA TYR B 102 -8.47 39.02 12.39
C TYR B 102 -9.07 39.97 11.38
N SER B 103 -8.28 40.95 10.92
CA SER B 103 -8.78 41.97 10.02
C SER B 103 -7.97 42.13 8.74
N SER B 104 -7.53 41.03 8.14
CA SER B 104 -6.81 41.08 6.86
C SER B 104 -7.78 41.31 5.71
N THR B 105 -7.28 41.84 4.59
CA THR B 105 -8.12 42.10 3.43
C THR B 105 -7.71 41.26 2.23
N ARG B 106 -6.58 40.57 2.37
CA ARG B 106 -6.09 39.67 1.33
C ARG B 106 -5.50 38.46 2.04
N PRO B 107 -5.49 37.28 1.37
CA PRO B 107 -4.83 36.16 2.04
C PRO B 107 -3.39 36.52 2.32
N VAL B 108 -2.92 36.26 3.53
CA VAL B 108 -1.52 36.52 3.90
C VAL B 108 -0.58 35.83 2.91
N GLN B 109 0.54 36.47 2.61
CA GLN B 109 1.53 35.88 1.72
C GLN B 109 2.77 35.48 2.47
N VAL B 110 3.19 34.23 2.31
CA VAL B 110 4.36 33.70 3.00
C VAL B 110 5.64 33.98 2.19
N LEU B 111 6.60 34.65 2.82
CA LEU B 111 7.80 35.10 2.12
C LEU B 111 9.01 34.21 2.31
N SER B 112 8.95 33.36 3.33
CA SER B 112 10.07 32.51 3.73
C SER B 112 9.70 31.04 3.62
N PRO B 113 10.70 30.15 3.69
CA PRO B 113 10.35 28.75 3.84
C PRO B 113 9.53 28.45 5.11
N GLN B 114 8.77 27.36 5.05
CA GLN B 114 7.95 26.86 6.15
C GLN B 114 8.73 25.78 6.88
N ILE B 115 9.70 26.21 7.67
CA ILE B 115 10.55 25.28 8.38
C ILE B 115 10.57 25.65 9.85
N ALA B 116 10.39 24.66 10.71
CA ALA B 116 10.43 24.87 12.15
C ALA B 116 11.67 24.23 12.75
N VAL B 117 12.06 24.72 13.93
CA VAL B 117 13.18 24.21 14.67
C VAL B 117 12.69 23.58 15.97
N VAL B 118 12.99 22.29 16.16
CA VAL B 118 12.54 21.57 17.35
C VAL B 118 13.71 21.31 18.29
N THR B 119 13.48 21.55 19.58
CA THR B 119 14.51 21.35 20.61
C THR B 119 14.11 20.23 21.56
N HIS B 120 15.10 19.61 22.19
CA HIS B 120 14.91 18.39 22.98
C HIS B 120 13.91 18.47 24.14
N ASP B 121 13.71 19.67 24.67
CA ASP B 121 12.69 19.89 25.71
C ASP B 121 11.28 19.93 25.14
N GLY B 122 11.16 19.81 23.82
CA GLY B 122 9.88 19.69 23.16
C GLY B 122 9.38 21.01 22.65
N SER B 123 10.22 22.03 22.73
CA SER B 123 9.80 23.35 22.25
C SER B 123 10.06 23.52 20.76
N VAL B 124 9.09 24.09 20.08
CA VAL B 124 9.17 24.33 18.65
C VAL B 124 9.29 25.82 18.42
N MET B 125 10.10 26.19 17.43
CA MET B 125 10.17 27.58 17.03
C MET B 125 9.97 27.75 15.55
N PHE B 126 8.99 28.57 15.19
CA PHE B 126 8.56 28.75 13.82
C PHE B 126 8.48 30.27 13.57
N ILE B 127 9.27 30.75 12.62
CA ILE B 127 9.32 32.20 12.34
C ILE B 127 9.15 32.52 10.85
N PRO B 128 7.92 32.43 10.32
CA PRO B 128 7.68 32.78 8.93
C PRO B 128 7.64 34.29 8.67
N ALA B 129 8.22 34.70 7.55
CA ALA B 129 8.08 36.06 7.04
C ALA B 129 6.80 36.18 6.23
N GLN B 130 6.06 37.25 6.45
CA GLN B 130 4.80 37.43 5.75
C GLN B 130 4.58 38.86 5.24
N ARG B 131 3.81 39.00 4.16
CA ARG B 131 3.25 40.29 3.77
C ARG B 131 1.77 40.21 4.07
N LEU B 132 1.25 41.16 4.85
CA LEU B 132 -0.15 41.19 5.24
C LEU B 132 -0.81 42.48 4.81
N SER B 133 -1.97 42.38 4.16
CA SER B 133 -2.81 43.55 3.90
C SER B 133 -3.94 43.52 4.89
N PHE B 134 -4.12 44.61 5.62
CA PHE B 134 -5.17 44.67 6.61
C PHE B 134 -5.87 46.02 6.64
N MET B 135 -7.05 46.04 7.26
CA MET B 135 -7.86 47.24 7.35
C MET B 135 -7.18 48.25 8.24
N CYS B 136 -6.90 49.41 7.67
CA CYS B 136 -6.21 50.50 8.34
C CYS B 136 -6.42 51.78 7.57
N ASP B 137 -6.96 52.80 8.24
CA ASP B 137 -7.18 54.12 7.64
C ASP B 137 -5.93 54.99 7.83
N PRO B 138 -5.24 55.34 6.74
CA PRO B 138 -3.97 56.04 6.90
C PRO B 138 -4.07 57.56 7.01
N THR B 139 -5.25 58.09 7.34
CA THR B 139 -5.44 59.55 7.45
C THR B 139 -4.46 60.16 8.46
N GLY B 140 -3.78 61.21 8.04
CA GLY B 140 -2.85 61.92 8.92
C GLY B 140 -1.44 61.37 8.91
N VAL B 141 -1.20 60.37 8.07
CA VAL B 141 0.15 59.82 7.86
C VAL B 141 1.04 60.88 7.21
N ASP B 142 0.39 61.80 6.50
CA ASP B 142 1.01 62.94 5.84
C ASP B 142 1.29 64.07 6.82
N SER B 143 0.92 63.87 8.09
CA SER B 143 1.11 64.87 9.14
C SER B 143 2.22 64.45 10.12
N GLU B 144 2.43 65.27 11.15
CA GLU B 144 3.50 65.03 12.13
C GLU B 144 3.18 63.92 13.15
N GLU B 145 1.95 63.90 13.67
CA GLU B 145 1.52 62.87 14.63
C GLU B 145 1.26 61.53 13.94
N GLY B 146 1.12 61.56 12.63
CA GLY B 146 1.00 60.34 11.85
C GLY B 146 -0.34 59.67 12.01
N ALA B 147 -0.43 58.44 11.52
CA ALA B 147 -1.63 57.63 11.59
C ALA B 147 -1.39 56.45 12.53
N THR B 148 -2.47 55.92 13.09
CA THR B 148 -2.36 54.78 13.98
C THR B 148 -3.24 53.65 13.49
N CYS B 149 -2.69 52.44 13.45
CA CYS B 149 -3.46 51.27 13.03
C CYS B 149 -3.23 50.08 13.93
N ALA B 150 -4.20 49.18 13.95
CA ALA B 150 -4.18 48.01 14.82
C ALA B 150 -4.69 46.81 14.07
N VAL B 151 -4.14 45.64 14.40
CA VAL B 151 -4.64 44.38 13.89
C VAL B 151 -4.50 43.35 15.01
N LYS B 152 -5.52 42.54 15.20
CA LYS B 152 -5.45 41.48 16.20
C LYS B 152 -5.00 40.16 15.58
N PHE B 153 -4.12 39.45 16.29
CA PHE B 153 -3.72 38.11 15.90
C PHE B 153 -4.21 37.14 16.96
N GLY B 154 -4.76 36.01 16.56
CA GLY B 154 -5.14 34.99 17.53
C GLY B 154 -5.52 33.69 16.88
N SER B 155 -5.81 32.67 17.68
CA SER B 155 -6.23 31.38 17.13
C SER B 155 -7.53 31.60 16.40
N TRP B 156 -7.78 30.81 15.35
CA TRP B 156 -9.03 30.93 14.64
C TRP B 156 -10.17 30.11 15.28
N VAL B 157 -9.87 28.93 15.80
CA VAL B 157 -10.90 28.03 16.32
C VAL B 157 -10.74 27.59 17.76
N TYR B 158 -9.60 27.93 18.38
CA TYR B 158 -9.31 27.52 19.75
C TYR B 158 -9.53 28.65 20.73
N SER B 159 -10.22 28.36 21.82
CA SER B 159 -10.41 29.34 22.89
C SER B 159 -9.19 29.44 23.81
N GLY B 160 -9.29 30.29 24.82
CA GLY B 160 -8.23 30.49 25.82
C GLY B 160 -8.00 29.26 26.65
N PHE B 161 -9.02 28.42 26.75
CA PHE B 161 -8.93 27.14 27.45
C PHE B 161 -8.12 26.06 26.74
N GLU B 162 -7.88 26.25 25.44
CA GLU B 162 -7.08 25.31 24.66
C GLU B 162 -5.73 25.92 24.30
N ILE B 163 -5.76 27.09 23.67
CA ILE B 163 -4.54 27.83 23.35
C ILE B 163 -4.55 29.17 24.08
N ASP B 164 -3.52 29.38 24.88
CA ASP B 164 -3.27 30.66 25.51
C ASP B 164 -2.16 31.35 24.77
N LEU B 165 -2.29 32.66 24.59
CA LEU B 165 -1.24 33.44 23.96
C LEU B 165 -0.46 34.24 25.00
N LYS B 166 0.81 34.49 24.70
CA LYS B 166 1.59 35.42 25.49
C LYS B 166 2.67 36.07 24.65
N THR B 167 3.20 37.19 25.13
CA THR B 167 4.31 37.84 24.46
C THR B 167 5.48 37.85 25.43
N ASP B 168 6.70 37.93 24.91
CA ASP B 168 7.86 38.11 25.77
C ASP B 168 8.01 39.57 26.16
N THR B 169 7.51 40.46 25.30
CA THR B 169 7.60 41.89 25.48
C THR B 169 6.49 42.62 24.74
N ASP B 170 6.20 43.85 25.17
CA ASP B 170 5.21 44.72 24.53
C ASP B 170 5.78 45.40 23.31
N GLN B 171 7.11 45.40 23.20
CA GLN B 171 7.81 46.09 22.12
C GLN B 171 7.95 45.24 20.89
N VAL B 172 7.25 45.64 19.82
CA VAL B 172 7.50 45.08 18.52
C VAL B 172 8.95 45.37 18.15
N ASP B 173 9.66 44.34 17.71
CA ASP B 173 11.07 44.46 17.39
C ASP B 173 11.32 45.29 16.12
N LEU B 174 11.84 46.49 16.31
CA LEU B 174 12.04 47.42 15.21
C LEU B 174 13.50 47.50 14.71
N SER B 175 14.34 46.60 15.20
CA SER B 175 15.78 46.63 14.87
C SER B 175 16.06 46.20 13.43
N SER B 176 15.06 45.64 12.77
CA SER B 176 15.21 45.26 11.38
C SER B 176 14.36 46.10 10.44
N TYR B 177 13.73 47.15 10.96
CA TYR B 177 12.87 47.99 10.13
C TYR B 177 13.69 48.63 9.03
N TYR B 178 13.21 48.51 7.79
CA TYR B 178 13.88 49.06 6.61
C TYR B 178 14.17 50.54 6.78
N ALA B 179 15.46 50.83 6.86
CA ALA B 179 15.97 52.17 7.12
C ALA B 179 15.40 53.20 6.16
N SER B 180 15.20 52.81 4.90
CA SER B 180 14.75 53.73 3.85
C SER B 180 13.31 53.48 3.38
N SER B 181 12.45 53.03 4.29
CA SER B 181 11.05 52.83 3.96
C SER B 181 10.35 54.15 3.66
N LYS B 182 9.25 54.08 2.92
CA LYS B 182 8.42 55.25 2.66
C LYS B 182 7.78 55.78 3.94
N TYR B 183 7.65 54.90 4.92
CA TYR B 183 7.05 55.26 6.19
C TYR B 183 7.99 54.91 7.34
N GLU B 184 8.09 55.80 8.32
CA GLU B 184 8.86 55.51 9.53
C GLU B 184 7.92 55.17 10.70
N ILE B 185 8.43 54.36 11.62
CA ILE B 185 7.65 53.92 12.78
C ILE B 185 7.82 54.85 13.97
N LEU B 186 6.70 55.37 14.46
CA LEU B 186 6.73 56.22 15.63
C LEU B 186 6.65 55.39 16.91
N SER B 187 5.84 54.33 16.85
CA SER B 187 5.80 53.27 17.88
C SER B 187 5.13 52.03 17.32
N ALA B 188 5.50 50.88 17.87
CA ALA B 188 4.88 49.60 17.51
C ALA B 188 4.80 48.71 18.74
N THR B 189 3.59 48.34 19.13
CA THR B 189 3.39 47.53 20.33
C THR B 189 2.65 46.25 19.99
N GLN B 190 2.84 45.24 20.84
CA GLN B 190 2.11 43.98 20.75
C GLN B 190 1.60 43.68 22.13
N THR B 191 0.29 43.62 22.28
CA THR B 191 -0.31 43.55 23.61
C THR B 191 -1.29 42.39 23.70
N ARG B 192 -1.18 41.62 24.78
CA ARG B 192 -2.05 40.47 24.97
C ARG B 192 -3.38 40.98 25.45
N GLN B 193 -4.45 40.41 24.90
CA GLN B 193 -5.80 40.78 25.30
C GLN B 193 -6.63 39.56 25.63
N VAL B 194 -7.47 39.68 26.65
CA VAL B 194 -8.45 38.65 26.98
C VAL B 194 -9.83 39.27 26.81
N GLN B 195 -10.63 38.76 25.87
CA GLN B 195 -12.01 39.25 25.69
C GLN B 195 -12.99 38.28 26.36
N HIS B 196 -14.27 38.68 26.41
CA HIS B 196 -15.35 37.84 26.95
C HIS B 196 -16.64 38.08 26.15
N TYR B 197 -17.57 37.15 26.20
CA TYR B 197 -18.87 37.33 25.56
C TYR B 197 -19.89 36.60 26.41
N SER B 198 -20.93 37.30 26.89
CA SER B 198 -21.89 36.68 27.86
C SER B 198 -22.84 35.64 27.22
N CYS B 199 -22.61 35.35 25.93
CA CYS B 199 -23.16 34.19 25.25
C CYS B 199 -22.54 32.87 25.71
N CYS B 200 -21.40 32.95 26.40
CA CYS B 200 -20.41 31.87 26.43
C CYS B 200 -19.42 32.04 27.59
N PRO B 201 -18.97 30.94 28.21
CA PRO B 201 -17.99 31.13 29.29
C PRO B 201 -16.58 31.44 28.81
N GLU B 202 -16.22 30.93 27.64
CA GLU B 202 -14.81 30.84 27.20
C GLU B 202 -14.06 32.17 27.17
N PRO B 203 -12.81 32.17 27.65
CA PRO B 203 -11.99 33.34 27.45
C PRO B 203 -11.51 33.28 26.01
N TYR B 204 -11.44 34.43 25.34
CA TYR B 204 -10.90 34.47 24.01
C TYR B 204 -9.70 35.37 24.01
N ILE B 205 -8.58 34.83 23.55
CA ILE B 205 -7.29 35.52 23.61
C ILE B 205 -6.79 36.00 22.25
N ASP B 206 -6.15 37.17 22.24
CA ASP B 206 -5.47 37.71 21.06
C ASP B 206 -4.26 38.58 21.42
N VAL B 207 -3.37 38.77 20.44
CA VAL B 207 -2.31 39.76 20.53
C VAL B 207 -2.65 40.90 19.58
N ASN B 208 -2.65 42.10 20.13
CA ASN B 208 -3.04 43.30 19.42
C ASN B 208 -1.81 44.04 18.98
N LEU B 209 -1.56 44.05 17.68
CA LEU B 209 -0.43 44.74 17.09
C LEU B 209 -0.85 46.16 16.73
N VAL B 210 -0.21 47.15 17.34
CA VAL B 210 -0.59 48.55 17.14
C VAL B 210 0.60 49.35 16.62
N VAL B 211 0.47 49.93 15.43
CA VAL B 211 1.54 50.71 14.83
C VAL B 211 1.16 52.17 14.62
N LYS B 212 2.04 53.07 15.04
CA LYS B 212 1.93 54.47 14.69
C LYS B 212 3.01 54.79 13.68
N PHE B 213 2.60 55.33 12.54
CA PHE B 213 3.54 55.62 11.48
C PHE B 213 3.22 56.89 10.71
N ARG B 214 4.22 57.41 10.01
CA ARG B 214 4.04 58.61 9.18
C ARG B 214 5.00 58.57 8.00
N GLU B 215 4.75 59.43 7.01
CA GLU B 215 5.60 59.52 5.83
C GLU B 215 6.99 60.02 6.20
N ARG B 216 7.99 59.50 5.48
CA ARG B 216 9.42 59.73 5.77
C ARG B 216 9.79 61.21 5.86
N ASP C 1 18.63 -0.83 -35.68
CA ASP C 1 17.82 -2.08 -35.64
C ASP C 1 17.53 -2.52 -34.22
N TYR C 2 17.39 -3.83 -34.03
CA TYR C 2 17.14 -4.41 -32.72
C TYR C 2 18.30 -4.20 -31.74
N LYS C 3 19.53 -4.29 -32.24
CA LYS C 3 20.73 -4.09 -31.39
C LYS C 3 20.77 -2.71 -30.76
N ASP C 4 20.58 -1.68 -31.58
CA ASP C 4 20.56 -0.31 -31.04
C ASP C 4 19.26 0.08 -30.32
N ASP C 5 18.22 -0.74 -30.49
CA ASP C 5 17.01 -0.64 -29.67
C ASP C 5 17.31 -1.18 -28.27
N ASP C 6 17.95 -2.35 -28.24
CA ASP C 6 18.41 -2.99 -27.03
C ASP C 6 19.49 -2.17 -26.35
N ASP C 7 20.27 -1.46 -27.16
CA ASP C 7 21.34 -0.59 -26.64
C ASP C 7 20.81 0.67 -25.95
N LYS C 8 19.71 1.21 -26.45
CA LYS C 8 19.08 2.34 -25.78
C LYS C 8 18.39 1.89 -24.49
N LEU C 9 17.75 0.71 -24.54
CA LEU C 9 17.11 0.08 -23.39
C LEU C 9 18.09 -0.19 -22.27
N HIS C 10 19.26 -0.70 -22.63
CA HIS C 10 20.38 -0.92 -21.72
C HIS C 10 20.76 0.36 -20.98
N SER C 11 20.96 1.45 -21.71
CA SER C 11 21.36 2.72 -21.09
C SER C 11 20.25 3.28 -20.20
N GLN C 12 19.00 3.00 -20.54
CA GLN C 12 17.87 3.45 -19.75
C GLN C 12 17.85 2.71 -18.44
N ALA C 13 18.00 1.39 -18.52
CA ALA C 13 18.05 0.51 -17.35
C ALA C 13 19.15 0.92 -16.36
N ASN C 14 20.34 1.24 -16.88
CA ASN C 14 21.45 1.72 -16.06
C ASN C 14 21.08 2.95 -15.27
N LEU C 15 20.46 3.92 -15.93
CA LEU C 15 20.05 5.13 -15.24
C LEU C 15 18.97 4.84 -14.19
N MET C 16 18.01 4.01 -14.57
CA MET C 16 16.96 3.59 -13.66
C MET C 16 17.57 2.97 -12.39
N ARG C 17 18.52 2.08 -12.60
CA ARG C 17 19.25 1.42 -11.53
C ARG C 17 19.92 2.45 -10.63
N LEU C 18 20.65 3.37 -11.24
CA LEU C 18 21.36 4.39 -10.48
C LEU C 18 20.41 5.22 -9.65
N LYS C 19 19.36 5.72 -10.27
CA LYS C 19 18.40 6.56 -9.58
C LYS C 19 17.69 5.79 -8.45
N SER C 20 17.26 4.56 -8.72
CA SER C 20 16.63 3.71 -7.70
C SER C 20 17.59 3.43 -6.51
N ASP C 21 18.86 3.13 -6.83
CA ASP C 21 19.86 2.92 -5.79
C ASP C 21 20.09 4.18 -4.98
N LEU C 22 20.19 5.31 -5.67
CA LEU C 22 20.46 6.59 -5.01
C LEU C 22 19.33 7.04 -4.09
N PHE C 23 18.09 6.84 -4.53
CA PHE C 23 16.92 7.28 -3.77
C PHE C 23 16.63 6.34 -2.59
N ASN C 24 16.67 5.03 -2.84
CA ASN C 24 16.44 4.03 -1.79
C ASN C 24 17.57 3.78 -0.80
N ARG C 25 18.67 4.52 -0.91
CA ARG C 25 19.82 4.29 -0.04
C ARG C 25 19.41 4.62 1.38
N SER C 26 19.80 3.74 2.33
CA SER C 26 19.48 3.92 3.75
C SER C 26 20.24 5.17 4.31
N PRO C 27 19.89 5.63 5.51
CA PRO C 27 19.51 6.92 6.05
C PRO C 27 18.90 8.02 5.18
N MET C 28 18.16 7.70 4.11
CA MET C 28 17.75 8.77 3.16
C MET C 28 17.85 10.18 3.82
N TYR C 29 19.02 10.78 3.59
CA TYR C 29 19.50 12.11 4.04
C TYR C 29 18.55 13.05 4.79
N PRO C 30 18.87 13.39 6.06
CA PRO C 30 18.00 14.25 6.87
C PRO C 30 18.35 15.75 6.95
N GLY C 31 19.01 16.30 5.96
CA GLY C 31 19.49 17.68 6.06
C GLY C 31 20.87 17.80 6.73
N PRO C 32 21.58 18.91 6.48
CA PRO C 32 22.83 19.16 7.19
C PRO C 32 22.64 19.33 8.69
N THR C 33 23.65 18.92 9.44
CA THR C 33 23.70 19.05 10.90
C THR C 33 25.09 19.52 11.28
N LYS C 34 25.30 19.76 12.58
CA LYS C 34 26.63 20.12 13.09
C LYS C 34 27.72 19.10 12.79
N ASP C 35 27.43 17.81 13.00
CA ASP C 35 28.39 16.74 12.73
C ASP C 35 28.53 16.43 11.24
N ASP C 36 27.66 17.02 10.42
CA ASP C 36 27.60 16.71 9.00
C ASP C 36 27.30 17.99 8.19
N PRO C 37 28.14 19.03 8.34
CA PRO C 37 27.85 20.32 7.73
C PRO C 37 27.98 20.32 6.23
N LEU C 38 27.59 21.44 5.62
CA LEU C 38 27.46 21.53 4.17
C LEU C 38 27.85 22.92 3.69
N THR C 39 28.45 23.00 2.50
CA THR C 39 28.76 24.30 1.93
C THR C 39 27.92 24.50 0.68
N VAL C 40 27.17 25.59 0.65
CA VAL C 40 26.41 25.96 -0.52
C VAL C 40 27.13 27.11 -1.20
N THR C 41 27.36 26.97 -2.51
CA THR C 41 27.94 28.05 -3.27
C THR C 41 26.85 28.82 -4.01
N LEU C 42 26.83 30.14 -3.82
CA LEU C 42 25.88 31.02 -4.50
C LEU C 42 26.51 31.89 -5.57
N GLY C 43 25.79 32.04 -6.66
CA GLY C 43 26.17 33.01 -7.69
C GLY C 43 24.91 33.63 -8.26
N PHE C 44 25.01 34.86 -8.73
CA PHE C 44 23.88 35.47 -9.41
C PHE C 44 24.24 35.88 -10.83
N THR C 45 23.38 35.44 -11.75
CA THR C 45 23.36 36.04 -13.08
C THR C 45 22.16 36.99 -13.16
N LEU C 46 22.44 38.29 -13.19
CA LEU C 46 21.42 39.32 -13.16
C LEU C 46 20.97 39.63 -14.58
N GLN C 47 19.67 39.47 -14.82
CA GLN C 47 19.08 39.60 -16.15
C GLN C 47 18.45 40.95 -16.38
N ASP C 48 17.60 41.41 -15.45
CA ASP C 48 16.86 42.63 -15.67
C ASP C 48 16.47 43.29 -14.38
N ILE C 49 16.57 44.62 -14.33
CA ILE C 49 15.83 45.38 -13.35
C ILE C 49 14.55 45.79 -14.07
N VAL C 50 13.44 45.16 -13.72
CA VAL C 50 12.21 45.36 -14.46
C VAL C 50 11.53 46.66 -14.04
N LYS C 51 11.46 46.87 -12.72
CA LYS C 51 10.60 47.90 -12.15
C LYS C 51 11.26 48.50 -10.92
N ALA C 52 11.21 49.83 -10.82
CA ALA C 52 11.59 50.52 -9.60
C ALA C 52 10.42 51.36 -9.12
N ASP C 53 9.67 50.86 -8.15
CA ASP C 53 8.50 51.57 -7.66
C ASP C 53 8.90 52.53 -6.57
N SER C 54 8.90 53.82 -6.90
CA SER C 54 9.36 54.84 -5.97
C SER C 54 8.29 55.29 -4.99
N SER C 55 7.05 54.88 -5.23
CA SER C 55 5.96 55.20 -4.30
C SER C 55 5.79 54.15 -3.19
N THR C 56 6.52 53.03 -3.32
CA THR C 56 6.55 52.00 -2.27
C THR C 56 7.96 51.52 -1.92
N ASN C 57 8.97 52.09 -2.58
CA ASN C 57 10.36 51.64 -2.43
C ASN C 57 10.51 50.12 -2.54
N GLU C 58 9.99 49.58 -3.63
CA GLU C 58 10.15 48.18 -4.00
C GLU C 58 10.86 48.14 -5.34
N VAL C 59 11.82 47.24 -5.49
CA VAL C 59 12.48 47.06 -6.78
C VAL C 59 12.37 45.61 -7.25
N ASP C 60 12.14 45.42 -8.56
CA ASP C 60 11.90 44.10 -9.14
C ASP C 60 13.07 43.62 -9.98
N LEU C 61 13.72 42.53 -9.54
CA LEU C 61 14.83 41.91 -10.27
C LEU C 61 14.45 40.58 -10.89
N VAL C 62 15.06 40.28 -12.02
CA VAL C 62 15.00 38.94 -12.61
C VAL C 62 16.44 38.45 -12.72
N TYR C 63 16.74 37.32 -12.08
CA TYR C 63 18.09 36.76 -12.03
C TYR C 63 18.05 35.24 -12.06
N TYR C 64 19.19 34.64 -12.37
CA TYR C 64 19.39 33.22 -12.20
C TYR C 64 20.16 33.09 -10.92
N GLU C 65 19.64 32.29 -10.01
CA GLU C 65 20.31 32.07 -8.75
C GLU C 65 20.90 30.70 -8.82
N GLN C 66 22.21 30.66 -8.91
CA GLN C 66 22.88 29.39 -9.10
C GLN C 66 23.41 28.84 -7.79
N GLN C 67 22.96 27.61 -7.49
CA GLN C 67 23.24 26.95 -6.21
C GLN C 67 24.04 25.68 -6.42
N ARG C 68 25.00 25.43 -5.53
CA ARG C 68 25.84 24.25 -5.64
C ARG C 68 26.15 23.69 -4.28
N TRP C 69 26.10 22.37 -4.18
CA TRP C 69 26.49 21.66 -2.97
C TRP C 69 26.85 20.22 -3.28
N LYS C 70 27.44 19.53 -2.31
CA LYS C 70 27.96 18.19 -2.53
C LYS C 70 27.56 17.28 -1.38
N LEU C 71 26.91 16.17 -1.70
CA LEU C 71 26.52 15.20 -0.69
C LEU C 71 27.19 13.87 -0.93
N ASN C 72 27.79 13.28 0.11
CA ASN C 72 28.34 11.94 0.02
C ASN C 72 27.32 10.92 -0.43
N SER C 73 26.07 11.12 0.01
CA SER C 73 24.97 10.23 -0.30
C SER C 73 24.46 10.32 -1.75
N LEU C 74 25.07 11.20 -2.55
CA LEU C 74 24.77 11.27 -3.98
C LEU C 74 25.94 10.83 -4.85
N MET C 75 27.00 10.36 -4.21
CA MET C 75 28.18 9.81 -4.88
C MET C 75 27.86 8.47 -5.54
N TRP C 76 28.51 8.21 -6.67
CA TRP C 76 28.54 6.86 -7.24
C TRP C 76 29.77 6.66 -8.11
N ASP C 77 30.10 5.39 -8.37
CA ASP C 77 31.19 5.05 -9.27
C ASP C 77 30.63 4.77 -10.67
N PRO C 78 30.91 5.67 -11.62
CA PRO C 78 30.39 5.52 -12.97
C PRO C 78 30.64 4.15 -13.55
N ASN C 79 31.70 3.50 -13.08
CA ASN C 79 32.02 2.16 -13.54
C ASN C 79 30.99 1.10 -13.18
N GLU C 80 30.29 1.31 -12.07
CA GLU C 80 29.24 0.40 -11.63
C GLU C 80 27.90 0.71 -12.27
N TYR C 81 27.82 1.86 -12.93
CA TYR C 81 26.54 2.28 -13.49
C TYR C 81 26.65 2.66 -14.96
N GLY C 82 27.24 1.76 -15.75
CA GLY C 82 27.36 1.92 -17.21
C GLY C 82 27.92 3.26 -17.66
N ASN C 83 29.01 3.67 -17.00
CA ASN C 83 29.74 4.92 -17.29
C ASN C 83 28.92 6.21 -17.21
N ILE C 84 27.75 6.16 -16.59
CA ILE C 84 26.92 7.35 -16.37
C ILE C 84 27.65 8.28 -15.41
N THR C 85 27.80 9.55 -15.80
CA THR C 85 28.56 10.50 -14.98
C THR C 85 27.69 11.57 -14.32
N ASP C 86 26.45 11.71 -14.78
CA ASP C 86 25.54 12.77 -14.31
C ASP C 86 24.12 12.52 -14.79
N PHE C 87 23.14 12.95 -14.00
CA PHE C 87 21.73 12.84 -14.39
C PHE C 87 20.89 14.06 -13.99
N ARG C 88 19.81 14.29 -14.72
CA ARG C 88 18.86 15.31 -14.37
C ARG C 88 17.73 14.70 -13.54
N THR C 89 17.32 15.40 -12.50
CA THR C 89 16.19 14.96 -11.73
C THR C 89 15.40 16.14 -11.23
N SER C 90 14.12 15.93 -10.93
CA SER C 90 13.30 17.00 -10.40
C SER C 90 13.84 17.46 -9.05
N ALA C 91 13.83 18.77 -8.82
CA ALA C 91 14.36 19.34 -7.58
C ALA C 91 13.56 18.88 -6.37
N ALA C 92 12.32 18.45 -6.60
CA ALA C 92 11.51 17.93 -5.50
C ALA C 92 11.93 16.51 -5.10
N ASP C 93 12.76 15.87 -5.91
CA ASP C 93 13.20 14.50 -5.63
C ASP C 93 14.37 14.47 -4.67
N ILE C 94 14.94 15.63 -4.39
CA ILE C 94 16.15 15.72 -3.58
C ILE C 94 16.07 16.87 -2.59
N TRP C 95 16.84 16.77 -1.51
CA TRP C 95 16.97 17.88 -0.59
C TRP C 95 17.59 19.05 -1.32
N THR C 96 17.09 20.25 -1.04
CA THR C 96 17.67 21.48 -1.60
C THR C 96 17.79 22.52 -0.49
N PRO C 97 18.74 23.45 -0.60
CA PRO C 97 18.93 24.34 0.53
C PRO C 97 17.81 25.38 0.58
N ASP C 98 17.52 25.88 1.77
CA ASP C 98 16.43 26.84 1.99
C ASP C 98 16.91 28.29 1.88
N ILE C 99 17.63 28.60 0.81
CA ILE C 99 18.21 29.93 0.61
C ILE C 99 17.14 30.95 0.27
N THR C 100 16.99 31.96 1.11
CA THR C 100 15.95 32.97 0.92
C THR C 100 16.51 34.39 0.93
N ALA C 101 15.86 35.28 0.18
CA ALA C 101 16.12 36.70 0.30
C ALA C 101 15.51 37.21 1.62
N TYR C 102 16.30 37.94 2.38
CA TYR C 102 15.89 38.39 3.70
C TYR C 102 14.93 39.60 3.70
N SER C 103 14.93 40.35 2.60
CA SER C 103 14.13 41.56 2.54
C SER C 103 13.19 41.64 1.32
N SER C 104 12.55 40.53 0.98
CA SER C 104 11.59 40.52 -0.13
C SER C 104 10.28 41.13 0.33
N THR C 105 9.47 41.61 -0.61
CA THR C 105 8.18 42.20 -0.28
C THR C 105 7.03 41.42 -0.88
N ARG C 106 7.34 40.45 -1.74
CA ARG C 106 6.36 39.56 -2.37
C ARG C 106 6.98 38.17 -2.42
N PRO C 107 6.14 37.13 -2.40
CA PRO C 107 6.75 35.82 -2.52
C PRO C 107 7.55 35.76 -3.82
N VAL C 108 8.76 35.23 -3.78
CA VAL C 108 9.57 35.05 -4.99
C VAL C 108 8.78 34.27 -6.05
N GLN C 109 8.95 34.63 -7.32
CA GLN C 109 8.32 33.89 -8.40
C GLN C 109 9.33 33.10 -9.19
N VAL C 110 9.05 31.81 -9.38
CA VAL C 110 9.97 30.92 -10.09
C VAL C 110 9.64 30.95 -11.57
N LEU C 111 10.63 31.26 -12.40
CA LEU C 111 10.42 31.45 -13.84
C LEU C 111 10.80 30.23 -14.69
N SER C 112 11.59 29.35 -14.12
CA SER C 112 12.14 28.20 -14.82
C SER C 112 11.61 26.89 -14.22
N PRO C 113 11.81 25.77 -14.91
CA PRO C 113 11.60 24.50 -14.24
C PRO C 113 12.50 24.30 -13.01
N GLN C 114 12.00 23.47 -12.10
CA GLN C 114 12.69 23.08 -10.86
C GLN C 114 13.43 21.75 -11.08
N ILE C 115 14.53 21.82 -11.82
CA ILE C 115 15.26 20.62 -12.14
C ILE C 115 16.71 20.84 -11.75
N ALA C 116 17.28 19.84 -11.09
CA ALA C 116 18.69 19.88 -10.68
C ALA C 116 19.51 18.90 -11.50
N VAL C 117 20.82 19.12 -11.53
CA VAL C 117 21.75 18.25 -12.21
C VAL C 117 22.70 17.62 -11.19
N VAL C 118 22.72 16.29 -11.11
CA VAL C 118 23.57 15.59 -10.16
C VAL C 118 24.73 14.92 -10.85
N THR C 119 25.93 15.08 -10.28
CA THR C 119 27.17 14.51 -10.83
C THR C 119 27.73 13.44 -9.89
N HIS C 120 28.50 12.51 -10.46
CA HIS C 120 28.94 11.32 -9.76
C HIS C 120 29.71 11.54 -8.47
N ASP C 121 30.36 12.70 -8.35
CA ASP C 121 31.09 13.06 -7.12
C ASP C 121 30.14 13.52 -6.01
N GLY C 122 28.85 13.52 -6.31
CA GLY C 122 27.83 13.86 -5.32
C GLY C 122 27.43 15.31 -5.33
N SER C 123 27.96 16.08 -6.28
CA SER C 123 27.63 17.49 -6.36
C SER C 123 26.34 17.73 -7.13
N VAL C 124 25.52 18.63 -6.60
CA VAL C 124 24.26 18.98 -7.23
C VAL C 124 24.37 20.40 -7.72
N MET C 125 23.76 20.66 -8.86
CA MET C 125 23.68 22.03 -9.36
C MET C 125 22.24 22.37 -9.71
N PHE C 126 21.78 23.47 -9.13
CA PHE C 126 20.41 23.90 -9.24
C PHE C 126 20.44 25.38 -9.55
N ILE C 127 19.91 25.76 -10.72
CA ILE C 127 19.91 27.17 -11.18
C ILE C 127 18.51 27.68 -11.58
N PRO C 128 17.63 27.99 -10.59
CA PRO C 128 16.33 28.54 -10.92
C PRO C 128 16.34 30.02 -11.30
N ALA C 129 15.55 30.37 -12.31
CA ALA C 129 15.29 31.78 -12.66
C ALA C 129 14.15 32.30 -11.80
N GLN C 130 14.34 33.50 -11.25
CA GLN C 130 13.35 34.09 -10.36
C GLN C 130 13.10 35.57 -10.64
N ARG C 131 11.88 36.02 -10.34
CA ARG C 131 11.59 37.45 -10.23
C ARG C 131 11.38 37.74 -8.76
N LEU C 132 12.14 38.69 -8.24
CA LEU C 132 12.12 39.05 -6.81
C LEU C 132 11.76 40.50 -6.62
N SER C 133 10.78 40.78 -5.76
CA SER C 133 10.49 42.14 -5.32
C SER C 133 11.08 42.32 -3.95
N PHE C 134 11.93 43.33 -3.79
CA PHE C 134 12.54 43.57 -2.49
C PHE C 134 12.60 45.04 -2.12
N MET C 135 12.84 45.30 -0.84
CA MET C 135 12.90 46.65 -0.32
C MET C 135 14.12 47.34 -0.85
N CYS C 136 13.88 48.45 -1.54
CA CYS C 136 14.92 49.23 -2.17
C CYS C 136 14.38 50.61 -2.53
N ASP C 137 15.05 51.65 -2.02
CA ASP C 137 14.67 53.02 -2.31
C ASP C 137 15.39 53.50 -3.57
N PRO C 138 14.64 53.77 -4.65
CA PRO C 138 15.29 54.11 -5.92
C PRO C 138 15.65 55.60 -6.12
N THR C 139 15.70 56.39 -5.05
CA THR C 139 16.02 57.81 -5.14
C THR C 139 17.36 58.03 -5.82
N GLY C 140 17.37 58.92 -6.81
CA GLY C 140 18.61 59.26 -7.51
C GLY C 140 18.92 58.34 -8.68
N VAL C 141 18.00 57.41 -8.97
CA VAL C 141 18.11 56.56 -10.16
C VAL C 141 17.97 57.42 -11.43
N ASP C 142 17.27 58.54 -11.27
CA ASP C 142 17.08 59.53 -12.32
C ASP C 142 18.31 60.44 -12.48
N SER C 143 19.35 60.20 -11.69
CA SER C 143 20.57 61.01 -11.71
C SER C 143 21.73 60.21 -12.29
N GLU C 144 22.91 60.83 -12.34
CA GLU C 144 24.11 60.20 -12.91
C GLU C 144 24.76 59.12 -12.03
N GLU C 145 24.86 59.37 -10.72
CA GLU C 145 25.44 58.39 -9.79
C GLU C 145 24.48 57.24 -9.50
N GLY C 146 23.21 57.45 -9.83
CA GLY C 146 22.21 56.40 -9.73
C GLY C 146 21.81 56.08 -8.30
N ALA C 147 21.11 54.97 -8.13
CA ALA C 147 20.67 54.51 -6.83
C ALA C 147 21.39 53.23 -6.48
N THR C 148 21.53 52.94 -5.19
CA THR C 148 22.18 51.71 -4.72
C THR C 148 21.25 50.92 -3.83
N CYS C 149 21.14 49.62 -4.08
CA CYS C 149 20.29 48.75 -3.27
C CYS C 149 20.97 47.44 -2.94
N ALA C 150 20.53 46.85 -1.84
CA ALA C 150 21.14 45.62 -1.34
C ALA C 150 20.06 44.67 -0.84
N VAL C 151 20.31 43.38 -1.01
CA VAL C 151 19.45 42.34 -0.46
C VAL C 151 20.34 41.20 0.00
N LYS C 152 20.06 40.66 1.18
CA LYS C 152 20.84 39.53 1.68
C LYS C 152 20.15 38.23 1.34
N PHE C 153 20.93 37.24 0.94
CA PHE C 153 20.43 35.88 0.72
C PHE C 153 21.09 34.95 1.72
N GLY C 154 20.34 34.05 2.33
CA GLY C 154 20.93 33.09 3.26
C GLY C 154 19.96 32.02 3.68
N SER C 155 20.43 31.03 4.43
CA SER C 155 19.56 29.97 4.90
C SER C 155 18.53 30.59 5.80
N TRP C 156 17.34 30.01 5.86
CA TRP C 156 16.32 30.55 6.74
C TRP C 156 16.41 29.99 8.14
N VAL C 157 16.79 28.73 8.29
CA VAL C 157 16.78 28.09 9.61
C VAL C 157 18.09 27.47 10.05
N TYR C 158 19.07 27.43 9.14
CA TYR C 158 20.36 26.81 9.41
C TYR C 158 21.42 27.84 9.69
N SER C 159 22.19 27.63 10.74
CA SER C 159 23.32 28.50 11.07
C SER C 159 24.55 28.15 10.25
N GLY C 160 25.64 28.90 10.50
CA GLY C 160 26.90 28.69 9.80
C GLY C 160 27.52 27.35 10.13
N PHE C 161 27.19 26.82 11.31
CA PHE C 161 27.62 25.50 11.73
C PHE C 161 27.00 24.33 10.95
N GLU C 162 25.88 24.58 10.28
CA GLU C 162 25.20 23.56 9.49
C GLU C 162 25.38 23.80 8.01
N ILE C 163 25.00 25.00 7.56
CA ILE C 163 25.20 25.45 6.18
C ILE C 163 26.15 26.65 6.13
N ASP C 164 27.26 26.48 5.43
CA ASP C 164 28.17 27.58 5.14
C ASP C 164 27.91 28.03 3.71
N LEU C 165 27.95 29.34 3.50
CA LEU C 165 27.82 29.88 2.14
C LEU C 165 29.17 30.31 1.61
N LYS C 166 29.32 30.25 0.29
CA LYS C 166 30.48 30.83 -0.35
C LYS C 166 30.14 31.27 -1.77
N THR C 167 30.94 32.17 -2.31
CA THR C 167 30.79 32.58 -3.69
C THR C 167 32.04 32.16 -4.45
N ASP C 168 31.93 32.00 -5.75
CA ASP C 168 33.12 31.78 -6.59
C ASP C 168 33.81 33.12 -6.91
N THR C 169 33.03 34.19 -6.90
CA THR C 169 33.53 35.52 -7.22
C THR C 169 32.63 36.59 -6.61
N ASP C 170 33.17 37.79 -6.46
CA ASP C 170 32.42 38.94 -5.95
C ASP C 170 31.56 39.58 -7.03
N GLN C 171 31.85 39.25 -8.29
CA GLN C 171 31.20 39.84 -9.44
C GLN C 171 29.94 39.13 -9.82
N VAL C 172 28.81 39.81 -9.65
CA VAL C 172 27.55 39.34 -10.17
C VAL C 172 27.69 39.28 -11.68
N ASP C 173 27.30 38.16 -12.26
CA ASP C 173 27.44 37.91 -13.68
C ASP C 173 26.49 38.78 -14.52
N LEU C 174 27.05 39.78 -15.17
CA LEU C 174 26.26 40.74 -15.94
C LEU C 174 26.22 40.48 -17.45
N SER C 175 26.75 39.33 -17.88
CA SER C 175 26.92 39.05 -19.31
C SER C 175 25.58 38.72 -19.97
N SER C 176 24.57 38.53 -19.15
CA SER C 176 23.24 38.25 -19.65
C SER C 176 22.26 39.38 -19.36
N TYR C 177 22.76 40.51 -18.86
CA TYR C 177 21.87 41.62 -18.54
C TYR C 177 21.20 42.13 -19.80
N TYR C 178 19.87 42.28 -19.73
CA TYR C 178 19.09 42.76 -20.86
C TYR C 178 19.62 44.08 -21.40
N ALA C 179 20.15 44.01 -22.61
CA ALA C 179 20.79 45.14 -23.26
C ALA C 179 19.90 46.38 -23.28
N SER C 180 18.59 46.19 -23.44
CA SER C 180 17.64 47.29 -23.60
C SER C 180 16.71 47.50 -22.40
N SER C 181 17.21 47.19 -21.19
CA SER C 181 16.44 47.40 -19.98
C SER C 181 16.21 48.87 -19.72
N LYS C 182 15.15 49.19 -18.96
CA LYS C 182 14.88 50.56 -18.53
C LYS C 182 16.00 51.09 -17.65
N TYR C 183 16.73 50.18 -17.00
CA TYR C 183 17.80 50.54 -16.10
C TYR C 183 19.08 49.84 -16.49
N GLU C 184 20.19 50.56 -16.43
CA GLU C 184 21.51 49.96 -16.66
C GLU C 184 22.29 49.75 -15.34
N ILE C 185 23.13 48.72 -15.31
CA ILE C 185 23.89 48.38 -14.13
C ILE C 185 25.22 49.12 -14.07
N LEU C 186 25.44 49.86 -12.99
CA LEU C 186 26.72 50.55 -12.80
C LEU C 186 27.73 49.66 -12.09
N SER C 187 27.24 48.87 -11.13
CA SER C 187 27.98 47.73 -10.56
C SER C 187 27.02 46.76 -9.87
N ALA C 188 27.44 45.50 -9.76
CA ALA C 188 26.67 44.49 -9.04
C ALA C 188 27.63 43.51 -8.39
N THR C 189 27.57 43.42 -7.07
CA THR C 189 28.48 42.57 -6.32
C THR C 189 27.70 41.57 -5.50
N GLN C 190 28.34 40.46 -5.18
CA GLN C 190 27.82 39.46 -4.25
C GLN C 190 28.90 39.14 -3.25
N THR C 191 28.64 39.45 -1.98
CA THR C 191 29.68 39.39 -0.96
C THR C 191 29.26 38.51 0.20
N ARG C 192 30.16 37.62 0.62
CA ARG C 192 29.90 36.72 1.73
C ARG C 192 30.03 37.51 3.03
N GLN C 193 29.09 37.31 3.95
CA GLN C 193 29.11 37.99 5.23
C GLN C 193 28.96 36.99 6.35
N VAL C 194 29.70 37.20 7.43
CA VAL C 194 29.52 36.46 8.67
C VAL C 194 29.08 37.42 9.78
N GLN C 195 27.91 37.20 10.38
CA GLN C 195 27.49 38.04 11.50
C GLN C 195 27.52 37.29 12.85
N HIS C 196 27.97 37.98 13.91
CA HIS C 196 28.05 37.38 15.24
C HIS C 196 27.34 38.22 16.32
N TYR C 197 26.15 37.83 16.72
CA TYR C 197 25.44 38.52 17.81
C TYR C 197 25.74 37.81 19.14
N SER C 198 25.67 38.53 20.26
CA SER C 198 26.08 37.99 21.59
C SER C 198 25.13 36.92 22.19
N CYS C 199 24.06 36.63 21.46
CA CYS C 199 23.08 35.58 21.76
C CYS C 199 23.61 34.17 21.50
N CYS C 200 24.18 33.98 20.31
CA CYS C 200 24.21 32.70 19.67
C CYS C 200 25.64 32.23 19.48
N PRO C 201 25.98 31.03 20.01
CA PRO C 201 27.33 30.48 19.88
C PRO C 201 27.67 30.10 18.44
N GLU C 202 26.66 30.20 17.57
CA GLU C 202 26.83 29.95 16.13
C GLU C 202 26.94 31.26 15.34
N PRO C 203 27.85 31.30 14.37
CA PRO C 203 27.87 32.39 13.40
C PRO C 203 26.75 32.25 12.40
N TYR C 204 26.35 33.35 11.77
CA TYR C 204 25.43 33.30 10.63
C TYR C 204 26.07 33.84 9.37
N ILE C 205 25.78 33.19 8.26
CA ILE C 205 26.44 33.51 7.01
C ILE C 205 25.41 33.89 5.95
N ASP C 206 25.77 34.87 5.13
CA ASP C 206 24.86 35.31 4.08
C ASP C 206 25.61 35.90 2.91
N VAL C 207 24.94 35.95 1.77
CA VAL C 207 25.50 36.61 0.62
C VAL C 207 24.72 37.88 0.37
N ASN C 208 25.47 38.97 0.32
CA ASN C 208 24.92 40.30 0.18
C ASN C 208 25.01 40.75 -1.27
N LEU C 209 23.86 40.83 -1.93
CA LEU C 209 23.76 41.27 -3.31
C LEU C 209 23.56 42.78 -3.35
N VAL C 210 24.52 43.50 -3.91
CA VAL C 210 24.48 44.96 -3.95
C VAL C 210 24.51 45.46 -5.40
N VAL C 211 23.47 46.17 -5.80
CA VAL C 211 23.38 46.68 -7.17
C VAL C 211 23.35 48.21 -7.20
N LYS C 212 24.19 48.79 -8.03
CA LYS C 212 24.08 50.20 -8.36
C LYS C 212 23.51 50.38 -9.76
N PHE C 213 22.42 51.11 -9.87
CA PHE C 213 21.75 51.26 -11.15
C PHE C 213 21.19 52.65 -11.38
N ARG C 214 20.94 52.96 -12.65
CA ARG C 214 20.33 54.23 -13.05
C ARG C 214 19.50 54.07 -14.33
N GLU C 215 18.67 55.07 -14.61
CA GLU C 215 17.81 55.06 -15.78
C GLU C 215 18.66 55.15 -17.03
N ARG C 216 18.18 54.53 -18.10
CA ARG C 216 18.98 54.30 -19.31
C ARG C 216 19.38 55.59 -19.98
N ARG C 217 20.60 55.62 -20.51
CA ARG C 217 21.10 56.78 -21.23
C ARG C 217 20.52 56.85 -22.66
N ASP D 1 -27.79 -2.71 -29.90
CA ASP D 1 -28.28 -3.40 -28.67
C ASP D 1 -27.10 -3.86 -27.80
N TYR D 2 -27.06 -5.14 -27.39
CA TYR D 2 -25.99 -5.66 -26.54
C TYR D 2 -24.66 -5.80 -27.28
N LYS D 3 -24.72 -6.16 -28.57
CA LYS D 3 -23.49 -6.37 -29.35
C LYS D 3 -22.69 -5.09 -29.57
N ASP D 4 -23.37 -3.99 -29.91
CA ASP D 4 -22.68 -2.70 -30.04
C ASP D 4 -22.49 -1.94 -28.71
N ASP D 5 -22.99 -2.53 -27.62
CA ASP D 5 -22.67 -2.14 -26.23
C ASP D 5 -21.39 -2.85 -25.82
N ASP D 6 -21.28 -4.11 -26.26
CA ASP D 6 -20.10 -4.94 -26.07
C ASP D 6 -18.96 -4.50 -26.98
N ASP D 7 -19.28 -4.03 -28.19
CA ASP D 7 -18.26 -3.54 -29.12
C ASP D 7 -17.59 -2.31 -28.58
N LYS D 8 -18.38 -1.41 -27.98
CA LYS D 8 -17.81 -0.19 -27.37
C LYS D 8 -16.98 -0.54 -26.12
N LEU D 9 -17.48 -1.49 -25.33
CA LEU D 9 -16.74 -2.05 -24.21
C LEU D 9 -15.42 -2.69 -24.64
N HIS D 10 -15.45 -3.45 -25.73
CA HIS D 10 -14.25 -4.05 -26.32
C HIS D 10 -13.22 -3.00 -26.68
N SER D 11 -13.65 -1.96 -27.41
CA SER D 11 -12.75 -0.90 -27.83
C SER D 11 -12.18 -0.16 -26.63
N GLN D 12 -12.96 -0.08 -25.55
CA GLN D 12 -12.50 0.58 -24.33
C GLN D 12 -11.42 -0.26 -23.66
N ALA D 13 -11.70 -1.56 -23.57
CA ALA D 13 -10.76 -2.54 -23.03
C ALA D 13 -9.41 -2.50 -23.76
N ASN D 14 -9.47 -2.42 -25.08
CA ASN D 14 -8.24 -2.35 -25.86
C ASN D 14 -7.38 -1.14 -25.55
N LEU D 15 -8.01 0.01 -25.34
CA LEU D 15 -7.27 1.22 -24.98
C LEU D 15 -6.71 1.10 -23.57
N MET D 16 -7.54 0.61 -22.66
CA MET D 16 -7.13 0.32 -21.29
C MET D 16 -5.87 -0.52 -21.30
N ARG D 17 -5.91 -1.61 -22.04
CA ARG D 17 -4.78 -2.54 -22.18
C ARG D 17 -3.52 -1.84 -22.70
N LEU D 18 -3.68 -1.02 -23.74
CA LEU D 18 -2.55 -0.34 -24.35
C LEU D 18 -1.91 0.60 -23.34
N LYS D 19 -2.72 1.44 -22.71
CA LYS D 19 -2.22 2.42 -21.74
C LYS D 19 -1.54 1.68 -20.59
N SER D 20 -2.21 0.66 -20.05
CA SER D 20 -1.67 -0.13 -18.95
C SER D 20 -0.35 -0.80 -19.32
N ASP D 21 -0.24 -1.31 -20.54
CA ASP D 21 1.01 -1.90 -21.04
C ASP D 21 2.08 -0.84 -21.16
N LEU D 22 1.72 0.29 -21.76
CA LEU D 22 2.64 1.38 -22.03
C LEU D 22 3.19 2.02 -20.76
N PHE D 23 2.34 2.17 -19.76
CA PHE D 23 2.71 2.80 -18.49
C PHE D 23 3.56 1.86 -17.64
N ASN D 24 3.12 0.61 -17.53
CA ASN D 24 3.80 -0.42 -16.76
C ASN D 24 5.08 -0.95 -17.37
N ARG D 25 5.43 -0.51 -18.56
CA ARG D 25 6.59 -1.08 -19.23
C ARG D 25 7.85 -0.81 -18.41
N SER D 26 8.69 -1.84 -18.26
CA SER D 26 9.94 -1.75 -17.48
C SER D 26 10.93 -0.81 -18.21
N PRO D 27 12.03 -0.40 -17.55
CA PRO D 27 12.64 0.89 -17.28
C PRO D 27 11.82 2.19 -17.28
N MET D 28 10.54 2.18 -16.91
CA MET D 28 9.72 3.39 -17.10
C MET D 28 10.60 4.68 -17.27
N TYR D 29 10.90 4.97 -18.55
CA TYR D 29 11.72 6.07 -19.09
C TYR D 29 12.27 7.16 -18.14
N PRO D 30 13.61 7.29 -18.07
CA PRO D 30 14.23 8.24 -17.16
C PRO D 30 14.68 9.57 -17.73
N GLY D 31 14.10 10.02 -18.83
CA GLY D 31 14.60 11.23 -19.53
C GLY D 31 15.67 10.93 -20.57
N PRO D 32 15.86 11.82 -21.54
CA PRO D 32 16.95 11.67 -22.49
C PRO D 32 18.33 11.68 -21.81
N THR D 33 19.27 10.96 -22.39
CA THR D 33 20.66 10.90 -21.93
C THR D 33 21.58 11.00 -23.16
N LYS D 34 22.89 11.09 -22.93
CA LYS D 34 23.84 11.07 -24.05
C LYS D 34 23.69 9.82 -24.90
N ASP D 35 23.57 8.63 -24.29
CA ASP D 35 23.43 7.38 -25.06
C ASP D 35 22.04 7.19 -25.66
N ASP D 36 21.10 8.06 -25.30
CA ASP D 36 19.70 7.91 -25.69
C ASP D 36 19.09 9.30 -25.95
N PRO D 37 19.68 10.06 -26.90
CA PRO D 37 19.28 11.43 -27.09
C PRO D 37 17.93 11.56 -27.76
N LEU D 38 17.43 12.79 -27.84
CA LEU D 38 16.08 13.06 -28.27
C LEU D 38 16.04 14.34 -29.10
N THR D 39 15.10 14.44 -30.04
CA THR D 39 14.92 15.68 -30.79
C THR D 39 13.53 16.23 -30.53
N VAL D 40 13.46 17.45 -30.03
CA VAL D 40 12.18 18.12 -29.86
C VAL D 40 11.96 19.15 -30.95
N THR D 41 10.83 19.06 -31.64
CA THR D 41 10.50 20.02 -32.68
C THR D 41 9.63 21.12 -32.14
N LEU D 42 10.05 22.37 -32.33
CA LEU D 42 9.31 23.53 -31.87
C LEU D 42 8.68 24.32 -33.01
N GLY D 43 7.47 24.78 -32.78
CA GLY D 43 6.77 25.68 -33.68
C GLY D 43 5.97 26.67 -32.85
N PHE D 44 5.83 27.89 -33.35
CA PHE D 44 4.96 28.87 -32.72
C PHE D 44 3.81 29.33 -33.62
N THR D 45 2.59 29.24 -33.10
CA THR D 45 1.48 29.97 -33.70
C THR D 45 1.21 31.16 -32.80
N LEU D 46 1.46 32.34 -33.34
CA LEU D 46 1.35 33.57 -32.58
C LEU D 46 -0.04 34.14 -32.72
N GLN D 47 -0.72 34.29 -31.58
CA GLN D 47 -2.11 34.73 -31.56
C GLN D 47 -2.30 36.21 -31.36
N ASP D 48 -1.62 36.78 -30.36
CA ASP D 48 -1.83 38.18 -30.02
C ASP D 48 -0.63 38.78 -29.32
N ILE D 49 -0.32 40.03 -29.65
CA ILE D 49 0.49 40.84 -28.77
C ILE D 49 -0.52 41.64 -27.95
N VAL D 50 -0.67 41.31 -26.67
CA VAL D 50 -1.73 41.89 -25.86
C VAL D 50 -1.32 43.25 -25.34
N LYS D 51 -0.07 43.36 -24.88
CA LYS D 51 0.38 44.49 -24.10
C LYS D 51 1.85 44.78 -24.36
N ALA D 52 2.19 46.05 -24.52
CA ALA D 52 3.59 46.47 -24.60
C ALA D 52 3.82 47.53 -23.55
N ASP D 53 4.37 47.15 -22.41
CA ASP D 53 4.58 48.10 -21.31
C ASP D 53 5.91 48.80 -21.51
N SER D 54 5.85 50.06 -21.90
CA SER D 54 7.05 50.83 -22.21
C SER D 54 7.72 51.43 -20.98
N SER D 55 7.03 51.40 -19.83
CA SER D 55 7.60 51.88 -18.58
C SER D 55 8.41 50.80 -17.85
N THR D 56 8.28 49.55 -18.29
CA THR D 56 9.08 48.46 -17.74
C THR D 56 9.79 47.62 -18.80
N ASN D 57 9.58 47.94 -20.07
CA ASN D 57 10.09 47.13 -21.16
C ASN D 57 9.75 45.64 -21.02
N GLU D 58 8.46 45.38 -20.84
CA GLU D 58 7.87 44.04 -20.82
C GLU D 58 6.84 43.97 -21.94
N VAL D 59 6.84 42.87 -22.68
CA VAL D 59 5.81 42.64 -23.72
C VAL D 59 5.11 41.32 -23.47
N ASP D 60 3.80 41.30 -23.72
CA ASP D 60 2.94 40.15 -23.45
C ASP D 60 2.45 39.48 -24.74
N LEU D 61 2.85 38.23 -24.94
CA LEU D 61 2.40 37.45 -26.09
C LEU D 61 1.49 36.31 -25.69
N VAL D 62 0.55 35.99 -26.56
CA VAL D 62 -0.25 34.79 -26.44
C VAL D 62 0.06 33.97 -27.68
N TYR D 63 0.46 32.72 -27.49
CA TYR D 63 0.83 31.84 -28.59
C TYR D 63 0.49 30.40 -28.27
N TYR D 64 0.51 29.56 -29.30
CA TYR D 64 0.49 28.11 -29.15
C TYR D 64 1.91 27.65 -29.39
N GLU D 65 2.46 26.91 -28.42
CA GLU D 65 3.79 26.40 -28.52
C GLU D 65 3.63 24.95 -28.82
N GLN D 66 3.99 24.54 -30.01
CA GLN D 66 3.78 23.18 -30.42
C GLN D 66 5.04 22.37 -30.25
N GLN D 67 4.93 21.28 -29.51
CA GLN D 67 6.08 20.45 -29.17
C GLN D 67 5.92 19.05 -29.73
N ARG D 68 7.00 18.48 -30.24
CA ARG D 68 6.95 17.14 -30.79
C ARG D 68 8.22 16.39 -30.46
N TRP D 69 8.08 15.11 -30.13
CA TRP D 69 9.21 14.23 -29.92
C TRP D 69 8.77 12.79 -30.05
N LYS D 70 9.73 11.87 -30.10
CA LYS D 70 9.44 10.47 -30.37
C LYS D 70 10.20 9.56 -29.39
N LEU D 71 9.48 8.70 -28.69
CA LEU D 71 10.13 7.75 -27.79
C LEU D 71 9.89 6.32 -28.23
N ASN D 72 10.93 5.51 -28.25
CA ASN D 72 10.76 4.10 -28.52
C ASN D 72 9.81 3.46 -27.55
N SER D 73 9.88 3.91 -26.31
CA SER D 73 9.06 3.37 -25.23
C SER D 73 7.57 3.72 -25.33
N LEU D 74 7.17 4.46 -26.34
CA LEU D 74 5.76 4.74 -26.55
C LEU D 74 5.25 4.10 -27.82
N MET D 75 6.12 3.32 -28.48
CA MET D 75 5.77 2.56 -29.67
C MET D 75 4.82 1.42 -29.35
N TRP D 76 3.92 1.11 -30.27
CA TRP D 76 3.16 -0.13 -30.22
C TRP D 76 2.72 -0.55 -31.62
N ASP D 77 2.32 -1.81 -31.76
CA ASP D 77 1.78 -2.29 -33.01
C ASP D 77 0.26 -2.26 -32.93
N PRO D 78 -0.39 -1.40 -33.74
CA PRO D 78 -1.83 -1.26 -33.70
C PRO D 78 -2.56 -2.60 -33.83
N ASN D 79 -1.93 -3.55 -34.51
CA ASN D 79 -2.50 -4.87 -34.70
C ASN D 79 -2.68 -5.65 -33.42
N GLU D 80 -1.80 -5.38 -32.45
CA GLU D 80 -1.89 -6.02 -31.15
C GLU D 80 -2.86 -5.30 -30.24
N TYR D 81 -3.24 -4.08 -30.60
CA TYR D 81 -4.11 -3.29 -29.76
C TYR D 81 -5.40 -2.83 -30.45
N GLY D 82 -6.09 -3.77 -31.09
CA GLY D 82 -7.39 -3.51 -31.71
C GLY D 82 -7.38 -2.34 -32.68
N ASN D 83 -6.34 -2.27 -33.50
CA ASN D 83 -6.15 -1.23 -34.51
C ASN D 83 -6.11 0.22 -33.99
N ILE D 84 -5.92 0.39 -32.68
CA ILE D 84 -5.76 1.71 -32.08
C ILE D 84 -4.46 2.31 -32.59
N THR D 85 -4.52 3.56 -33.06
CA THR D 85 -3.34 4.17 -33.67
C THR D 85 -2.81 5.36 -32.87
N ASP D 86 -3.61 5.87 -31.97
CA ASP D 86 -3.28 7.07 -31.21
C ASP D 86 -4.19 7.25 -30.02
N PHE D 87 -3.69 7.86 -28.96
CA PHE D 87 -4.54 8.13 -27.79
C PHE D 87 -4.24 9.48 -27.13
N ARG D 88 -5.24 10.03 -26.44
CA ARG D 88 -5.03 11.26 -25.68
C ARG D 88 -4.74 10.87 -24.25
N THR D 89 -3.77 11.55 -23.65
CA THR D 89 -3.48 11.35 -22.24
C THR D 89 -3.07 12.67 -21.59
N SER D 90 -3.27 12.76 -20.28
CA SER D 90 -2.83 13.94 -19.54
C SER D 90 -1.32 14.08 -19.64
N ALA D 91 -0.86 15.32 -19.82
CA ALA D 91 0.57 15.59 -19.95
C ALA D 91 1.35 15.22 -18.70
N ALA D 92 0.69 15.15 -17.57
CA ALA D 92 1.35 14.74 -16.33
C ALA D 92 1.58 13.21 -16.27
N ASP D 93 0.98 12.47 -17.18
CA ASP D 93 1.12 11.01 -17.23
C ASP D 93 2.37 10.58 -17.99
N ILE D 94 3.05 11.54 -18.63
CA ILE D 94 4.20 11.22 -19.46
C ILE D 94 5.32 12.22 -19.25
N TRP D 95 6.54 11.82 -19.62
CA TRP D 95 7.65 12.75 -19.65
C TRP D 95 7.34 13.78 -20.71
N THR D 96 7.69 15.03 -20.43
CA THR D 96 7.58 16.14 -21.39
C THR D 96 8.88 16.96 -21.31
N PRO D 97 9.27 17.63 -22.40
CA PRO D 97 10.53 18.36 -22.33
C PRO D 97 10.39 19.65 -21.51
N ASP D 98 11.49 20.08 -20.93
CA ASP D 98 11.51 21.25 -20.05
C ASP D 98 11.81 22.56 -20.84
N ILE D 99 11.09 22.77 -21.92
CA ILE D 99 11.35 23.90 -22.80
C ILE D 99 10.89 25.20 -22.14
N THR D 100 11.82 26.11 -21.89
CA THR D 100 11.50 27.38 -21.23
C THR D 100 11.93 28.58 -22.06
N ALA D 101 11.23 29.70 -21.85
CA ALA D 101 11.67 30.99 -22.35
C ALA D 101 12.81 31.47 -21.45
N TYR D 102 13.91 31.90 -22.06
CA TYR D 102 15.07 32.30 -21.28
C TYR D 102 14.98 33.70 -20.67
N SER D 103 14.13 34.56 -21.22
CA SER D 103 14.03 35.94 -20.75
C SER D 103 12.62 36.39 -20.37
N SER D 104 11.85 35.52 -19.73
CA SER D 104 10.52 35.89 -19.21
C SER D 104 10.66 36.79 -17.98
N THR D 105 9.62 37.55 -17.67
CA THR D 105 9.62 38.42 -16.50
C THR D 105 8.56 38.04 -15.50
N ARG D 106 7.70 37.09 -15.87
CA ARG D 106 6.65 36.54 -15.02
C ARG D 106 6.54 35.06 -15.33
N PRO D 107 6.11 34.24 -14.36
CA PRO D 107 5.90 32.85 -14.70
C PRO D 107 4.91 32.74 -15.86
N VAL D 108 5.20 31.88 -16.83
CA VAL D 108 4.32 31.67 -17.97
C VAL D 108 2.96 31.23 -17.50
N GLN D 109 1.90 31.65 -18.17
CA GLN D 109 0.56 31.22 -17.82
C GLN D 109 0.03 30.27 -18.88
N VAL D 110 -0.46 29.12 -18.43
CA VAL D 110 -1.01 28.11 -19.34
C VAL D 110 -2.49 28.37 -19.54
N LEU D 111 -2.91 28.48 -20.80
CA LEU D 111 -4.27 28.88 -21.15
C LEU D 111 -5.14 27.72 -21.56
N SER D 112 -4.52 26.59 -21.87
CA SER D 112 -5.20 25.42 -22.40
C SER D 112 -5.05 24.23 -21.45
N PRO D 113 -5.84 23.17 -21.65
CA PRO D 113 -5.53 21.93 -20.94
C PRO D 113 -4.14 21.35 -21.26
N GLN D 114 -3.60 20.61 -20.30
CA GLN D 114 -2.31 19.94 -20.41
C GLN D 114 -2.54 18.52 -20.88
N ILE D 115 -2.82 18.36 -22.17
CA ILE D 115 -3.14 17.04 -22.69
C ILE D 115 -2.30 16.81 -23.92
N ALA D 116 -1.67 15.64 -23.99
CA ALA D 116 -0.84 15.29 -25.14
C ALA D 116 -1.48 14.19 -25.99
N VAL D 117 -1.03 14.08 -27.23
CA VAL D 117 -1.57 13.05 -28.12
C VAL D 117 -0.42 12.14 -28.47
N VAL D 118 -0.58 10.84 -28.19
CA VAL D 118 0.45 9.84 -28.50
C VAL D 118 0.07 8.98 -29.70
N THR D 119 1.03 8.79 -30.61
CA THR D 119 0.81 7.99 -31.82
C THR D 119 1.64 6.70 -31.77
N HIS D 120 1.20 5.68 -32.50
CA HIS D 120 1.77 4.35 -32.39
C HIS D 120 3.26 4.24 -32.69
N ASP D 121 3.78 5.16 -33.50
CA ASP D 121 5.20 5.19 -33.80
C ASP D 121 6.01 5.75 -32.62
N GLY D 122 5.32 6.10 -31.55
CA GLY D 122 5.97 6.60 -30.35
C GLY D 122 6.11 8.10 -30.27
N SER D 123 5.57 8.81 -31.25
CA SER D 123 5.64 10.26 -31.26
C SER D 123 4.56 10.91 -30.41
N VAL D 124 4.96 11.94 -29.68
CA VAL D 124 4.04 12.66 -28.82
C VAL D 124 3.87 14.06 -29.38
N MET D 125 2.64 14.56 -29.32
CA MET D 125 2.39 15.94 -29.69
C MET D 125 1.68 16.68 -28.57
N PHE D 126 2.31 17.76 -28.15
CA PHE D 126 1.84 18.56 -27.04
C PHE D 126 1.82 20.04 -27.48
N ILE D 127 0.65 20.67 -27.45
CA ILE D 127 0.48 22.04 -27.93
C ILE D 127 -0.25 22.95 -26.91
N PRO D 128 0.45 23.37 -25.85
CA PRO D 128 -0.18 24.26 -24.89
C PRO D 128 -0.29 25.70 -25.37
N ALA D 129 -1.40 26.35 -25.02
CA ALA D 129 -1.54 27.80 -25.25
C ALA D 129 -0.97 28.54 -24.03
N GLN D 130 -0.23 29.61 -24.28
CA GLN D 130 0.44 30.33 -23.19
C GLN D 130 0.35 31.84 -23.34
N ARG D 131 0.33 32.53 -22.20
CA ARG D 131 0.62 33.96 -22.17
C ARG D 131 1.97 34.15 -21.50
N LEU D 132 2.90 34.79 -22.22
CA LEU D 132 4.26 35.01 -21.74
C LEU D 132 4.57 36.50 -21.63
N SER D 133 5.07 36.93 -20.48
CA SER D 133 5.66 38.26 -20.36
C SER D 133 7.18 38.15 -20.43
N PHE D 134 7.77 38.86 -21.37
CA PHE D 134 9.22 38.79 -21.51
C PHE D 134 9.84 40.15 -21.77
N MET D 135 11.16 40.21 -21.60
CA MET D 135 11.91 41.44 -21.70
C MET D 135 11.95 41.86 -23.13
N CYS D 136 11.41 43.05 -23.39
CA CYS D 136 11.34 43.59 -24.73
C CYS D 136 11.06 45.09 -24.66
N ASP D 137 11.90 45.87 -25.31
CA ASP D 137 11.80 47.32 -25.35
C ASP D 137 10.98 47.74 -26.57
N PRO D 138 9.78 48.30 -26.34
CA PRO D 138 8.87 48.60 -27.44
C PRO D 138 9.06 49.97 -28.11
N THR D 139 10.25 50.56 -28.00
CA THR D 139 10.49 51.86 -28.59
C THR D 139 10.34 51.80 -30.11
N GLY D 140 9.54 52.71 -30.65
CA GLY D 140 9.36 52.80 -32.09
C GLY D 140 8.19 51.98 -32.60
N VAL D 141 7.47 51.35 -31.69
CA VAL D 141 6.26 50.63 -32.04
C VAL D 141 5.20 51.62 -32.52
N ASP D 142 5.36 52.86 -32.08
CA ASP D 142 4.51 53.99 -32.45
C ASP D 142 4.93 54.59 -33.79
N SER D 143 5.94 54.01 -34.43
CA SER D 143 6.45 54.46 -35.73
C SER D 143 6.14 53.45 -36.83
N GLU D 144 6.62 53.73 -38.04
CA GLU D 144 6.31 52.90 -39.19
C GLU D 144 7.12 51.60 -39.28
N GLU D 145 8.41 51.67 -38.94
CA GLU D 145 9.28 50.48 -38.97
C GLU D 145 9.05 49.60 -37.74
N GLY D 146 8.37 50.15 -36.75
CA GLY D 146 7.95 49.38 -35.58
C GLY D 146 9.08 49.07 -34.64
N ALA D 147 8.83 48.14 -33.71
CA ALA D 147 9.85 47.70 -32.77
C ALA D 147 10.15 46.24 -33.01
N THR D 148 11.33 45.79 -32.60
CA THR D 148 11.73 44.39 -32.79
C THR D 148 12.07 43.79 -31.44
N CYS D 149 11.54 42.60 -31.16
CA CYS D 149 11.88 41.88 -29.92
C CYS D 149 12.20 40.42 -30.17
N ALA D 150 12.96 39.84 -29.26
CA ALA D 150 13.39 38.45 -29.39
C ALA D 150 13.34 37.76 -28.04
N VAL D 151 13.05 36.47 -28.06
CA VAL D 151 13.08 35.63 -26.88
C VAL D 151 13.58 34.25 -27.29
N LYS D 152 14.49 33.68 -26.50
CA LYS D 152 15.01 32.36 -26.79
C LYS D 152 14.23 31.31 -26.01
N PHE D 153 13.93 30.20 -26.65
CA PHE D 153 13.31 29.06 -26.00
C PHE D 153 14.25 27.87 -26.08
N GLY D 154 14.37 27.13 -24.98
CA GLY D 154 15.21 25.93 -24.98
C GLY D 154 15.10 25.11 -23.71
N SER D 155 15.76 23.97 -23.67
CA SER D 155 15.74 23.14 -22.48
C SER D 155 16.41 23.92 -21.35
N TRP D 156 15.96 23.69 -20.12
CA TRP D 156 16.56 24.37 -19.00
C TRP D 156 17.82 23.67 -18.47
N VAL D 157 17.85 22.34 -18.51
CA VAL D 157 18.95 21.56 -17.91
C VAL D 157 19.64 20.56 -18.84
N TYR D 158 19.09 20.41 -20.04
CA TYR D 158 19.60 19.45 -21.03
C TYR D 158 20.41 20.14 -22.13
N SER D 159 21.61 19.61 -22.39
CA SER D 159 22.44 20.10 -23.45
C SER D 159 22.00 19.52 -24.80
N GLY D 160 22.65 19.98 -25.87
CA GLY D 160 22.35 19.50 -27.22
C GLY D 160 22.64 18.02 -27.40
N PHE D 161 23.54 17.50 -26.58
CA PHE D 161 23.87 16.08 -26.56
C PHE D 161 22.73 15.20 -26.02
N GLU D 162 21.79 15.80 -25.30
CA GLU D 162 20.67 15.05 -24.74
C GLU D 162 19.37 15.42 -25.46
N ILE D 163 19.08 16.72 -25.54
CA ILE D 163 17.94 17.22 -26.30
C ILE D 163 18.43 18.13 -27.40
N ASP D 164 18.13 17.77 -28.64
CA ASP D 164 18.35 18.65 -29.76
C ASP D 164 17.01 19.28 -30.10
N LEU D 165 17.05 20.54 -30.52
CA LEU D 165 15.83 21.23 -31.01
C LEU D 165 15.87 21.35 -32.51
N LYS D 166 14.68 21.39 -33.11
CA LYS D 166 14.55 21.72 -34.51
C LYS D 166 13.19 22.34 -34.81
N THR D 167 13.13 23.09 -35.91
CA THR D 167 11.86 23.68 -36.35
C THR D 167 11.49 23.06 -37.67
N ASP D 168 10.19 23.06 -37.99
CA ASP D 168 9.76 22.62 -39.32
C ASP D 168 9.95 23.74 -40.35
N THR D 169 9.97 24.98 -39.86
CA THR D 169 10.08 26.16 -40.69
C THR D 169 10.54 27.35 -39.88
N ASP D 170 11.06 28.36 -40.58
CA ASP D 170 11.51 29.61 -39.98
C ASP D 170 10.39 30.61 -39.72
N GLN D 171 9.23 30.36 -40.33
CA GLN D 171 8.10 31.26 -40.21
C GLN D 171 7.24 30.89 -39.06
N VAL D 172 7.12 31.84 -38.13
CA VAL D 172 6.12 31.74 -37.09
C VAL D 172 4.76 31.81 -37.78
N ASP D 173 3.88 30.87 -37.44
CA ASP D 173 2.55 30.77 -38.02
C ASP D 173 1.61 31.92 -37.60
N LEU D 174 1.33 32.79 -38.55
CA LEU D 174 0.55 33.99 -38.26
C LEU D 174 -0.91 33.93 -38.74
N SER D 175 -1.35 32.76 -39.18
CA SER D 175 -2.68 32.60 -39.76
C SER D 175 -3.77 32.70 -38.69
N SER D 176 -3.37 32.66 -37.41
CA SER D 176 -4.32 32.74 -36.30
C SER D 176 -4.13 34.02 -35.50
N TYR D 177 -3.30 34.94 -35.99
CA TYR D 177 -3.08 36.21 -35.30
C TYR D 177 -4.34 37.05 -35.28
N TYR D 178 -4.64 37.57 -34.11
CA TYR D 178 -5.88 38.30 -33.89
C TYR D 178 -5.99 39.48 -34.84
N ALA D 179 -6.98 39.39 -35.72
CA ALA D 179 -7.19 40.39 -36.77
C ALA D 179 -7.24 41.82 -36.22
N SER D 180 -7.86 42.00 -35.05
CA SER D 180 -8.10 43.33 -34.50
C SER D 180 -7.23 43.65 -33.28
N SER D 181 -6.05 43.05 -33.21
CA SER D 181 -5.10 43.34 -32.13
C SER D 181 -4.68 44.80 -32.12
N LYS D 182 -4.22 45.29 -30.97
CA LYS D 182 -3.66 46.63 -30.85
C LYS D 182 -2.37 46.77 -31.64
N TYR D 183 -1.71 45.64 -31.90
CA TYR D 183 -0.44 45.63 -32.61
C TYR D 183 -0.51 44.67 -33.78
N GLU D 184 0.04 45.09 -34.93
CA GLU D 184 0.14 44.19 -36.07
C GLU D 184 1.56 43.65 -36.29
N ILE D 185 1.66 42.42 -36.81
CA ILE D 185 2.95 41.75 -36.99
C ILE D 185 3.53 42.13 -38.32
N LEU D 186 4.75 42.63 -38.30
CA LEU D 186 5.46 42.93 -39.53
C LEU D 186 6.28 41.73 -40.02
N SER D 187 6.86 41.00 -39.08
CA SER D 187 7.43 39.67 -39.33
C SER D 187 7.60 38.92 -38.03
N ALA D 188 7.59 37.60 -38.12
CA ALA D 188 7.82 36.74 -36.96
C ALA D 188 8.54 35.49 -37.41
N THR D 189 9.75 35.30 -36.89
CA THR D 189 10.59 34.15 -37.26
C THR D 189 10.92 33.30 -36.04
N GLN D 190 11.25 32.04 -36.30
CA GLN D 190 11.71 31.10 -35.27
C GLN D 190 12.94 30.41 -35.83
N THR D 191 14.08 30.63 -35.18
CA THR D 191 15.34 30.22 -35.75
C THR D 191 16.12 29.36 -34.76
N ARG D 192 16.67 28.25 -35.25
CA ARG D 192 17.42 27.35 -34.42
C ARG D 192 18.80 27.93 -34.20
N GLN D 193 19.27 27.86 -32.97
CA GLN D 193 20.59 28.36 -32.63
C GLN D 193 21.41 27.32 -31.88
N VAL D 194 22.68 27.23 -32.23
CA VAL D 194 23.63 26.42 -31.49
C VAL D 194 24.58 27.37 -30.77
N GLN D 195 24.44 27.33 -29.44
CA GLN D 195 25.25 28.12 -28.49
C GLN D 195 26.25 27.24 -27.70
N HIS D 196 27.40 27.84 -27.37
CA HIS D 196 28.40 27.18 -26.55
C HIS D 196 28.77 28.09 -25.36
N TYR D 197 29.19 27.47 -24.27
CA TYR D 197 29.57 28.17 -23.04
C TYR D 197 30.96 27.77 -22.61
N SER D 198 31.71 28.74 -22.09
CA SER D 198 33.15 28.55 -21.87
C SER D 198 33.50 27.48 -20.83
N CYS D 199 32.48 27.00 -20.12
CA CYS D 199 32.65 26.08 -19.00
C CYS D 199 32.39 24.64 -19.39
N CYS D 200 31.96 24.44 -20.62
CA CYS D 200 31.09 23.33 -20.90
C CYS D 200 31.28 22.89 -22.33
N PRO D 201 31.92 21.73 -22.54
CA PRO D 201 32.30 21.32 -23.90
C PRO D 201 31.13 21.03 -24.83
N GLU D 202 29.95 20.84 -24.27
CA GLU D 202 28.77 20.44 -25.05
C GLU D 202 27.96 21.60 -25.67
N PRO D 203 27.36 21.36 -26.86
CA PRO D 203 26.52 22.36 -27.52
C PRO D 203 25.21 22.53 -26.79
N TYR D 204 24.63 23.72 -26.86
CA TYR D 204 23.26 23.96 -26.37
C TYR D 204 22.39 24.40 -27.53
N ILE D 205 21.12 24.06 -27.48
CA ILE D 205 20.26 24.45 -28.57
C ILE D 205 19.19 25.34 -28.02
N ASP D 206 18.82 26.37 -28.79
CA ASP D 206 17.59 27.10 -28.51
C ASP D 206 16.90 27.51 -29.80
N VAL D 207 15.63 27.83 -29.69
CA VAL D 207 14.92 28.45 -30.80
C VAL D 207 14.69 29.92 -30.46
N ASN D 208 15.15 30.78 -31.36
CA ASN D 208 15.04 32.22 -31.19
C ASN D 208 13.83 32.81 -31.91
N LEU D 209 12.84 33.21 -31.11
CA LEU D 209 11.61 33.80 -31.63
C LEU D 209 11.81 35.29 -31.77
N VAL D 210 11.73 35.80 -33.00
CA VAL D 210 11.97 37.22 -33.24
C VAL D 210 10.76 37.85 -33.87
N VAL D 211 10.17 38.84 -33.19
CA VAL D 211 8.97 39.51 -33.66
C VAL D 211 9.20 40.99 -33.96
N LYS D 212 8.79 41.40 -35.16
CA LYS D 212 8.72 42.81 -35.50
C LYS D 212 7.29 43.28 -35.53
N PHE D 213 6.95 44.26 -34.71
CA PHE D 213 5.58 44.72 -34.60
C PHE D 213 5.44 46.23 -34.48
N ARG D 214 4.23 46.73 -34.70
CA ARG D 214 3.93 48.16 -34.56
C ARG D 214 2.46 48.36 -34.18
N GLU D 215 2.13 49.57 -33.76
CA GLU D 215 0.76 49.89 -33.41
C GLU D 215 -0.12 49.88 -34.65
N ARG D 216 -1.35 49.45 -34.46
CA ARG D 216 -2.32 49.27 -35.55
C ARG D 216 -2.43 50.55 -36.39
N ARG D 217 -2.27 50.41 -37.71
CA ARG D 217 -2.34 51.56 -38.64
C ARG D 217 -3.78 51.86 -39.07
N ASP E 1 -36.59 7.59 15.40
CA ASP E 1 -35.86 6.77 16.40
C ASP E 1 -34.79 5.92 15.72
N TYR E 2 -34.62 4.68 16.18
CA TYR E 2 -33.64 3.74 15.62
C TYR E 2 -33.98 3.33 14.20
N LYS E 3 -35.26 3.13 13.90
CA LYS E 3 -35.68 2.70 12.56
C LYS E 3 -35.36 3.73 11.48
N ASP E 4 -35.70 5.00 11.72
CA ASP E 4 -35.30 6.02 10.73
C ASP E 4 -33.85 6.52 10.86
N ASP E 5 -33.12 6.03 11.86
CA ASP E 5 -31.66 6.16 11.87
C ASP E 5 -31.04 5.08 10.99
N ASP E 6 -31.61 3.88 11.07
CA ASP E 6 -31.23 2.74 10.23
C ASP E 6 -31.69 2.94 8.79
N ASP E 7 -32.80 3.66 8.62
CA ASP E 7 -33.28 4.06 7.30
C ASP E 7 -32.30 4.94 6.61
N LYS E 8 -31.85 5.99 7.29
CA LYS E 8 -30.89 6.94 6.71
C LYS E 8 -29.57 6.24 6.37
N LEU E 9 -29.15 5.35 7.26
CA LEU E 9 -27.98 4.50 7.07
C LEU E 9 -28.11 3.60 5.84
N HIS E 10 -29.28 3.00 5.68
CA HIS E 10 -29.57 2.18 4.51
C HIS E 10 -29.41 2.99 3.22
N SER E 11 -30.02 4.17 3.16
CA SER E 11 -29.96 5.02 1.99
C SER E 11 -28.53 5.46 1.68
N GLN E 12 -27.73 5.63 2.73
CA GLN E 12 -26.33 5.99 2.59
C GLN E 12 -25.55 4.85 2.00
N ALA E 13 -25.77 3.64 2.52
CA ALA E 13 -25.11 2.45 2.03
C ALA E 13 -25.41 2.19 0.57
N ASN E 14 -26.66 2.39 0.15
CA ASN E 14 -27.01 2.23 -1.26
C ASN E 14 -26.22 3.14 -2.17
N LEU E 15 -26.10 4.42 -1.79
CA LEU E 15 -25.31 5.38 -2.57
C LEU E 15 -23.84 4.99 -2.62
N MET E 16 -23.31 4.59 -1.46
CA MET E 16 -21.96 4.08 -1.35
C MET E 16 -21.71 2.94 -2.31
N ARG E 17 -22.62 1.97 -2.31
CA ARG E 17 -22.57 0.84 -3.20
C ARG E 17 -22.57 1.28 -4.65
N LEU E 18 -23.49 2.17 -5.01
CA LEU E 18 -23.59 2.64 -6.38
C LEU E 18 -22.30 3.27 -6.85
N LYS E 19 -21.80 4.23 -6.07
CA LYS E 19 -20.58 4.94 -6.41
C LYS E 19 -19.39 3.98 -6.48
N SER E 20 -19.27 3.09 -5.51
CA SER E 20 -18.18 2.10 -5.50
C SER E 20 -18.25 1.18 -6.71
N ASP E 21 -19.46 0.78 -7.09
CA ASP E 21 -19.64 -0.08 -8.25
C ASP E 21 -19.33 0.69 -9.52
N LEU E 22 -19.79 1.93 -9.60
CA LEU E 22 -19.57 2.75 -10.78
C LEU E 22 -18.09 3.11 -10.99
N PHE E 23 -17.36 3.37 -9.91
CA PHE E 23 -15.97 3.76 -10.02
C PHE E 23 -15.06 2.57 -10.30
N ASN E 24 -15.30 1.47 -9.59
CA ASN E 24 -14.51 0.26 -9.76
C ASN E 24 -14.84 -0.59 -10.99
N ARG E 25 -15.76 -0.12 -11.82
CA ARG E 25 -16.16 -0.93 -12.98
C ARG E 25 -14.96 -1.07 -13.91
N SER E 26 -14.75 -2.29 -14.41
CA SER E 26 -13.64 -2.58 -15.33
C SER E 26 -13.87 -1.85 -16.69
N PRO E 27 -12.86 -1.79 -17.57
CA PRO E 27 -12.19 -0.74 -18.30
C PRO E 27 -12.20 0.73 -17.83
N MET E 28 -12.25 1.00 -16.52
CA MET E 28 -12.44 2.39 -16.08
C MET E 28 -12.11 3.42 -17.21
N TYR E 29 -13.18 3.76 -17.96
CA TYR E 29 -13.26 4.66 -19.13
C TYR E 29 -12.02 5.48 -19.54
N PRO E 30 -11.50 5.27 -20.78
CA PRO E 30 -10.29 5.93 -21.23
C PRO E 30 -10.47 7.17 -22.12
N GLY E 31 -11.59 7.87 -22.02
CA GLY E 31 -11.91 8.97 -22.95
C GLY E 31 -12.60 8.51 -24.23
N PRO E 32 -13.29 9.43 -24.93
CA PRO E 32 -13.86 9.09 -26.24
C PRO E 32 -12.81 8.71 -27.28
N THR E 33 -13.21 7.83 -28.19
CA THR E 33 -12.36 7.39 -29.30
C THR E 33 -13.23 7.38 -30.57
N LYS E 34 -12.61 7.09 -31.72
CA LYS E 34 -13.35 6.92 -32.96
C LYS E 34 -14.43 5.84 -32.87
N ASP E 35 -14.10 4.68 -32.30
CA ASP E 35 -15.07 3.58 -32.17
C ASP E 35 -16.10 3.82 -31.05
N ASP E 36 -15.86 4.85 -30.25
CA ASP E 36 -16.67 5.11 -29.07
C ASP E 36 -16.86 6.61 -28.88
N PRO E 37 -17.42 7.30 -29.89
CA PRO E 37 -17.50 8.75 -29.87
C PRO E 37 -18.51 9.28 -28.87
N LEU E 38 -18.52 10.60 -28.70
CA LEU E 38 -19.28 11.25 -27.66
C LEU E 38 -19.85 12.57 -28.14
N THR E 39 -21.01 12.96 -27.63
CA THR E 39 -21.55 14.27 -27.95
C THR E 39 -21.64 15.12 -26.71
N VAL E 40 -20.99 16.27 -26.73
CA VAL E 40 -21.08 17.22 -25.64
C VAL E 40 -22.01 18.35 -26.04
N THR E 41 -23.00 18.62 -25.19
CA THR E 41 -23.90 19.75 -25.41
C THR E 41 -23.43 20.98 -24.63
N LEU E 42 -23.27 22.10 -25.34
CA LEU E 42 -22.85 23.36 -24.73
C LEU E 42 -23.97 24.36 -24.69
N GLY E 43 -24.03 25.11 -23.59
CA GLY E 43 -24.93 26.25 -23.47
C GLY E 43 -24.22 27.31 -22.65
N PHE E 44 -24.54 28.58 -22.91
CA PHE E 44 -24.02 29.65 -22.08
C PHE E 44 -25.13 30.46 -21.42
N THR E 45 -25.01 30.61 -20.11
CA THR E 45 -25.77 31.64 -19.41
C THR E 45 -24.81 32.80 -19.12
N LEU E 46 -25.03 33.92 -19.80
CA LEU E 46 -24.14 35.05 -19.70
C LEU E 46 -24.59 35.96 -18.58
N GLN E 47 -23.70 36.18 -17.61
CA GLN E 47 -24.01 36.95 -16.40
C GLN E 47 -23.63 38.41 -16.47
N ASP E 48 -22.40 38.68 -16.87
CA ASP E 48 -21.88 40.04 -16.85
C ASP E 48 -20.78 40.24 -17.87
N ILE E 49 -20.78 41.39 -18.52
CA ILE E 49 -19.56 41.90 -19.14
C ILE E 49 -18.95 42.84 -18.09
N VAL E 50 -17.86 42.42 -17.48
CA VAL E 50 -17.32 43.17 -16.36
C VAL E 50 -16.48 44.33 -16.86
N LYS E 51 -15.66 44.07 -17.86
CA LYS E 51 -14.58 44.98 -18.24
C LYS E 51 -14.34 44.90 -19.74
N ALA E 52 -14.18 46.07 -20.36
CA ALA E 52 -13.76 46.13 -21.74
C ALA E 52 -12.51 47.00 -21.80
N ASP E 53 -11.34 46.36 -21.86
CA ASP E 53 -10.08 47.12 -21.90
C ASP E 53 -9.74 47.48 -23.33
N SER E 54 -9.90 48.77 -23.65
CA SER E 54 -9.69 49.24 -25.02
C SER E 54 -8.22 49.53 -25.35
N SER E 55 -7.37 49.54 -24.33
CA SER E 55 -5.94 49.73 -24.53
C SER E 55 -5.19 48.42 -24.77
N THR E 56 -5.88 47.29 -24.57
CA THR E 56 -5.32 45.98 -24.91
C THR E 56 -6.25 45.10 -25.74
N ASN E 57 -7.44 45.61 -26.05
CA ASN E 57 -8.47 44.82 -26.71
C ASN E 57 -8.69 43.46 -26.05
N GLU E 58 -8.95 43.49 -24.75
CA GLU E 58 -9.35 42.34 -23.94
C GLU E 58 -10.71 42.63 -23.34
N VAL E 59 -11.61 41.65 -23.37
CA VAL E 59 -12.92 41.79 -22.74
C VAL E 59 -13.16 40.67 -21.73
N ASP E 60 -13.77 41.03 -20.59
CA ASP E 60 -13.96 40.11 -19.46
C ASP E 60 -15.44 39.71 -19.30
N LEU E 61 -15.72 38.42 -19.47
CA LEU E 61 -17.06 37.89 -19.29
C LEU E 61 -17.15 36.99 -18.09
N VAL E 62 -18.31 36.99 -17.45
CA VAL E 62 -18.66 36.02 -16.43
C VAL E 62 -19.89 35.27 -16.96
N TYR E 63 -19.78 33.95 -17.04
CA TYR E 63 -20.85 33.12 -17.57
C TYR E 63 -20.92 31.78 -16.85
N TYR E 64 -22.03 31.09 -16.99
CA TYR E 64 -22.13 29.69 -16.63
C TYR E 64 -22.01 28.92 -17.92
N GLU E 65 -21.08 27.99 -17.95
CA GLU E 65 -20.86 27.16 -19.11
C GLU E 65 -21.44 25.81 -18.80
N GLN E 66 -22.52 25.48 -19.45
CA GLN E 66 -23.22 24.26 -19.12
C GLN E 66 -22.81 23.15 -20.06
N GLN E 67 -22.34 22.06 -19.49
CA GLN E 67 -21.84 20.94 -20.26
C GLN E 67 -22.66 19.68 -20.00
N ARG E 68 -22.93 18.93 -21.06
CA ARG E 68 -23.69 17.69 -20.93
C ARG E 68 -23.15 16.60 -21.84
N TRP E 69 -23.07 15.38 -21.31
CA TRP E 69 -22.71 14.22 -22.09
C TRP E 69 -23.24 12.94 -21.44
N LYS E 70 -23.18 11.83 -22.15
CA LYS E 70 -23.76 10.59 -21.67
C LYS E 70 -22.81 9.42 -21.87
N LEU E 71 -22.51 8.69 -20.80
CA LEU E 71 -21.62 7.54 -20.90
C LEU E 71 -22.35 6.28 -20.52
N ASN E 72 -22.20 5.24 -21.34
CA ASN E 72 -22.74 3.93 -20.98
C ASN E 72 -22.21 3.44 -19.64
N SER E 73 -20.95 3.73 -19.38
CA SER E 73 -20.27 3.32 -18.16
C SER E 73 -20.74 4.04 -16.90
N LEU E 74 -21.68 4.97 -17.05
CA LEU E 74 -22.26 5.63 -15.87
C LEU E 74 -23.73 5.27 -15.70
N MET E 75 -24.22 4.36 -16.53
CA MET E 75 -25.58 3.83 -16.46
C MET E 75 -25.76 2.95 -15.25
N TRP E 76 -26.94 2.97 -14.66
CA TRP E 76 -27.35 1.96 -13.69
C TRP E 76 -28.85 1.79 -13.64
N ASP E 77 -29.30 0.68 -13.07
CA ASP E 77 -30.72 0.46 -12.88
C ASP E 77 -31.11 0.87 -11.46
N PRO E 78 -31.90 1.95 -11.31
CA PRO E 78 -32.27 2.45 -9.99
C PRO E 78 -32.84 1.36 -9.11
N ASN E 79 -33.46 0.36 -9.73
CA ASN E 79 -34.05 -0.76 -9.00
C ASN E 79 -33.05 -1.59 -8.25
N GLU E 80 -31.82 -1.65 -8.76
CA GLU E 80 -30.74 -2.38 -8.11
C GLU E 80 -30.04 -1.53 -7.06
N TYR E 81 -30.31 -0.24 -7.05
CA TYR E 81 -29.62 0.66 -6.14
C TYR E 81 -30.55 1.50 -5.29
N GLY E 82 -31.52 0.84 -4.66
CA GLY E 82 -32.46 1.49 -3.76
C GLY E 82 -33.17 2.70 -4.33
N ASN E 83 -33.63 2.59 -5.57
CA ASN E 83 -34.34 3.64 -6.29
C ASN E 83 -33.59 4.95 -6.47
N ILE E 84 -32.27 4.94 -6.26
CA ILE E 84 -31.44 6.13 -6.47
C ILE E 84 -31.40 6.45 -7.96
N THR E 85 -31.67 7.71 -8.30
CA THR E 85 -31.79 8.08 -9.72
C THR E 85 -30.68 9.00 -10.19
N ASP E 86 -29.98 9.61 -9.24
CA ASP E 86 -28.95 10.59 -9.56
C ASP E 86 -28.08 10.86 -8.33
N PHE E 87 -26.81 11.21 -8.55
CA PHE E 87 -25.93 11.58 -7.44
C PHE E 87 -25.02 12.74 -7.80
N ARG E 88 -24.54 13.44 -6.76
CA ARG E 88 -23.55 14.48 -6.95
C ARG E 88 -22.18 13.91 -6.69
N THR E 89 -21.21 14.24 -7.52
CA THR E 89 -19.84 13.84 -7.28
C THR E 89 -18.85 14.91 -7.71
N SER E 90 -17.68 14.91 -7.11
CA SER E 90 -16.64 15.87 -7.52
C SER E 90 -16.28 15.66 -8.97
N ALA E 91 -16.08 16.75 -9.70
CA ALA E 91 -15.75 16.67 -11.12
C ALA E 91 -14.39 16.01 -11.36
N ALA E 92 -13.54 16.01 -10.34
CA ALA E 92 -12.25 15.32 -10.45
C ALA E 92 -12.39 13.80 -10.34
N ASP E 93 -13.57 13.32 -9.96
CA ASP E 93 -13.81 11.88 -9.78
C ASP E 93 -14.20 11.22 -11.09
N ILE E 94 -14.44 12.03 -12.12
CA ILE E 94 -14.94 11.54 -13.40
C ILE E 94 -14.24 12.20 -14.56
N TRP E 95 -14.25 11.54 -15.71
CA TRP E 95 -13.78 12.16 -16.93
C TRP E 95 -14.70 13.35 -17.22
N THR E 96 -14.11 14.45 -17.70
CA THR E 96 -14.86 15.63 -18.16
C THR E 96 -14.24 16.11 -19.47
N PRO E 97 -15.04 16.76 -20.35
CA PRO E 97 -14.49 17.12 -21.65
C PRO E 97 -13.56 18.32 -21.53
N ASP E 98 -12.60 18.43 -22.44
CA ASP E 98 -11.55 19.44 -22.39
C ASP E 98 -11.94 20.67 -23.20
N ILE E 99 -13.15 21.17 -22.94
CA ILE E 99 -13.70 22.30 -23.69
C ILE E 99 -12.99 23.59 -23.31
N THR E 100 -12.32 24.21 -24.28
CA THR E 100 -11.57 25.44 -24.03
C THR E 100 -11.99 26.58 -24.94
N ALA E 101 -11.84 27.81 -24.46
CA ALA E 101 -11.97 28.99 -25.29
C ALA E 101 -10.70 29.10 -26.13
N TYR E 102 -10.86 29.30 -27.43
CA TYR E 102 -9.70 29.31 -28.33
C TYR E 102 -8.91 30.61 -28.32
N SER E 103 -9.53 31.71 -27.90
CA SER E 103 -8.87 33.01 -27.94
C SER E 103 -8.87 33.75 -26.59
N SER E 104 -8.61 33.03 -25.50
CA SER E 104 -8.45 33.67 -24.18
C SER E 104 -7.10 34.37 -24.06
N THR E 105 -7.01 35.33 -23.16
CA THR E 105 -5.76 36.05 -22.95
C THR E 105 -5.21 35.84 -21.54
N ARG E 106 -6.00 35.20 -20.69
CA ARG E 106 -5.60 34.86 -19.34
C ARG E 106 -6.16 33.47 -19.03
N PRO E 107 -5.52 32.71 -18.14
CA PRO E 107 -6.16 31.44 -17.79
C PRO E 107 -7.55 31.69 -17.25
N VAL E 108 -8.53 30.91 -17.70
CA VAL E 108 -9.89 31.03 -17.20
C VAL E 108 -9.92 30.89 -15.69
N GLN E 109 -10.80 31.63 -15.03
CA GLN E 109 -10.95 31.52 -13.59
C GLN E 109 -12.27 30.86 -13.23
N VAL E 110 -12.20 29.82 -12.40
CA VAL E 110 -13.40 29.08 -12.00
C VAL E 110 -14.00 29.72 -10.75
N LEU E 111 -15.29 30.06 -10.83
CA LEU E 111 -15.94 30.82 -9.77
C LEU E 111 -16.77 29.96 -8.87
N SER E 112 -17.10 28.75 -9.32
CA SER E 112 -17.99 27.84 -8.61
C SER E 112 -17.27 26.57 -8.18
N PRO E 113 -17.87 25.76 -7.29
CA PRO E 113 -17.33 24.43 -7.10
C PRO E 113 -17.32 23.57 -8.37
N GLN E 114 -16.39 22.61 -8.38
CA GLN E 114 -16.24 21.66 -9.47
C GLN E 114 -17.00 20.38 -9.13
N ILE E 115 -18.32 20.41 -9.29
CA ILE E 115 -19.13 19.28 -8.91
C ILE E 115 -20.08 18.99 -10.04
N ALA E 116 -20.18 17.71 -10.40
CA ALA E 116 -21.07 17.29 -11.47
C ALA E 116 -22.25 16.49 -10.93
N VAL E 117 -23.30 16.40 -11.73
CA VAL E 117 -24.46 15.64 -11.35
C VAL E 117 -24.64 14.50 -12.34
N VAL E 118 -24.66 13.26 -11.83
CA VAL E 118 -24.81 12.07 -12.68
C VAL E 118 -26.20 11.45 -12.53
N THR E 119 -26.80 11.10 -13.65
CA THR E 119 -28.14 10.51 -13.69
C THR E 119 -28.07 9.07 -14.19
N HIS E 120 -29.05 8.25 -13.79
CA HIS E 120 -29.02 6.81 -14.03
C HIS E 120 -28.90 6.36 -15.48
N ASP E 121 -29.33 7.19 -16.41
CA ASP E 121 -29.15 6.91 -17.84
C ASP E 121 -27.71 7.13 -18.31
N GLY E 122 -26.84 7.56 -17.40
CA GLY E 122 -25.44 7.74 -17.69
C GLY E 122 -25.08 9.14 -18.11
N SER E 123 -26.04 10.05 -18.06
CA SER E 123 -25.78 11.44 -18.44
C SER E 123 -25.19 12.25 -17.28
N VAL E 124 -24.19 13.05 -17.60
CA VAL E 124 -23.52 13.89 -16.64
C VAL E 124 -23.86 15.34 -16.96
N MET E 125 -24.06 16.12 -15.92
CA MET E 125 -24.24 17.55 -16.09
C MET E 125 -23.30 18.34 -15.21
N PHE E 126 -22.52 19.19 -15.86
CA PHE E 126 -21.46 19.96 -15.22
C PHE E 126 -21.60 21.42 -15.67
N ILE E 127 -21.82 22.33 -14.72
CA ILE E 127 -22.09 23.75 -15.01
C ILE E 127 -21.21 24.69 -14.19
N PRO E 128 -19.92 24.80 -14.54
CA PRO E 128 -19.04 25.72 -13.83
C PRO E 128 -19.25 27.19 -14.21
N ALA E 129 -19.17 28.07 -13.21
CA ALA E 129 -19.16 29.50 -13.43
C ALA E 129 -17.72 29.95 -13.69
N GLN E 130 -17.52 30.81 -14.68
CA GLN E 130 -16.18 31.22 -15.05
C GLN E 130 -16.08 32.71 -15.33
N ARG E 131 -14.90 33.28 -15.10
CA ARG E 131 -14.55 34.58 -15.63
C ARG E 131 -13.50 34.35 -16.71
N LEU E 132 -13.77 34.84 -17.91
CA LEU E 132 -12.88 34.66 -19.05
C LEU E 132 -12.44 35.99 -19.62
N SER E 133 -11.13 36.17 -19.81
CA SER E 133 -10.60 37.30 -20.57
C SER E 133 -10.25 36.82 -21.96
N PHE E 134 -10.80 37.46 -22.97
CA PHE E 134 -10.51 37.03 -24.33
C PHE E 134 -10.29 38.21 -25.27
N MET E 135 -9.73 37.92 -26.43
CA MET E 135 -9.42 38.94 -27.43
C MET E 135 -10.68 39.47 -28.01
N CYS E 136 -10.88 40.77 -27.86
CA CYS E 136 -12.05 41.45 -28.34
C CYS E 136 -11.78 42.95 -28.37
N ASP E 137 -11.99 43.55 -29.54
CA ASP E 137 -11.84 44.98 -29.74
C ASP E 137 -13.16 45.71 -29.46
N PRO E 138 -13.21 46.52 -28.38
CA PRO E 138 -14.46 47.14 -27.98
C PRO E 138 -14.80 48.48 -28.67
N THR E 139 -14.20 48.76 -29.82
CA THR E 139 -14.45 50.01 -30.53
C THR E 139 -15.92 50.13 -30.89
N GLY E 140 -16.52 51.28 -30.54
CA GLY E 140 -17.92 51.54 -30.87
C GLY E 140 -18.89 51.08 -29.79
N VAL E 141 -18.35 50.57 -28.69
CA VAL E 141 -19.18 50.22 -27.53
C VAL E 141 -19.78 51.50 -26.92
N ASP E 142 -19.10 52.61 -27.17
CA ASP E 142 -19.51 53.94 -26.74
C ASP E 142 -20.56 54.53 -27.68
N SER E 143 -20.93 53.79 -28.71
CA SER E 143 -21.92 54.24 -29.70
C SER E 143 -23.23 53.46 -29.60
N GLU E 144 -24.17 53.73 -30.49
CA GLU E 144 -25.49 53.12 -30.44
C GLU E 144 -25.54 51.68 -30.95
N GLU E 145 -24.83 51.38 -32.04
CA GLU E 145 -24.78 50.02 -32.59
C GLU E 145 -23.88 49.11 -31.78
N GLY E 146 -23.06 49.70 -30.92
CA GLY E 146 -22.22 48.95 -30.01
C GLY E 146 -21.03 48.27 -30.68
N ALA E 147 -20.40 47.35 -29.95
CA ALA E 147 -19.29 46.58 -30.46
C ALA E 147 -19.71 45.12 -30.53
N THR E 148 -19.05 44.35 -31.39
CA THR E 148 -19.35 42.93 -31.53
C THR E 148 -18.09 42.11 -31.28
N CYS E 149 -18.20 41.07 -30.47
CA CYS E 149 -17.08 40.18 -30.22
C CYS E 149 -17.46 38.72 -30.31
N ALA E 150 -16.48 37.87 -30.60
CA ALA E 150 -16.70 36.44 -30.75
C ALA E 150 -15.57 35.66 -30.09
N VAL E 151 -15.91 34.49 -29.55
CA VAL E 151 -14.92 33.57 -29.04
C VAL E 151 -15.40 32.17 -29.35
N LYS E 152 -14.48 31.31 -29.80
CA LYS E 152 -14.85 29.93 -30.09
C LYS E 152 -14.51 29.03 -28.90
N PHE E 153 -15.41 28.10 -28.62
CA PHE E 153 -15.20 27.08 -27.60
C PHE E 153 -15.18 25.71 -28.27
N GLY E 154 -14.24 24.87 -27.89
CA GLY E 154 -14.21 23.52 -28.42
C GLY E 154 -13.21 22.62 -27.72
N SER E 155 -13.17 21.35 -28.09
CA SER E 155 -12.21 20.43 -27.49
C SER E 155 -10.82 20.91 -27.86
N TRP E 156 -9.85 20.66 -26.99
CA TRP E 156 -8.49 21.04 -27.29
C TRP E 156 -7.75 20.00 -28.13
N VAL E 157 -8.00 18.72 -27.88
CA VAL E 157 -7.25 17.64 -28.55
C VAL E 157 -8.08 16.61 -29.30
N TYR E 158 -9.40 16.69 -29.16
CA TYR E 158 -10.33 15.76 -29.79
C TYR E 158 -10.98 16.33 -31.03
N SER E 159 -10.96 15.56 -32.11
CA SER E 159 -11.63 15.95 -33.35
C SER E 159 -13.12 15.63 -33.29
N GLY E 160 -13.83 15.98 -34.35
CA GLY E 160 -15.27 15.74 -34.46
C GLY E 160 -15.62 14.28 -34.46
N PHE E 161 -14.67 13.46 -34.90
CA PHE E 161 -14.79 12.01 -34.87
C PHE E 161 -14.78 11.38 -33.48
N GLU E 162 -14.30 12.13 -32.48
CA GLU E 162 -14.25 11.65 -31.11
C GLU E 162 -15.26 12.39 -30.23
N ILE E 163 -15.18 13.72 -30.24
CA ILE E 163 -16.16 14.56 -29.55
C ILE E 163 -16.89 15.43 -30.56
N ASP E 164 -18.20 15.28 -30.61
CA ASP E 164 -19.05 16.17 -31.37
C ASP E 164 -19.69 17.15 -30.39
N LEU E 165 -19.84 18.39 -30.82
CA LEU E 165 -20.51 19.42 -30.02
C LEU E 165 -21.89 19.69 -30.56
N LYS E 166 -22.78 20.09 -29.68
CA LYS E 166 -24.09 20.56 -30.09
C LYS E 166 -24.68 21.54 -29.08
N THR E 167 -25.62 22.37 -29.52
CA THR E 167 -26.27 23.30 -28.61
C THR E 167 -27.73 22.94 -28.59
N ASP E 168 -28.42 23.30 -27.52
CA ASP E 168 -29.87 23.10 -27.48
C ASP E 168 -30.58 24.24 -28.21
N THR E 169 -29.91 25.38 -28.29
CA THR E 169 -30.47 26.58 -28.91
C THR E 169 -29.35 27.54 -29.32
N ASP E 170 -29.66 28.43 -30.25
CA ASP E 170 -28.73 29.48 -30.70
C ASP E 170 -28.66 30.66 -29.76
N GLN E 171 -29.62 30.75 -28.85
CA GLN E 171 -29.75 31.88 -27.94
C GLN E 171 -28.99 31.67 -26.67
N VAL E 172 -27.97 32.49 -26.48
CA VAL E 172 -27.29 32.55 -25.21
C VAL E 172 -28.32 33.00 -24.18
N ASP E 173 -28.40 32.28 -23.06
CA ASP E 173 -29.35 32.57 -22.01
C ASP E 173 -29.06 33.89 -21.26
N LEU E 174 -29.88 34.90 -21.51
CA LEU E 174 -29.64 36.23 -20.95
C LEU E 174 -30.53 36.56 -19.76
N SER E 175 -31.27 35.58 -19.24
CA SER E 175 -32.24 35.81 -18.17
C SER E 175 -31.55 36.07 -16.84
N SER E 176 -30.25 35.81 -16.78
CA SER E 176 -29.49 36.06 -15.57
C SER E 176 -28.47 37.19 -15.73
N TYR E 177 -28.53 37.89 -16.85
CA TYR E 177 -27.61 38.99 -17.09
C TYR E 177 -27.80 40.09 -16.06
N TYR E 178 -26.69 40.53 -15.48
CA TYR E 178 -26.72 41.55 -14.44
C TYR E 178 -27.45 42.80 -14.92
N ALA E 179 -28.59 43.07 -14.28
CA ALA E 179 -29.45 44.19 -14.64
C ALA E 179 -28.69 45.51 -14.68
N SER E 180 -27.74 45.71 -13.77
CA SER E 180 -27.05 46.98 -13.63
C SER E 180 -25.59 46.94 -14.07
N SER E 181 -25.29 46.09 -15.04
CA SER E 181 -23.94 46.03 -15.59
C SER E 181 -23.55 47.33 -16.30
N LYS E 182 -22.25 47.56 -16.44
CA LYS E 182 -21.73 48.70 -17.17
C LYS E 182 -22.07 48.60 -18.65
N TYR E 183 -22.31 47.37 -19.12
CA TYR E 183 -22.61 47.10 -20.52
C TYR E 183 -23.90 46.32 -20.64
N GLU E 184 -24.74 46.70 -21.60
CA GLU E 184 -25.95 45.93 -21.89
C GLU E 184 -25.80 45.08 -23.16
N ILE E 185 -26.49 43.93 -23.18
CA ILE E 185 -26.40 43.00 -24.30
C ILE E 185 -27.42 43.34 -25.37
N LEU E 186 -26.94 43.52 -26.59
CA LEU E 186 -27.82 43.77 -27.72
C LEU E 186 -28.25 42.46 -28.39
N SER E 187 -27.32 41.51 -28.43
CA SER E 187 -27.60 40.11 -28.78
C SER E 187 -26.45 39.21 -28.35
N ALA E 188 -26.76 37.94 -28.10
CA ALA E 188 -25.75 36.96 -27.76
C ALA E 188 -26.17 35.61 -28.31
N THR E 189 -25.35 35.07 -29.20
CA THR E 189 -25.66 33.80 -29.87
C THR E 189 -24.57 32.78 -29.60
N GLN E 190 -24.92 31.50 -29.73
CA GLN E 190 -24.00 30.38 -29.63
C GLN E 190 -24.27 29.46 -30.80
N THR E 191 -23.30 29.34 -31.69
CA THR E 191 -23.53 28.67 -32.96
C THR E 191 -22.52 27.55 -33.18
N ARG E 192 -23.02 26.40 -33.60
CA ARG E 192 -22.16 25.24 -33.84
C ARG E 192 -21.47 25.45 -35.17
N GLN E 193 -20.18 25.13 -35.22
CA GLN E 193 -19.40 25.27 -36.43
C GLN E 193 -18.62 24.00 -36.70
N VAL E 194 -18.60 23.62 -37.97
CA VAL E 194 -17.75 22.53 -38.45
C VAL E 194 -16.66 23.15 -39.35
N GLN E 195 -15.41 23.04 -38.93
CA GLN E 195 -14.31 23.62 -39.68
C GLN E 195 -13.55 22.52 -40.40
N HIS E 196 -13.52 22.56 -41.72
CA HIS E 196 -12.72 21.62 -42.48
C HIS E 196 -11.45 22.35 -42.79
N TYR E 197 -10.31 21.80 -42.37
CA TYR E 197 -9.04 22.36 -42.81
C TYR E 197 -8.39 21.53 -43.91
N SER E 198 -7.40 22.15 -44.55
CA SER E 198 -6.70 21.56 -45.68
C SER E 198 -5.74 20.41 -45.22
N CYS E 199 -5.08 20.61 -44.09
CA CYS E 199 -4.13 19.64 -43.51
C CYS E 199 -4.75 18.27 -43.23
N CYS E 200 -6.02 18.26 -42.84
CA CYS E 200 -6.57 17.18 -42.08
C CYS E 200 -7.99 16.92 -42.51
N PRO E 201 -8.26 15.71 -43.05
CA PRO E 201 -9.55 15.38 -43.63
C PRO E 201 -10.58 14.94 -42.58
N GLU E 202 -10.71 15.73 -41.51
CA GLU E 202 -11.59 15.38 -40.40
C GLU E 202 -12.31 16.59 -39.85
N PRO E 203 -13.61 16.44 -39.56
CA PRO E 203 -14.40 17.54 -39.03
C PRO E 203 -13.84 18.05 -37.71
N TYR E 204 -13.66 19.36 -37.62
CA TYR E 204 -13.39 20.03 -36.35
C TYR E 204 -14.61 20.83 -35.96
N ILE E 205 -15.09 20.62 -34.74
CA ILE E 205 -16.34 21.23 -34.32
C ILE E 205 -16.05 22.24 -33.24
N ASP E 206 -16.74 23.37 -33.26
CA ASP E 206 -16.64 24.37 -32.19
C ASP E 206 -17.96 25.11 -31.95
N VAL E 207 -18.14 25.71 -30.78
CA VAL E 207 -19.29 26.57 -30.58
C VAL E 207 -18.78 28.00 -30.55
N ASN E 208 -19.37 28.83 -31.40
CA ASN E 208 -18.98 30.22 -31.56
C ASN E 208 -19.90 31.12 -30.79
N LEU E 209 -19.39 31.69 -29.71
CA LEU E 209 -20.13 32.62 -28.87
C LEU E 209 -19.93 34.04 -29.39
N VAL E 210 -21.02 34.66 -29.84
CA VAL E 210 -20.95 36.00 -30.42
C VAL E 210 -21.82 36.99 -29.65
N VAL E 211 -21.19 38.01 -29.08
CA VAL E 211 -21.90 39.01 -28.28
C VAL E 211 -21.84 40.39 -28.90
N LYS E 212 -22.99 41.03 -29.01
CA LYS E 212 -23.06 42.44 -29.33
C LYS E 212 -23.44 43.25 -28.12
N PHE E 213 -22.60 44.19 -27.75
CA PHE E 213 -22.82 44.97 -26.54
C PHE E 213 -22.48 46.45 -26.67
N ARG E 214 -23.00 47.26 -25.75
CA ARG E 214 -22.70 48.68 -25.70
C ARG E 214 -22.78 49.21 -24.27
N GLU E 215 -22.24 50.41 -24.05
CA GLU E 215 -22.27 51.03 -22.74
C GLU E 215 -23.70 51.35 -22.34
N ARG E 216 -24.01 51.17 -21.06
CA ARG E 216 -25.37 51.30 -20.53
C ARG E 216 -25.92 52.69 -20.81
N ARG E 217 -27.21 52.75 -21.11
CA ARG E 217 -27.89 54.02 -21.38
C ARG E 217 -29.26 54.02 -20.68
N ASP F 1 36.23 -7.76 -16.36
CA ASP F 1 36.36 -6.44 -15.67
C ASP F 1 35.00 -5.75 -15.59
N TYR F 2 35.00 -4.42 -15.71
CA TYR F 2 33.77 -3.64 -15.65
C TYR F 2 32.85 -3.87 -16.84
N LYS F 3 33.43 -4.06 -18.03
CA LYS F 3 32.65 -4.29 -19.24
C LYS F 3 31.79 -5.55 -19.09
N ASP F 4 32.41 -6.66 -18.66
CA ASP F 4 31.64 -7.89 -18.50
C ASP F 4 30.86 -7.96 -17.16
N ASP F 5 31.09 -7.00 -16.28
CA ASP F 5 30.21 -6.78 -15.13
C ASP F 5 28.93 -6.09 -15.58
N ASP F 6 29.10 -5.05 -16.42
CA ASP F 6 27.99 -4.35 -17.04
C ASP F 6 27.23 -5.25 -18.04
N ASP F 7 27.94 -6.21 -18.61
CA ASP F 7 27.34 -7.16 -19.55
C ASP F 7 26.49 -8.18 -18.88
N LYS F 8 26.84 -8.57 -17.66
CA LYS F 8 25.98 -9.47 -16.88
C LYS F 8 24.72 -8.73 -16.40
N LEU F 9 24.93 -7.49 -15.96
CA LEU F 9 23.84 -6.61 -15.53
C LEU F 9 22.85 -6.34 -16.64
N HIS F 10 23.36 -6.11 -17.84
CA HIS F 10 22.52 -5.91 -19.02
C HIS F 10 21.62 -7.12 -19.28
N SER F 11 22.20 -8.32 -19.24
CA SER F 11 21.43 -9.53 -19.48
C SER F 11 20.40 -9.78 -18.36
N GLN F 12 20.74 -9.35 -17.16
CA GLN F 12 19.81 -9.46 -16.03
C GLN F 12 18.63 -8.52 -16.25
N ALA F 13 18.92 -7.27 -16.58
CA ALA F 13 17.90 -6.27 -16.86
C ALA F 13 16.93 -6.73 -17.95
N ASN F 14 17.45 -7.34 -19.01
CA ASN F 14 16.61 -7.83 -20.08
C ASN F 14 15.63 -8.88 -19.60
N LEU F 15 16.09 -9.82 -18.77
CA LEU F 15 15.19 -10.83 -18.21
C LEU F 15 14.16 -10.22 -17.27
N MET F 16 14.60 -9.28 -16.43
CA MET F 16 13.69 -8.56 -15.53
C MET F 16 12.59 -7.83 -16.33
N ARG F 17 13.00 -7.17 -17.42
CA ARG F 17 12.06 -6.51 -18.33
C ARG F 17 11.05 -7.50 -18.88
N LEU F 18 11.55 -8.63 -19.39
CA LEU F 18 10.69 -9.65 -19.98
C LEU F 18 9.65 -10.14 -18.99
N LYS F 19 10.13 -10.58 -17.83
CA LYS F 19 9.26 -11.10 -16.78
C LYS F 19 8.27 -10.04 -16.28
N SER F 20 8.73 -8.82 -16.04
CA SER F 20 7.84 -7.74 -15.64
C SER F 20 6.78 -7.43 -16.71
N ASP F 21 7.18 -7.45 -17.99
CA ASP F 21 6.24 -7.21 -19.08
C ASP F 21 5.25 -8.36 -19.20
N LEU F 22 5.74 -9.59 -19.06
CA LEU F 22 4.87 -10.77 -19.16
C LEU F 22 3.87 -10.92 -18.01
N PHE F 23 4.27 -10.57 -16.79
CA PHE F 23 3.40 -10.63 -15.61
C PHE F 23 2.34 -9.51 -15.62
N ASN F 24 2.78 -8.28 -15.88
CA ASN F 24 1.91 -7.09 -15.86
C ASN F 24 1.03 -6.92 -17.07
N ARG F 25 1.10 -7.85 -18.02
CA ARG F 25 0.32 -7.69 -19.25
C ARG F 25 -1.15 -7.72 -18.91
N SER F 26 -1.92 -6.80 -19.51
CA SER F 26 -3.37 -6.71 -19.25
C SER F 26 -4.07 -7.97 -19.82
N PRO F 27 -5.36 -8.19 -19.49
CA PRO F 27 -6.11 -9.30 -18.94
C PRO F 27 -5.45 -10.40 -18.10
N MET F 28 -4.38 -10.11 -17.35
CA MET F 28 -3.63 -11.21 -16.70
C MET F 28 -4.48 -12.50 -16.62
N TYR F 29 -4.30 -13.33 -17.66
CA TYR F 29 -4.94 -14.63 -17.93
C TYR F 29 -5.86 -15.30 -16.88
N PRO F 30 -7.15 -15.52 -17.22
CA PRO F 30 -8.12 -16.05 -16.28
C PRO F 30 -8.43 -17.55 -16.39
N GLY F 31 -7.50 -18.37 -16.85
CA GLY F 31 -7.78 -19.77 -17.12
C GLY F 31 -8.40 -20.02 -18.50
N PRO F 32 -8.32 -21.27 -19.00
CA PRO F 32 -9.01 -21.63 -20.24
C PRO F 32 -10.53 -21.52 -20.14
N THR F 33 -11.15 -21.19 -21.27
CA THR F 33 -12.60 -21.08 -21.40
C THR F 33 -13.00 -21.74 -22.71
N LYS F 34 -14.31 -21.83 -22.96
CA LYS F 34 -14.84 -22.34 -24.23
C LYS F 34 -14.33 -21.60 -25.45
N ASP F 35 -14.35 -20.26 -25.39
CA ASP F 35 -13.84 -19.41 -26.49
C ASP F 35 -12.31 -19.36 -26.57
N ASP F 36 -11.65 -19.91 -25.55
CA ASP F 36 -10.21 -19.82 -25.44
C ASP F 36 -9.64 -21.13 -24.87
N PRO F 37 -9.90 -22.26 -25.56
CA PRO F 37 -9.53 -23.56 -25.01
C PRO F 37 -8.03 -23.81 -25.02
N LEU F 38 -7.62 -24.92 -24.42
CA LEU F 38 -6.22 -25.21 -24.17
C LEU F 38 -5.97 -26.70 -24.30
N THR F 39 -4.79 -27.07 -24.80
CA THR F 39 -4.39 -28.46 -24.82
C THR F 39 -3.23 -28.68 -23.86
N VAL F 40 -3.42 -29.58 -22.91
CA VAL F 40 -2.35 -30.03 -22.04
C VAL F 40 -1.83 -31.39 -22.50
N THR F 41 -0.51 -31.50 -22.67
CA THR F 41 0.10 -32.76 -23.02
C THR F 41 0.67 -33.40 -21.77
N LEU F 42 0.29 -34.65 -21.55
CA LEU F 42 0.77 -35.43 -20.42
C LEU F 42 1.73 -36.55 -20.83
N GLY F 43 2.75 -36.75 -20.01
CA GLY F 43 3.61 -37.92 -20.13
C GLY F 43 4.02 -38.37 -18.75
N PHE F 44 4.29 -39.65 -18.60
CA PHE F 44 4.82 -40.15 -17.34
C PHE F 44 6.18 -40.80 -17.51
N THR F 45 7.12 -40.36 -16.70
CA THR F 45 8.34 -41.14 -16.46
C THR F 45 8.19 -41.87 -15.12
N LEU F 46 8.03 -43.19 -15.19
CA LEU F 46 7.79 -43.99 -14.01
C LEU F 46 9.12 -44.42 -13.39
N GLN F 47 9.32 -44.07 -12.13
CA GLN F 47 10.59 -44.32 -11.44
C GLN F 47 10.59 -45.54 -10.56
N ASP F 48 9.56 -45.70 -9.73
CA ASP F 48 9.55 -46.79 -8.78
C ASP F 48 8.14 -47.17 -8.38
N ILE F 49 7.91 -48.47 -8.26
CA ILE F 49 6.79 -48.95 -7.47
C ILE F 49 7.40 -49.24 -6.09
N VAL F 50 7.11 -48.37 -5.13
CA VAL F 50 7.71 -48.48 -3.81
C VAL F 50 7.04 -49.56 -2.98
N LYS F 51 5.72 -49.55 -2.96
CA LYS F 51 4.95 -50.31 -2.00
C LYS F 51 3.68 -50.82 -2.63
N ALA F 52 3.35 -52.08 -2.38
CA ALA F 52 2.05 -52.62 -2.73
C ALA F 52 1.41 -53.16 -1.46
N ASP F 53 0.49 -52.40 -0.88
CA ASP F 53 -0.16 -52.82 0.35
C ASP F 53 -1.38 -53.68 0.06
N SER F 54 -1.24 -54.98 0.27
CA SER F 54 -2.31 -55.93 -0.07
C SER F 54 -3.41 -56.01 0.98
N SER F 55 -3.16 -55.45 2.16
CA SER F 55 -4.16 -55.45 3.21
C SER F 55 -5.11 -54.24 3.09
N THR F 56 -4.77 -53.29 2.21
CA THR F 56 -5.63 -52.13 1.95
C THR F 56 -5.85 -51.87 0.46
N ASN F 57 -5.23 -52.68 -0.39
CA ASN F 57 -5.25 -52.46 -1.85
C ASN F 57 -4.91 -51.02 -2.24
N GLU F 58 -3.75 -50.58 -1.77
CA GLU F 58 -3.16 -49.29 -2.13
C GLU F 58 -1.80 -49.55 -2.72
N VAL F 59 -1.48 -48.86 -3.80
CA VAL F 59 -0.13 -48.97 -4.39
C VAL F 59 0.57 -47.60 -4.47
N ASP F 60 1.86 -47.59 -4.17
CA ASP F 60 2.66 -46.36 -4.12
C ASP F 60 3.62 -46.26 -5.30
N LEU F 61 3.40 -45.23 -6.14
CA LEU F 61 4.26 -44.96 -7.30
C LEU F 61 5.03 -43.68 -7.12
N VAL F 62 6.25 -43.66 -7.64
CA VAL F 62 7.03 -42.44 -7.79
C VAL F 62 7.30 -42.21 -9.28
N TYR F 63 6.87 -41.05 -9.77
CA TYR F 63 6.96 -40.74 -11.21
C TYR F 63 7.24 -39.26 -11.43
N TYR F 64 7.68 -38.93 -12.64
CA TYR F 64 7.74 -37.56 -13.09
C TYR F 64 6.52 -37.36 -13.94
N GLU F 65 5.74 -36.34 -13.64
CA GLU F 65 4.57 -36.08 -14.42
C GLU F 65 4.90 -34.88 -15.27
N GLN F 66 5.10 -35.13 -16.57
CA GLN F 66 5.50 -34.07 -17.48
C GLN F 66 4.30 -33.39 -18.18
N GLN F 67 4.14 -32.10 -17.90
CA GLN F 67 2.99 -31.29 -18.37
C GLN F 67 3.45 -30.23 -19.37
N ARG F 68 2.66 -30.04 -20.42
CA ARG F 68 2.97 -29.04 -21.43
C ARG F 68 1.72 -28.34 -21.90
N TRP F 69 1.81 -27.03 -22.09
CA TRP F 69 0.76 -26.23 -22.69
C TRP F 69 1.32 -24.95 -23.30
N LYS F 70 0.51 -24.24 -24.06
CA LYS F 70 0.96 -23.05 -24.77
C LYS F 70 -0.04 -21.92 -24.61
N LEU F 71 0.43 -20.75 -24.15
CA LEU F 71 -0.44 -19.59 -23.98
C LEU F 71 0.04 -18.44 -24.81
N ASN F 72 -0.88 -17.84 -25.58
CA ASN F 72 -0.56 -16.63 -26.33
C ASN F 72 0.04 -15.55 -25.46
N SER F 73 -0.47 -15.46 -24.23
CA SER F 73 -0.10 -14.42 -23.29
C SER F 73 1.29 -14.64 -22.70
N LEU F 74 1.96 -15.72 -23.10
CA LEU F 74 3.35 -15.96 -22.67
C LEU F 74 4.32 -15.88 -23.85
N MET F 75 3.81 -15.49 -25.01
CA MET F 75 4.61 -15.27 -26.20
C MET F 75 5.46 -14.02 -26.08
N TRP F 76 6.62 -14.02 -26.71
CA TRP F 76 7.40 -12.79 -26.88
C TRP F 76 8.37 -12.92 -28.03
N ASP F 77 8.85 -11.79 -28.54
CA ASP F 77 9.83 -11.80 -29.60
C ASP F 77 11.22 -11.64 -28.99
N PRO F 78 12.04 -12.70 -29.05
CA PRO F 78 13.38 -12.67 -28.47
C PRO F 78 14.16 -11.44 -28.91
N ASN F 79 13.86 -10.94 -30.10
CA ASN F 79 14.55 -9.77 -30.61
C ASN F 79 14.30 -8.51 -29.80
N GLU F 80 13.15 -8.44 -29.15
CA GLU F 80 12.82 -7.28 -28.32
C GLU F 80 13.33 -7.45 -26.90
N TYR F 81 13.78 -8.66 -26.57
CA TYR F 81 14.22 -8.94 -25.21
C TYR F 81 15.62 -9.55 -25.16
N GLY F 82 16.58 -8.87 -25.81
CA GLY F 82 17.98 -9.28 -25.77
C GLY F 82 18.25 -10.74 -26.10
N ASN F 83 17.58 -11.24 -27.15
CA ASN F 83 17.68 -12.62 -27.65
C ASN F 83 17.36 -13.71 -26.62
N ILE F 84 16.70 -13.36 -25.53
CA ILE F 84 16.27 -14.32 -24.54
C ILE F 84 15.21 -15.22 -25.15
N THR F 85 15.38 -16.54 -25.03
CA THR F 85 14.48 -17.48 -25.70
C THR F 85 13.60 -18.28 -24.73
N ASP F 86 13.98 -18.28 -23.45
CA ASP F 86 13.31 -19.07 -22.42
C ASP F 86 13.74 -18.63 -21.03
N PHE F 87 12.86 -18.76 -20.05
CA PHE F 87 13.22 -18.48 -18.66
C PHE F 87 12.63 -19.48 -17.68
N ARG F 88 13.25 -19.61 -16.52
CA ARG F 88 12.69 -20.40 -15.44
C ARG F 88 11.89 -19.49 -14.51
N THR F 89 10.72 -19.93 -14.10
CA THR F 89 9.98 -19.20 -13.08
C THR F 89 9.29 -20.15 -12.13
N SER F 90 8.99 -19.68 -10.92
CA SER F 90 8.24 -20.49 -9.95
C SER F 90 6.86 -20.82 -10.54
N ALA F 91 6.42 -22.06 -10.36
CA ALA F 91 5.12 -22.48 -10.88
C ALA F 91 3.96 -21.72 -10.22
N ALA F 92 4.20 -21.13 -9.05
CA ALA F 92 3.17 -20.33 -8.41
C ALA F 92 3.03 -18.96 -9.08
N ASP F 93 3.96 -18.62 -9.95
CA ASP F 93 3.93 -17.32 -10.61
C ASP F 93 3.04 -17.33 -11.82
N ILE F 94 2.63 -18.54 -12.23
CA ILE F 94 1.86 -18.70 -13.45
C ILE F 94 0.69 -19.66 -13.25
N TRP F 95 -0.31 -19.56 -14.12
CA TRP F 95 -1.41 -20.50 -14.14
C TRP F 95 -0.84 -21.85 -14.50
N THR F 96 -1.31 -22.90 -13.82
CA THR F 96 -0.94 -24.29 -14.16
C THR F 96 -2.21 -25.15 -14.18
N PRO F 97 -2.22 -26.24 -14.97
CA PRO F 97 -3.46 -26.99 -15.06
C PRO F 97 -3.71 -27.81 -13.82
N ASP F 98 -4.98 -28.04 -13.51
CA ASP F 98 -5.39 -28.73 -12.29
C ASP F 98 -5.48 -30.26 -12.47
N ILE F 99 -4.42 -30.85 -13.04
CA ILE F 99 -4.41 -32.27 -13.40
C ILE F 99 -4.30 -33.13 -12.16
N THR F 100 -5.31 -33.97 -11.91
CA THR F 100 -5.35 -34.78 -10.70
C THR F 100 -5.53 -36.25 -11.03
N ALA F 101 -4.99 -37.12 -10.17
CA ALA F 101 -5.30 -38.54 -10.19
C ALA F 101 -6.69 -38.73 -9.62
N TYR F 102 -7.53 -39.50 -10.33
CA TYR F 102 -8.94 -39.62 -9.93
C TYR F 102 -9.19 -40.60 -8.80
N SER F 103 -8.24 -41.51 -8.58
CA SER F 103 -8.40 -42.56 -7.58
C SER F 103 -7.25 -42.65 -6.59
N SER F 104 -6.76 -41.52 -6.11
CA SER F 104 -5.70 -41.51 -5.09
C SER F 104 -6.29 -41.81 -3.72
N THR F 105 -5.46 -42.27 -2.78
CA THR F 105 -5.93 -42.59 -1.44
C THR F 105 -5.26 -41.72 -0.39
N ARG F 106 -4.28 -40.95 -0.82
CA ARG F 106 -3.58 -39.99 0.05
C ARG F 106 -3.30 -38.76 -0.78
N PRO F 107 -3.20 -37.57 -0.15
CA PRO F 107 -2.81 -36.42 -0.95
C PRO F 107 -1.48 -36.68 -1.61
N VAL F 108 -1.37 -36.42 -2.91
CA VAL F 108 -0.10 -36.58 -3.63
C VAL F 108 1.02 -35.83 -2.95
N GLN F 109 2.22 -36.38 -2.98
CA GLN F 109 3.37 -35.71 -2.37
C GLN F 109 4.35 -35.24 -3.43
N VAL F 110 4.70 -33.96 -3.38
CA VAL F 110 5.60 -33.36 -4.36
C VAL F 110 7.05 -33.55 -3.93
N LEU F 111 7.85 -34.15 -4.80
CA LEU F 111 9.23 -34.53 -4.47
C LEU F 111 10.26 -33.54 -4.97
N SER F 112 9.87 -32.70 -5.93
CA SER F 112 10.77 -31.79 -6.62
C SER F 112 10.36 -30.35 -6.39
N PRO F 113 11.24 -29.40 -6.72
CA PRO F 113 10.77 -28.03 -6.76
C PRO F 113 9.61 -27.79 -7.76
N GLN F 114 8.84 -26.74 -7.49
CA GLN F 114 7.72 -26.32 -8.30
C GLN F 114 8.18 -25.21 -9.23
N ILE F 115 8.93 -25.59 -10.25
CA ILE F 115 9.49 -24.61 -11.16
C ILE F 115 9.14 -24.99 -12.58
N ALA F 116 8.65 -24.01 -13.35
CA ALA F 116 8.30 -24.22 -14.75
C ALA F 116 9.30 -23.51 -15.66
N VAL F 117 9.38 -23.99 -16.90
CA VAL F 117 10.24 -23.41 -17.92
C VAL F 117 9.37 -22.84 -19.02
N VAL F 118 9.50 -21.53 -19.29
CA VAL F 118 8.69 -20.86 -20.31
C VAL F 118 9.54 -20.54 -21.52
N THR F 119 8.99 -20.80 -22.71
CA THR F 119 9.68 -20.53 -23.97
C THR F 119 8.97 -19.45 -24.77
N HIS F 120 9.70 -18.79 -25.66
CA HIS F 120 9.22 -17.58 -26.35
C HIS F 120 7.96 -17.75 -27.20
N ASP F 121 7.71 -18.97 -27.68
CA ASP F 121 6.46 -19.26 -28.39
C ASP F 121 5.24 -19.38 -27.46
N GLY F 122 5.48 -19.27 -26.15
CA GLY F 122 4.42 -19.23 -25.16
C GLY F 122 4.17 -20.57 -24.54
N SER F 123 5.03 -21.53 -24.84
CA SER F 123 4.86 -22.87 -24.28
C SER F 123 5.52 -23.02 -22.93
N VAL F 124 4.79 -23.63 -22.00
CA VAL F 124 5.28 -23.85 -20.66
C VAL F 124 5.57 -25.32 -20.48
N MET F 125 6.62 -25.63 -19.75
CA MET F 125 6.91 -27.00 -19.40
C MET F 125 7.15 -27.18 -17.92
N PHE F 126 6.35 -28.05 -17.31
CA PHE F 126 6.33 -28.25 -15.87
C PHE F 126 6.43 -29.76 -15.62
N ILE F 127 7.48 -30.19 -14.93
CA ILE F 127 7.71 -31.63 -14.69
C ILE F 127 7.97 -31.94 -13.22
N PRO F 128 6.91 -31.93 -12.37
CA PRO F 128 7.09 -32.27 -10.97
C PRO F 128 7.24 -33.78 -10.73
N ALA F 129 8.12 -34.14 -9.81
CA ALA F 129 8.21 -35.50 -9.29
C ALA F 129 7.21 -35.69 -8.15
N GLN F 130 6.52 -36.81 -8.16
CA GLN F 130 5.50 -37.08 -7.15
C GLN F 130 5.53 -38.53 -6.61
N ARG F 131 5.10 -38.70 -5.37
CA ARG F 131 4.75 -40.02 -4.87
C ARG F 131 3.26 -40.05 -4.74
N LEU F 132 2.61 -41.03 -5.36
CA LEU F 132 1.15 -41.14 -5.34
C LEU F 132 0.72 -42.48 -4.78
N SER F 133 -0.22 -42.45 -3.83
CA SER F 133 -0.87 -43.66 -3.36
C SER F 133 -2.23 -43.73 -4.00
N PHE F 134 -2.53 -44.83 -4.66
CA PHE F 134 -3.81 -44.98 -5.33
C PHE F 134 -4.40 -46.38 -5.17
N MET F 135 -5.69 -46.49 -5.46
CA MET F 135 -6.42 -47.73 -5.33
C MET F 135 -5.94 -48.72 -6.38
N CYS F 136 -5.42 -49.84 -5.90
CA CYS F 136 -4.88 -50.89 -6.75
C CYS F 136 -4.78 -52.18 -5.96
N ASP F 137 -5.40 -53.24 -6.47
CA ASP F 137 -5.38 -54.55 -5.84
C ASP F 137 -4.18 -55.34 -6.38
N PRO F 138 -3.19 -55.64 -5.51
CA PRO F 138 -1.97 -56.25 -6.01
C PRO F 138 -2.00 -57.78 -6.12
N THR F 139 -3.19 -58.39 -6.12
CA THR F 139 -3.29 -59.85 -6.18
C THR F 139 -2.59 -60.40 -7.42
N GLY F 140 -1.75 -61.40 -7.22
CA GLY F 140 -1.06 -62.06 -8.33
C GLY F 140 0.26 -61.40 -8.70
N VAL F 141 0.65 -60.37 -7.95
CA VAL F 141 1.98 -59.74 -8.10
C VAL F 141 3.09 -60.73 -7.72
N ASP F 142 2.72 -61.69 -6.87
CA ASP F 142 3.57 -62.78 -6.42
C ASP F 142 3.64 -63.90 -7.45
N SER F 143 2.92 -63.74 -8.56
CA SER F 143 2.89 -64.75 -9.63
C SER F 143 3.65 -64.25 -10.88
N GLU F 144 3.63 -65.06 -11.95
CA GLU F 144 4.37 -64.76 -13.18
C GLU F 144 3.72 -63.68 -14.07
N GLU F 145 2.40 -63.75 -14.23
CA GLU F 145 1.65 -62.77 -15.03
C GLU F 145 1.49 -61.45 -14.29
N GLY F 146 1.72 -61.48 -12.97
CA GLY F 146 1.74 -60.26 -12.17
C GLY F 146 0.36 -59.67 -11.96
N ALA F 147 0.33 -58.45 -11.44
CA ALA F 147 -0.90 -57.72 -11.18
C ALA F 147 -1.01 -56.53 -12.13
N THR F 148 -2.23 -56.08 -12.38
CA THR F 148 -2.45 -54.95 -13.27
C THR F 148 -3.23 -53.88 -12.53
N CYS F 149 -2.77 -52.64 -12.63
CA CYS F 149 -3.47 -51.51 -12.02
C CYS F 149 -3.57 -50.32 -12.93
N ALA F 150 -4.57 -49.49 -12.68
CA ALA F 150 -4.87 -48.33 -13.52
C ALA F 150 -5.23 -47.16 -12.65
N VAL F 151 -4.88 -45.96 -13.11
CA VAL F 151 -5.30 -44.73 -12.47
C VAL F 151 -5.54 -43.72 -13.58
N LYS F 152 -6.64 -42.97 -13.47
CA LYS F 152 -6.91 -41.92 -14.45
C LYS F 152 -6.39 -40.58 -13.95
N PHE F 153 -5.81 -39.81 -14.86
CA PHE F 153 -5.41 -38.44 -14.60
C PHE F 153 -6.23 -37.51 -15.48
N GLY F 154 -6.74 -36.42 -14.91
CA GLY F 154 -7.43 -35.45 -15.72
C GLY F 154 -7.70 -34.16 -15.00
N SER F 155 -8.26 -33.17 -15.69
CA SER F 155 -8.58 -31.90 -15.03
C SER F 155 -9.63 -32.21 -13.97
N TRP F 156 -9.62 -31.44 -12.89
CA TRP F 156 -10.64 -31.61 -11.86
C TRP F 156 -11.95 -30.88 -12.17
N VAL F 157 -11.89 -29.67 -12.73
CA VAL F 157 -13.09 -28.85 -12.95
C VAL F 157 -13.35 -28.41 -14.38
N TYR F 158 -12.42 -28.68 -15.28
CA TYR F 158 -12.53 -28.27 -16.68
C TYR F 158 -12.93 -29.43 -17.57
N SER F 159 -13.91 -29.20 -18.44
CA SER F 159 -14.32 -30.20 -19.42
C SER F 159 -13.39 -30.23 -20.64
N GLY F 160 -13.70 -31.11 -21.59
CA GLY F 160 -12.95 -31.24 -22.83
C GLY F 160 -13.04 -30.00 -23.68
N PHE F 161 -14.11 -29.23 -23.49
CA PHE F 161 -14.32 -27.95 -24.18
C PHE F 161 -13.41 -26.80 -23.71
N GLU F 162 -12.81 -26.95 -22.54
CA GLU F 162 -11.88 -25.97 -22.00
C GLU F 162 -10.44 -26.49 -22.03
N ILE F 163 -10.22 -27.65 -21.43
CA ILE F 163 -8.92 -28.31 -21.45
C ILE F 163 -9.03 -29.65 -22.15
N ASP F 164 -8.25 -29.80 -23.21
CA ASP F 164 -8.11 -31.07 -23.90
C ASP F 164 -6.78 -31.68 -23.48
N LEU F 165 -6.77 -32.98 -23.29
CA LEU F 165 -5.53 -33.70 -22.98
C LEU F 165 -5.02 -34.44 -24.20
N LYS F 166 -3.70 -34.61 -24.28
CA LYS F 166 -3.11 -35.49 -25.26
C LYS F 166 -1.81 -36.07 -24.74
N THR F 167 -1.35 -37.15 -25.37
CA THR F 167 -0.06 -37.72 -25.04
C THR F 167 0.80 -37.66 -26.28
N ASP F 168 2.12 -37.65 -26.10
CA ASP F 168 3.02 -37.76 -27.25
C ASP F 168 3.15 -39.20 -27.68
N THR F 169 2.96 -40.11 -26.73
CA THR F 169 3.10 -41.55 -26.95
C THR F 169 2.27 -42.35 -25.95
N ASP F 170 1.98 -43.60 -26.29
CA ASP F 170 1.27 -44.52 -25.41
C ASP F 170 2.19 -45.14 -24.39
N GLN F 171 3.50 -45.05 -24.66
CA GLN F 171 4.51 -45.68 -23.82
C GLN F 171 4.91 -44.80 -22.65
N VAL F 172 4.56 -45.23 -21.45
CA VAL F 172 5.13 -44.65 -20.24
C VAL F 172 6.64 -44.85 -20.29
N ASP F 173 7.37 -43.77 -20.06
CA ASP F 173 8.82 -43.79 -20.14
C ASP F 173 9.47 -44.58 -18.99
N LEU F 174 10.01 -45.76 -19.32
CA LEU F 174 10.54 -46.66 -18.32
C LEU F 174 12.08 -46.63 -18.23
N SER F 175 12.70 -45.67 -18.92
CA SER F 175 14.17 -45.60 -19.01
C SER F 175 14.80 -45.15 -17.69
N SER F 176 13.99 -44.65 -16.78
CA SER F 176 14.50 -44.24 -15.49
C SER F 176 13.99 -45.12 -14.35
N TYR F 177 13.32 -46.23 -14.69
CA TYR F 177 12.77 -47.10 -13.66
C TYR F 177 13.91 -47.69 -12.83
N TYR F 178 13.76 -47.59 -11.51
CA TYR F 178 14.77 -48.08 -10.57
C TYR F 178 15.11 -49.54 -10.81
N ALA F 179 16.36 -49.74 -11.24
CA ALA F 179 16.85 -51.04 -11.65
C ALA F 179 16.63 -52.10 -10.58
N SER F 180 16.76 -51.71 -9.32
CA SER F 180 16.67 -52.65 -8.20
C SER F 180 15.41 -52.50 -7.35
N SER F 181 14.30 -52.12 -7.98
CA SER F 181 13.04 -52.00 -7.27
C SER F 181 12.53 -53.35 -6.82
N LYS F 182 11.68 -53.35 -5.80
CA LYS F 182 11.03 -54.57 -5.33
C LYS F 182 10.11 -55.17 -6.40
N TYR F 183 9.65 -54.31 -7.30
CA TYR F 183 8.74 -54.71 -8.36
C TYR F 183 9.30 -54.31 -9.71
N GLU F 184 9.20 -55.20 -10.69
CA GLU F 184 9.61 -54.88 -12.07
C GLU F 184 8.36 -54.62 -12.94
N ILE F 185 8.55 -53.79 -13.96
CA ILE F 185 7.45 -53.41 -14.84
C ILE F 185 7.34 -54.34 -16.03
N LEU F 186 6.16 -54.93 -16.21
CA LEU F 186 5.93 -55.80 -17.35
C LEU F 186 5.44 -54.98 -18.54
N SER F 187 4.61 -53.98 -18.26
CA SER F 187 4.22 -52.94 -19.22
C SER F 187 3.65 -51.73 -18.51
N ALA F 188 3.78 -50.56 -19.13
CA ALA F 188 3.19 -49.34 -18.59
C ALA F 188 2.72 -48.45 -19.74
N THR F 189 1.41 -48.18 -19.79
CA THR F 189 0.84 -47.41 -20.88
C THR F 189 0.15 -46.17 -20.34
N GLN F 190 0.02 -45.16 -21.20
CA GLN F 190 -0.73 -43.95 -20.90
C GLN F 190 -1.62 -43.69 -22.09
N THR F 191 -2.92 -43.73 -21.88
CA THR F 191 -3.87 -43.70 -23.00
C THR F 191 -4.90 -42.62 -22.80
N ARG F 192 -5.15 -41.85 -23.86
CA ARG F 192 -6.12 -40.77 -23.81
C ARG F 192 -7.50 -41.37 -23.91
N GLN F 193 -8.41 -40.87 -23.09
CA GLN F 193 -9.79 -41.34 -23.08
C GLN F 193 -10.75 -40.16 -23.16
N VAL F 194 -11.84 -40.35 -23.90
CA VAL F 194 -12.93 -39.41 -23.94
C VAL F 194 -14.16 -40.13 -23.43
N GLN F 195 -14.71 -39.75 -22.29
CA GLN F 195 -16.01 -40.34 -21.87
C GLN F 195 -17.15 -39.32 -21.84
N HIS F 196 -18.36 -39.78 -22.18
CA HIS F 196 -19.57 -38.96 -22.13
C HIS F 196 -20.47 -39.36 -20.96
N TYR F 197 -21.51 -38.58 -20.70
CA TYR F 197 -22.46 -38.94 -19.65
C TYR F 197 -23.88 -38.68 -20.15
N SER F 198 -24.82 -39.55 -19.73
CA SER F 198 -26.13 -39.74 -20.41
C SER F 198 -27.00 -38.49 -20.67
N CYS F 199 -26.62 -37.39 -20.00
CA CYS F 199 -27.38 -36.14 -19.91
C CYS F 199 -26.74 -34.97 -20.68
N CYS F 200 -25.45 -34.80 -20.44
CA CYS F 200 -24.77 -33.51 -20.39
C CYS F 200 -23.77 -33.42 -21.52
N PRO F 201 -23.90 -32.39 -22.38
CA PRO F 201 -23.27 -32.41 -23.70
C PRO F 201 -21.77 -32.64 -23.66
N GLU F 202 -21.08 -31.94 -22.75
CA GLU F 202 -19.62 -31.81 -22.80
C GLU F 202 -18.86 -33.14 -22.67
N PRO F 203 -17.76 -33.27 -23.44
CA PRO F 203 -16.91 -34.44 -23.33
C PRO F 203 -16.02 -34.30 -22.10
N TYR F 204 -15.58 -35.43 -21.57
CA TYR F 204 -14.70 -35.42 -20.43
C TYR F 204 -13.49 -36.23 -20.77
N ILE F 205 -12.35 -35.58 -20.68
CA ILE F 205 -11.07 -36.13 -21.11
C ILE F 205 -10.21 -36.56 -19.93
N ASP F 206 -9.51 -37.69 -20.10
CA ASP F 206 -8.52 -38.15 -19.11
C ASP F 206 -7.40 -38.98 -19.77
N VAL F 207 -6.26 -39.10 -19.07
CA VAL F 207 -5.20 -40.01 -19.44
C VAL F 207 -5.18 -41.17 -18.44
N ASN F 208 -5.25 -42.38 -19.00
CA ASN F 208 -5.36 -43.59 -18.21
C ASN F 208 -4.01 -44.24 -18.13
N LEU F 209 -3.41 -44.21 -16.95
CA LEU F 209 -2.11 -44.83 -16.69
C LEU F 209 -2.33 -46.27 -16.25
N VAL F 210 -1.80 -47.22 -17.02
CA VAL F 210 -2.03 -48.64 -16.73
C VAL F 210 -0.68 -49.36 -16.56
N VAL F 211 -0.46 -49.94 -15.38
CA VAL F 211 0.79 -50.64 -15.11
C VAL F 211 0.58 -52.11 -14.81
N LYS F 212 1.39 -52.94 -15.45
CA LYS F 212 1.47 -54.36 -15.11
C LYS F 212 2.79 -54.61 -14.43
N PHE F 213 2.75 -55.15 -13.23
CA PHE F 213 3.96 -55.36 -12.47
C PHE F 213 3.95 -56.65 -11.67
N ARG F 214 5.14 -57.11 -11.26
CA ARG F 214 5.27 -58.31 -10.43
C ARG F 214 6.51 -58.18 -9.56
N GLU F 215 6.60 -59.04 -8.53
CA GLU F 215 7.75 -59.05 -7.64
C GLU F 215 9.02 -59.46 -8.40
N ARG F 216 10.16 -58.85 -8.08
CA ARG F 216 11.38 -58.95 -8.88
C ARG F 216 12.02 -60.35 -8.89
N ARG F 217 12.67 -60.70 -10.01
CA ARG F 217 13.41 -61.97 -10.14
C ARG F 217 14.92 -61.72 -9.94
N ASP G 1 27.61 2.41 29.22
CA ASP G 1 26.74 3.60 29.43
C ASP G 1 26.04 4.01 28.13
N TYR G 2 25.77 5.30 28.01
CA TYR G 2 25.15 5.88 26.82
C TYR G 2 25.99 5.71 25.55
N LYS G 3 27.31 5.88 25.69
CA LYS G 3 28.24 5.76 24.57
C LYS G 3 28.18 4.38 23.93
N ASP G 4 28.30 3.35 24.76
CA ASP G 4 28.23 1.96 24.25
C ASP G 4 26.81 1.50 23.89
N ASP G 5 25.80 2.25 24.34
CA ASP G 5 24.42 2.05 23.89
C ASP G 5 24.29 2.60 22.47
N ASP G 6 24.84 3.80 22.29
CA ASP G 6 24.89 4.46 21.00
C ASP G 6 25.79 3.72 20.03
N ASP G 7 26.81 3.06 20.58
CA ASP G 7 27.74 2.28 19.75
C ASP G 7 27.16 0.96 19.27
N LYS G 8 26.24 0.36 20.04
CA LYS G 8 25.51 -0.82 19.56
C LYS G 8 24.48 -0.42 18.51
N LEU G 9 23.82 0.72 18.73
CA LEU G 9 22.83 1.28 17.82
C LEU G 9 23.44 1.60 16.48
N HIS G 10 24.64 2.18 16.52
CA HIS G 10 25.45 2.49 15.34
C HIS G 10 25.69 1.23 14.50
N SER G 11 26.16 0.16 15.14
CA SER G 11 26.45 -1.08 14.44
C SER G 11 25.18 -1.73 13.86
N GLN G 12 24.06 -1.54 14.55
CA GLN G 12 22.78 -2.06 14.10
C GLN G 12 22.37 -1.34 12.83
N ALA G 13 22.45 -0.01 12.87
CA ALA G 13 22.15 0.88 11.75
C ALA G 13 22.92 0.51 10.49
N ASN G 14 24.23 0.28 10.66
CA ASN G 14 25.10 -0.13 9.56
C ASN G 14 24.60 -1.40 8.91
N LEU G 15 24.26 -2.39 9.71
CA LEU G 15 23.75 -3.63 9.13
C LEU G 15 22.42 -3.42 8.43
N MET G 16 21.54 -2.63 9.04
CA MET G 16 20.25 -2.34 8.43
C MET G 16 20.43 -1.67 7.07
N ARG G 17 21.35 -0.71 7.04
CA ARG G 17 21.73 -0.02 5.83
C ARG G 17 22.19 -0.99 4.75
N LEU G 18 23.12 -1.88 5.13
CA LEU G 18 23.66 -2.86 4.20
C LEU G 18 22.56 -3.75 3.65
N LYS G 19 21.76 -4.31 4.53
CA LYS G 19 20.71 -5.21 4.13
C LYS G 19 19.69 -4.50 3.24
N SER G 20 19.27 -3.30 3.63
CA SER G 20 18.33 -2.48 2.83
C SER G 20 18.89 -2.18 1.43
N ASP G 21 20.17 -1.81 1.38
CA ASP G 21 20.82 -1.52 0.11
C ASP G 21 20.92 -2.78 -0.74
N LEU G 22 21.29 -3.90 -0.12
CA LEU G 22 21.44 -5.17 -0.84
C LEU G 22 20.11 -5.71 -1.42
N PHE G 23 19.04 -5.59 -0.66
CA PHE G 23 17.72 -6.09 -1.04
C PHE G 23 17.09 -5.20 -2.10
N ASN G 24 17.11 -3.88 -1.88
CA ASN G 24 16.53 -2.88 -2.79
C ASN G 24 17.32 -2.59 -4.06
N ARG G 25 18.46 -3.25 -4.26
CA ARG G 25 19.30 -2.96 -5.42
C ARG G 25 18.54 -3.32 -6.68
N SER G 26 18.60 -2.43 -7.68
CA SER G 26 17.91 -2.65 -8.96
C SER G 26 18.56 -3.84 -9.72
N PRO G 27 17.92 -4.34 -10.79
CA PRO G 27 17.49 -5.66 -11.22
C PRO G 27 17.23 -6.79 -10.22
N MET G 28 16.79 -6.50 -8.99
CA MET G 28 16.74 -7.58 -7.98
C MET G 28 16.74 -8.99 -8.64
N TYR G 29 17.98 -9.51 -8.75
CA TYR G 29 18.40 -10.82 -9.32
C TYR G 29 17.34 -11.83 -9.79
N PRO G 30 17.31 -12.16 -11.10
CA PRO G 30 16.31 -13.07 -11.65
C PRO G 30 16.73 -14.54 -11.85
N GLY G 31 17.68 -15.04 -11.09
CA GLY G 31 18.22 -16.39 -11.31
C GLY G 31 19.35 -16.42 -12.33
N PRO G 32 20.17 -17.48 -12.30
CA PRO G 32 21.20 -17.66 -13.34
C PRO G 32 20.61 -17.85 -14.74
N THR G 33 21.35 -17.38 -15.73
CA THR G 33 21.00 -17.52 -17.13
C THR G 33 22.27 -17.89 -17.89
N LYS G 34 22.13 -18.12 -19.19
CA LYS G 34 23.28 -18.43 -20.06
C LYS G 34 24.34 -17.33 -20.06
N ASP G 35 23.91 -16.07 -20.17
CA ASP G 35 24.83 -14.92 -20.16
C ASP G 35 25.37 -14.59 -18.78
N ASP G 36 24.80 -15.22 -17.75
CA ASP G 36 25.12 -14.90 -16.36
C ASP G 36 25.12 -16.19 -15.52
N PRO G 37 25.97 -17.17 -15.90
CA PRO G 37 25.93 -18.48 -15.25
C PRO G 37 26.48 -18.46 -13.83
N LEU G 38 26.35 -19.59 -13.15
CA LEU G 38 26.63 -19.70 -11.73
C LEU G 38 27.22 -21.05 -11.39
N THR G 39 28.13 -21.07 -10.42
CA THR G 39 28.66 -22.34 -9.95
C THR G 39 28.22 -22.58 -8.54
N VAL G 40 27.58 -23.72 -8.31
CA VAL G 40 27.20 -24.12 -6.96
C VAL G 40 28.15 -25.23 -6.52
N THR G 41 28.71 -25.07 -5.33
CA THR G 41 29.56 -26.09 -4.78
C THR G 41 28.77 -26.92 -3.77
N LEU G 42 28.80 -28.24 -3.95
CA LEU G 42 28.13 -29.18 -3.04
C LEU G 42 29.09 -30.00 -2.20
N GLY G 43 28.71 -30.19 -0.94
CA GLY G 43 29.41 -31.12 -0.09
C GLY G 43 28.41 -31.80 0.81
N PHE G 44 28.71 -33.02 1.23
CA PHE G 44 27.86 -33.70 2.19
C PHE G 44 28.62 -34.06 3.44
N THR G 45 28.03 -33.68 4.57
CA THR G 45 28.40 -34.27 5.85
C THR G 45 27.34 -35.31 6.24
N LEU G 46 27.71 -36.58 6.18
CA LEU G 46 26.78 -37.67 6.42
C LEU G 46 26.77 -38.01 7.91
N GLN G 47 25.58 -37.91 8.51
CA GLN G 47 25.38 -38.09 9.94
C GLN G 47 24.93 -39.48 10.33
N ASP G 48 23.90 -39.99 9.67
CA ASP G 48 23.32 -41.26 10.06
C ASP G 48 22.62 -41.95 8.91
N ILE G 49 22.79 -43.27 8.83
CA ILE G 49 21.87 -44.09 8.08
C ILE G 49 20.88 -44.58 9.12
N VAL G 50 19.68 -44.02 9.11
CA VAL G 50 18.71 -44.32 10.16
C VAL G 50 18.04 -45.66 9.92
N LYS G 51 17.63 -45.89 8.68
CA LYS G 51 16.70 -46.97 8.35
C LYS G 51 17.03 -47.53 6.98
N ALA G 52 17.06 -48.86 6.89
CA ALA G 52 17.14 -49.54 5.60
C ALA G 52 15.94 -50.47 5.45
N ASP G 53 14.92 -50.02 4.73
CA ASP G 53 13.71 -50.81 4.58
C ASP G 53 13.85 -51.75 3.40
N SER G 54 14.03 -53.03 3.70
CA SER G 54 14.29 -54.04 2.67
C SER G 54 13.01 -54.57 2.03
N SER G 55 11.86 -54.24 2.60
CA SER G 55 10.58 -54.63 2.01
C SER G 55 10.05 -53.61 1.00
N THR G 56 10.70 -52.45 0.93
CA THR G 56 10.37 -51.42 -0.07
C THR G 56 11.60 -50.85 -0.81
N ASN G 57 12.79 -51.34 -0.45
CA ASN G 57 14.06 -50.80 -0.97
C ASN G 57 14.12 -49.28 -0.89
N GLU G 58 13.89 -48.76 0.31
CA GLU G 58 14.05 -47.36 0.63
C GLU G 58 15.09 -47.25 1.74
N VAL G 59 16.00 -46.29 1.62
CA VAL G 59 16.98 -46.04 2.69
C VAL G 59 16.91 -44.60 3.18
N ASP G 60 17.04 -44.42 4.49
CA ASP G 60 16.87 -43.11 5.13
C ASP G 60 18.19 -42.55 5.62
N LEU G 61 18.62 -41.42 5.04
CA LEU G 61 19.84 -40.73 5.44
C LEU G 61 19.57 -39.43 6.15
N VAL G 62 20.44 -39.07 7.08
CA VAL G 62 20.46 -37.74 7.66
C VAL G 62 21.84 -37.16 7.38
N TYR G 63 21.87 -36.00 6.70
CA TYR G 63 23.11 -35.35 6.28
C TYR G 63 22.97 -33.83 6.35
N TYR G 64 24.11 -33.15 6.34
CA TYR G 64 24.15 -31.72 6.13
C TYR G 64 24.54 -31.55 4.68
N GLU G 65 23.73 -30.81 3.96
CA GLU G 65 24.02 -30.56 2.57
C GLU G 65 24.51 -29.14 2.50
N GLN G 66 25.79 -29.01 2.22
CA GLN G 66 26.41 -27.71 2.22
C GLN G 66 26.50 -27.13 0.81
N GLN G 67 25.91 -25.94 0.66
CA GLN G 67 25.79 -25.28 -0.64
C GLN G 67 26.54 -23.96 -0.64
N ARG G 68 27.20 -23.66 -1.76
CA ARG G 68 27.94 -22.43 -1.88
C ARG G 68 27.83 -21.85 -3.27
N TRP G 69 27.67 -20.54 -3.34
CA TRP G 69 27.67 -19.81 -4.61
C TRP G 69 27.99 -18.34 -4.39
N LYS G 70 28.24 -17.62 -5.49
CA LYS G 70 28.73 -16.25 -5.40
C LYS G 70 27.97 -15.38 -6.38
N LEU G 71 27.36 -14.32 -5.89
CA LEU G 71 26.64 -13.38 -6.75
C LEU G 71 27.25 -12.00 -6.68
N ASN G 72 27.50 -11.39 -7.84
CA ASN G 72 27.97 -10.01 -7.89
C ASN G 72 27.03 -9.07 -7.16
N SER G 73 25.74 -9.36 -7.25
CA SER G 73 24.71 -8.54 -6.64
C SER G 73 24.63 -8.65 -5.11
N LEU G 74 25.49 -9.48 -4.51
CA LEU G 74 25.59 -9.55 -3.07
C LEU G 74 26.93 -9.02 -2.54
N MET G 75 27.75 -8.50 -3.45
CA MET G 75 29.02 -7.86 -3.11
C MET G 75 28.82 -6.55 -2.37
N TRP G 76 29.73 -6.23 -1.46
CA TRP G 76 29.82 -4.88 -0.92
C TRP G 76 31.23 -4.57 -0.42
N ASP G 77 31.51 -3.28 -0.25
CA ASP G 77 32.79 -2.86 0.33
C ASP G 77 32.63 -2.60 1.83
N PRO G 78 33.21 -3.48 2.66
CA PRO G 78 33.08 -3.35 4.10
C PRO G 78 33.39 -1.96 4.60
N ASN G 79 34.24 -1.24 3.87
CA ASN G 79 34.57 0.11 4.23
C ASN G 79 33.41 1.10 4.17
N GLU G 80 32.45 0.83 3.29
CA GLU G 80 31.28 1.67 3.17
C GLU G 80 30.18 1.27 4.16
N TYR G 81 30.35 0.12 4.81
CA TYR G 81 29.31 -0.37 5.69
C TYR G 81 29.85 -0.73 7.07
N GLY G 82 30.58 0.22 7.66
CA GLY G 82 31.08 0.07 9.04
C GLY G 82 31.84 -1.22 9.30
N ASN G 83 32.74 -1.56 8.37
CA ASN G 83 33.60 -2.76 8.42
C ASN G 83 32.88 -4.10 8.58
N ILE G 84 31.58 -4.14 8.29
CA ILE G 84 30.80 -5.38 8.29
C ILE G 84 31.29 -6.27 7.16
N THR G 85 31.61 -7.51 7.48
CA THR G 85 32.19 -8.42 6.48
C THR G 85 31.26 -9.57 6.07
N ASP G 86 30.19 -9.77 6.85
CA ASP G 86 29.28 -10.90 6.64
C ASP G 86 28.02 -10.74 7.50
N PHE G 87 26.89 -11.25 7.00
CA PHE G 87 25.64 -11.22 7.77
C PHE G 87 24.82 -12.51 7.61
N ARG G 88 23.98 -12.79 8.59
CA ARG G 88 23.05 -13.89 8.51
C ARG G 88 21.71 -13.36 8.05
N THR G 89 21.07 -14.08 7.14
CA THR G 89 19.74 -13.73 6.72
C THR G 89 18.93 -14.97 6.44
N SER G 90 17.61 -14.84 6.50
CA SER G 90 16.73 -15.97 6.21
C SER G 90 16.91 -16.40 4.76
N ALA G 91 16.93 -17.71 4.53
CA ALA G 91 17.14 -18.26 3.19
C ALA G 91 16.01 -17.88 2.25
N ALA G 92 14.86 -17.53 2.82
CA ALA G 92 13.75 -17.07 2.00
C ALA G 92 13.94 -15.64 1.50
N ASP G 93 14.91 -14.93 2.06
CA ASP G 93 15.17 -13.54 1.68
C ASP G 93 16.03 -13.44 0.43
N ILE G 94 16.57 -14.57 0.00
CA ILE G 94 17.51 -14.56 -1.11
C ILE G 94 17.24 -15.72 -2.05
N TRP G 95 17.68 -15.59 -3.30
CA TRP G 95 17.63 -16.70 -4.24
C TRP G 95 18.50 -17.81 -3.70
N THR G 96 18.02 -19.05 -3.84
CA THR G 96 18.81 -20.24 -3.48
C THR G 96 18.69 -21.27 -4.60
N PRO G 97 19.71 -22.14 -4.78
CA PRO G 97 19.63 -23.03 -5.92
C PRO G 97 18.62 -24.13 -5.67
N ASP G 98 18.05 -24.67 -6.74
CA ASP G 98 17.01 -25.69 -6.65
C ASP G 98 17.58 -27.11 -6.70
N ILE G 99 18.59 -27.37 -5.85
CA ILE G 99 19.29 -28.64 -5.84
C ILE G 99 18.42 -29.74 -5.22
N THR G 100 18.13 -30.76 -6.00
CA THR G 100 17.25 -31.83 -5.54
C THR G 100 17.88 -33.21 -5.71
N ALA G 101 17.50 -34.14 -4.84
CA ALA G 101 17.82 -35.54 -5.04
C ALA G 101 16.92 -36.10 -6.13
N TYR G 102 17.51 -36.78 -7.09
CA TYR G 102 16.78 -37.28 -8.25
C TYR G 102 15.95 -38.54 -8.01
N SER G 103 16.29 -39.28 -6.96
CA SER G 103 15.62 -40.54 -6.68
C SER G 103 15.07 -40.67 -5.25
N SER G 104 14.47 -39.60 -4.74
CA SER G 104 13.86 -39.65 -3.41
C SER G 104 12.51 -40.36 -3.50
N THR G 105 12.03 -40.87 -2.37
CA THR G 105 10.73 -41.56 -2.34
C THR G 105 9.74 -40.84 -1.44
N ARG G 106 10.23 -39.85 -0.69
CA ARG G 106 9.40 -39.02 0.19
C ARG G 106 9.90 -37.60 0.09
N PRO G 107 9.02 -36.61 0.30
CA PRO G 107 9.56 -35.27 0.27
C PRO G 107 10.68 -35.13 1.30
N VAL G 108 11.80 -34.52 0.93
CA VAL G 108 12.89 -34.29 1.87
C VAL G 108 12.38 -33.55 3.11
N GLN G 109 12.93 -33.89 4.28
CA GLN G 109 12.56 -33.19 5.50
C GLN G 109 13.70 -32.31 5.99
N VAL G 110 13.40 -31.04 6.24
CA VAL G 110 14.41 -30.10 6.70
C VAL G 110 14.50 -30.13 8.22
N LEU G 111 15.70 -30.37 8.74
CA LEU G 111 15.90 -30.56 10.18
C LEU G 111 16.40 -29.31 10.91
N SER G 112 16.95 -28.38 10.14
CA SER G 112 17.59 -27.18 10.68
C SER G 112 16.84 -25.93 10.26
N PRO G 113 17.14 -24.78 10.88
CA PRO G 113 16.66 -23.54 10.31
C PRO G 113 17.18 -23.29 8.88
N GLN G 114 16.40 -22.49 8.15
CA GLN G 114 16.70 -22.08 6.78
C GLN G 114 17.37 -20.71 6.81
N ILE G 115 18.64 -20.69 7.20
CA ILE G 115 19.36 -19.44 7.32
C ILE G 115 20.65 -19.56 6.55
N ALA G 116 20.95 -18.53 5.76
CA ALA G 116 22.18 -18.49 4.98
C ALA G 116 23.13 -17.44 5.55
N VAL G 117 24.41 -17.58 5.21
CA VAL G 117 25.44 -16.63 5.62
C VAL G 117 26.03 -15.96 4.38
N VAL G 118 25.94 -14.64 4.31
CA VAL G 118 26.44 -13.89 3.16
C VAL G 118 27.71 -13.15 3.53
N THR G 119 28.70 -13.21 2.64
CA THR G 119 30.00 -12.55 2.85
C THR G 119 30.21 -11.46 1.80
N HIS G 120 31.05 -10.49 2.13
CA HIS G 120 31.19 -9.26 1.35
C HIS G 120 31.60 -9.45 -0.11
N ASP G 121 32.25 -10.57 -0.42
CA ASP G 121 32.63 -10.89 -1.80
C ASP G 121 31.46 -11.41 -2.60
N GLY G 122 30.30 -11.51 -1.96
CA GLY G 122 29.08 -11.92 -2.64
C GLY G 122 28.79 -13.39 -2.52
N SER G 123 29.60 -14.11 -1.76
CA SER G 123 29.41 -15.55 -1.62
C SER G 123 28.40 -15.86 -0.53
N VAL G 124 27.53 -16.81 -0.82
CA VAL G 124 26.52 -17.24 0.12
C VAL G 124 26.84 -18.66 0.56
N MET G 125 26.59 -18.95 1.83
CA MET G 125 26.75 -20.30 2.31
C MET G 125 25.50 -20.75 3.04
N PHE G 126 24.96 -21.88 2.60
CA PHE G 126 23.71 -22.40 3.08
C PHE G 126 23.93 -23.88 3.34
N ILE G 127 23.75 -24.28 4.61
CA ILE G 127 23.98 -25.67 5.04
C ILE G 127 22.78 -26.28 5.81
N PRO G 128 21.69 -26.64 5.11
CA PRO G 128 20.56 -27.27 5.77
C PRO G 128 20.79 -28.75 6.13
N ALA G 129 20.32 -29.15 7.32
CA ALA G 129 20.26 -30.56 7.70
C ALA G 129 18.96 -31.16 7.19
N GLN G 130 19.07 -32.36 6.60
CA GLN G 130 17.92 -33.02 5.99
C GLN G 130 17.86 -34.51 6.33
N ARG G 131 16.64 -35.04 6.37
CA ARG G 131 16.42 -36.48 6.32
C ARG G 131 15.84 -36.80 4.97
N LEU G 132 16.49 -37.71 4.25
CA LEU G 132 16.09 -38.08 2.88
C LEU G 132 15.80 -39.56 2.78
N SER G 133 14.64 -39.91 2.22
CA SER G 133 14.34 -41.29 1.86
C SER G 133 14.54 -41.44 0.38
N PHE G 134 15.37 -42.39 -0.02
CA PHE G 134 15.61 -42.60 -1.44
C PHE G 134 15.68 -44.07 -1.82
N MET G 135 15.56 -44.32 -3.12
CA MET G 135 15.58 -45.68 -3.64
C MET G 135 16.94 -46.28 -3.48
N CYS G 136 16.97 -47.40 -2.76
CA CYS G 136 18.20 -48.11 -2.45
C CYS G 136 17.87 -49.51 -1.98
N ASP G 137 18.43 -50.50 -2.64
CA ASP G 137 18.23 -51.90 -2.28
C ASP G 137 19.31 -52.32 -1.27
N PRO G 138 18.91 -52.63 -0.03
CA PRO G 138 19.90 -52.91 1.01
C PRO G 138 20.41 -54.38 1.09
N THR G 139 20.22 -55.16 0.04
CA THR G 139 20.63 -56.55 0.03
C THR G 139 22.12 -56.68 0.32
N GLY G 140 22.47 -57.56 1.24
CA GLY G 140 23.87 -57.80 1.58
C GLY G 140 24.43 -56.86 2.62
N VAL G 141 23.57 -56.00 3.17
CA VAL G 141 23.93 -55.12 4.29
C VAL G 141 24.21 -55.97 5.54
N ASP G 142 23.58 -57.13 5.56
CA ASP G 142 23.75 -58.14 6.61
C ASP G 142 25.02 -58.96 6.43
N SER G 143 25.78 -58.66 5.37
CA SER G 143 27.02 -59.38 5.06
C SER G 143 28.26 -58.50 5.30
N GLU G 144 29.43 -59.03 5.01
CA GLU G 144 30.69 -58.33 5.25
C GLU G 144 30.99 -57.21 4.24
N GLU G 145 30.76 -57.47 2.95
CA GLU G 145 30.99 -56.46 1.89
C GLU G 145 29.92 -55.39 1.90
N GLY G 146 28.80 -55.68 2.56
CA GLY G 146 27.74 -54.70 2.74
C GLY G 146 26.95 -54.42 1.48
N ALA G 147 26.15 -53.36 1.52
CA ALA G 147 25.34 -52.94 0.39
C ALA G 147 25.85 -51.61 -0.12
N THR G 148 25.61 -51.32 -1.40
CA THR G 148 26.02 -50.07 -2.00
C THR G 148 24.83 -49.34 -2.60
N CYS G 149 24.71 -48.05 -2.32
CA CYS G 149 23.61 -47.24 -2.86
C CYS G 149 24.09 -45.90 -3.35
N ALA G 150 23.33 -45.34 -4.28
CA ALA G 150 23.68 -44.08 -4.92
C ALA G 150 22.45 -43.22 -5.09
N VAL G 151 22.65 -41.91 -4.99
CA VAL G 151 21.60 -40.95 -5.28
C VAL G 151 22.25 -39.75 -5.95
N LYS G 152 21.63 -39.24 -7.01
CA LYS G 152 22.16 -38.07 -7.68
C LYS G 152 21.51 -36.80 -7.14
N PHE G 153 22.30 -35.76 -6.96
CA PHE G 153 21.80 -34.44 -6.62
C PHE G 153 22.10 -33.47 -7.75
N GLY G 154 21.14 -32.64 -8.12
CA GLY G 154 21.39 -31.65 -9.16
C GLY G 154 20.28 -30.65 -9.28
N SER G 155 20.45 -29.64 -10.13
CA SER G 155 19.41 -28.64 -10.33
C SER G 155 18.22 -29.34 -10.93
N TRP G 156 17.02 -28.85 -10.65
CA TRP G 156 15.83 -29.46 -11.22
C TRP G 156 15.49 -28.91 -12.59
N VAL G 157 15.75 -27.62 -12.82
CA VAL G 157 15.32 -26.98 -14.08
C VAL G 157 16.43 -26.28 -14.86
N TYR G 158 17.61 -26.18 -14.25
CA TYR G 158 18.72 -25.46 -14.86
C TYR G 158 19.73 -26.44 -15.43
N SER G 159 20.17 -26.18 -16.65
CA SER G 159 21.22 -26.98 -17.30
C SER G 159 22.61 -26.54 -16.84
N GLY G 160 23.63 -27.22 -17.38
CA GLY G 160 25.03 -26.92 -17.06
C GLY G 160 25.44 -25.55 -17.53
N PHE G 161 24.76 -25.05 -18.56
CA PHE G 161 24.96 -23.71 -19.08
C PHE G 161 24.50 -22.58 -18.15
N GLU G 162 23.64 -22.89 -17.19
CA GLU G 162 23.14 -21.91 -16.24
C GLU G 162 23.73 -22.13 -14.86
N ILE G 163 23.57 -23.35 -14.35
CA ILE G 163 24.18 -23.75 -13.08
C ILE G 163 25.17 -24.89 -13.30
N ASP G 164 26.41 -24.65 -12.93
CA ASP G 164 27.42 -25.68 -12.91
C ASP G 164 27.62 -26.14 -11.48
N LEU G 165 27.81 -27.43 -11.29
CA LEU G 165 28.09 -27.97 -9.95
C LEU G 165 29.55 -28.30 -9.82
N LYS G 166 30.05 -28.22 -8.59
CA LYS G 166 31.38 -28.72 -8.29
C LYS G 166 31.49 -29.16 -6.84
N THR G 167 32.46 -30.00 -6.55
CA THR G 167 32.73 -30.41 -5.18
C THR G 167 34.10 -29.91 -4.80
N ASP G 168 34.35 -29.74 -3.51
CA ASP G 168 35.70 -29.43 -3.05
C ASP G 168 36.54 -30.71 -2.93
N THR G 169 35.87 -31.83 -2.73
CA THR G 169 36.51 -33.13 -2.57
C THR G 169 35.55 -34.26 -2.94
N ASP G 170 36.11 -35.43 -3.24
CA ASP G 170 35.33 -36.64 -3.53
C ASP G 170 34.85 -37.32 -2.26
N GLN G 171 35.46 -36.96 -1.13
CA GLN G 171 35.18 -37.58 0.17
C GLN G 171 34.02 -36.94 0.88
N VAL G 172 32.94 -37.71 1.02
CA VAL G 172 31.84 -37.31 1.86
C VAL G 172 32.38 -37.23 3.29
N ASP G 173 32.08 -36.13 3.96
CA ASP G 173 32.60 -35.86 5.29
C ASP G 173 31.98 -36.79 6.34
N LEU G 174 32.78 -37.74 6.80
CA LEU G 174 32.30 -38.75 7.75
C LEU G 174 32.66 -38.47 9.22
N SER G 175 33.21 -37.28 9.50
CA SER G 175 33.73 -36.97 10.83
C SER G 175 32.61 -36.74 11.83
N SER G 176 31.40 -36.62 11.32
CA SER G 176 30.25 -36.43 12.19
C SER G 176 29.30 -37.63 12.17
N TYR G 177 29.72 -38.71 11.53
CA TYR G 177 28.86 -39.88 11.45
C TYR G 177 28.59 -40.43 12.83
N TYR G 178 27.31 -40.67 13.13
CA TYR G 178 26.89 -41.20 14.43
C TYR G 178 27.65 -42.48 14.80
N ALA G 179 28.49 -42.35 15.83
CA ALA G 179 29.35 -43.42 16.25
C ALA G 179 28.59 -44.72 16.48
N SER G 180 27.36 -44.62 17.00
CA SER G 180 26.56 -45.79 17.42
C SER G 180 25.36 -46.08 16.51
N SER G 181 25.49 -45.74 15.24
CA SER G 181 24.43 -46.02 14.28
C SER G 181 24.23 -47.51 14.09
N LYS G 182 23.04 -47.89 13.62
CA LYS G 182 22.75 -49.28 13.28
C LYS G 182 23.62 -49.74 12.10
N TYR G 183 24.09 -48.79 11.31
CA TYR G 183 24.88 -49.09 10.14
C TYR G 183 26.17 -48.30 10.17
N GLU G 184 27.27 -48.95 9.80
CA GLU G 184 28.55 -48.25 9.66
C GLU G 184 28.92 -48.01 8.18
N ILE G 185 29.66 -46.93 7.93
CA ILE G 185 30.03 -46.54 6.59
C ILE G 185 31.34 -47.20 6.16
N LEU G 186 31.31 -47.91 5.06
CA LEU G 186 32.52 -48.52 4.52
C LEU G 186 33.24 -47.57 3.57
N SER G 187 32.45 -46.81 2.81
CA SER G 187 32.92 -45.64 2.05
C SER G 187 31.76 -44.75 1.65
N ALA G 188 32.04 -43.47 1.45
CA ALA G 188 31.04 -42.52 0.98
C ALA G 188 31.71 -41.49 0.09
N THR G 189 31.28 -41.42 -1.15
CA THR G 189 31.90 -40.50 -2.13
C THR G 189 30.85 -39.58 -2.69
N GLN G 190 31.31 -38.41 -3.16
CA GLN G 190 30.49 -37.47 -3.89
C GLN G 190 31.23 -37.09 -5.16
N THR G 191 30.65 -37.44 -6.31
CA THR G 191 31.36 -37.30 -7.57
C THR G 191 30.58 -36.47 -8.57
N ARG G 192 31.28 -35.52 -9.20
CA ARG G 192 30.66 -34.66 -10.20
C ARG G 192 30.48 -35.44 -11.48
N GLN G 193 29.31 -35.31 -12.12
CA GLN G 193 29.03 -36.00 -13.36
C GLN G 193 28.50 -35.02 -14.38
N VAL G 194 28.93 -35.20 -15.63
CA VAL G 194 28.37 -34.48 -16.77
C VAL G 194 27.71 -35.45 -17.73
N GLN G 195 26.45 -35.19 -18.06
CA GLN G 195 25.71 -36.05 -18.97
C GLN G 195 25.39 -35.30 -20.27
N HIS G 196 25.45 -36.04 -21.38
CA HIS G 196 25.10 -35.49 -22.69
C HIS G 196 24.13 -36.45 -23.37
N TYR G 197 23.27 -35.89 -24.24
CA TYR G 197 22.33 -36.70 -25.04
C TYR G 197 22.11 -35.95 -26.36
N SER G 198 21.65 -36.67 -27.41
CA SER G 198 21.39 -36.09 -28.76
C SER G 198 20.35 -34.94 -28.77
N CYS G 199 19.57 -34.87 -27.70
CA CYS G 199 18.53 -33.85 -27.48
C CYS G 199 19.08 -32.42 -27.39
N CYS G 200 20.00 -32.23 -26.45
CA CYS G 200 20.24 -30.93 -25.88
C CYS G 200 21.68 -30.51 -26.11
N PRO G 201 21.87 -29.31 -26.72
CA PRO G 201 23.20 -28.70 -26.85
C PRO G 201 23.73 -28.31 -25.48
N GLU G 202 22.88 -28.43 -24.45
CA GLU G 202 23.30 -28.20 -23.07
C GLU G 202 23.66 -29.52 -22.38
N PRO G 203 24.81 -29.52 -21.70
CA PRO G 203 25.15 -30.59 -20.77
C PRO G 203 24.34 -30.49 -19.48
N TYR G 204 24.20 -31.60 -18.79
CA TYR G 204 23.63 -31.61 -17.45
C TYR G 204 24.69 -32.04 -16.45
N ILE G 205 24.74 -31.36 -15.31
CA ILE G 205 25.72 -31.65 -14.27
C ILE G 205 24.99 -32.19 -13.05
N ASP G 206 25.65 -33.06 -12.30
CA ASP G 206 25.09 -33.57 -11.05
C ASP G 206 26.17 -34.13 -10.15
N VAL G 207 25.83 -34.21 -8.86
CA VAL G 207 26.73 -34.83 -7.91
C VAL G 207 26.13 -36.14 -7.47
N ASN G 208 26.93 -37.18 -7.64
CA ASN G 208 26.54 -38.54 -7.37
C ASN G 208 27.06 -38.98 -6.01
N LEU G 209 26.14 -39.12 -5.07
CA LEU G 209 26.45 -39.56 -3.71
C LEU G 209 26.36 -41.07 -3.62
N VAL G 210 27.49 -41.70 -3.35
CA VAL G 210 27.57 -43.18 -3.31
C VAL G 210 28.03 -43.66 -1.94
N VAL G 211 27.18 -44.43 -1.28
CA VAL G 211 27.50 -44.95 0.05
C VAL G 211 27.59 -46.46 0.08
N LYS G 212 28.66 -46.99 0.65
CA LYS G 212 28.75 -48.40 0.98
C LYS G 212 28.60 -48.59 2.48
N PHE G 213 27.64 -49.39 2.88
CA PHE G 213 27.35 -49.57 4.29
C PHE G 213 26.98 -51.00 4.66
N ARG G 214 27.10 -51.32 5.95
CA ARG G 214 26.71 -52.62 6.48
C ARG G 214 26.26 -52.51 7.93
N GLU G 215 25.60 -53.55 8.42
CA GLU G 215 25.11 -53.59 9.79
C GLU G 215 26.26 -53.64 10.77
N ARG G 216 26.02 -53.07 11.95
CA ARG G 216 26.93 -53.00 13.10
C ARG G 216 28.01 -54.10 13.19
N ASP H 1 -18.57 1.08 36.47
CA ASP H 1 -19.41 1.83 35.49
C ASP H 1 -18.57 2.31 34.30
N TYR H 2 -18.74 3.57 33.91
CA TYR H 2 -17.98 4.17 32.81
C TYR H 2 -16.51 4.40 33.16
N LYS H 3 -16.24 4.77 34.41
CA LYS H 3 -14.86 5.08 34.81
C LYS H 3 -13.95 3.86 34.78
N ASP H 4 -14.43 2.72 35.29
CA ASP H 4 -13.66 1.46 35.24
C ASP H 4 -13.77 0.71 33.88
N ASP H 5 -14.60 1.25 32.97
CA ASP H 5 -14.62 0.84 31.57
C ASP H 5 -13.60 1.67 30.80
N ASP H 6 -13.46 2.93 31.20
CA ASP H 6 -12.43 3.84 30.70
C ASP H 6 -11.05 3.48 31.27
N ASP H 7 -11.00 2.98 32.49
CA ASP H 7 -9.75 2.58 33.11
C ASP H 7 -9.17 1.39 32.40
N LYS H 8 -10.02 0.44 32.01
CA LYS H 8 -9.57 -0.74 31.26
C LYS H 8 -9.12 -0.33 29.86
N LEU H 9 -9.88 0.58 29.24
CA LEU H 9 -9.51 1.17 27.96
C LEU H 9 -8.18 1.90 28.02
N HIS H 10 -7.96 2.66 29.08
CA HIS H 10 -6.69 3.36 29.32
C HIS H 10 -5.52 2.36 29.37
N SER H 11 -5.67 1.32 30.18
CA SER H 11 -4.61 0.32 30.32
C SER H 11 -4.35 -0.39 29.01
N GLN H 12 -5.39 -0.54 28.18
CA GLN H 12 -5.25 -1.17 26.88
C GLN H 12 -4.47 -0.27 25.94
N ALA H 13 -4.83 1.01 25.93
CA ALA H 13 -4.15 2.03 25.16
C ALA H 13 -2.66 2.09 25.50
N ASN H 14 -2.33 2.03 26.78
CA ASN H 14 -0.94 2.05 27.18
C ASN H 14 -0.11 0.90 26.63
N LEU H 15 -0.69 -0.30 26.61
CA LEU H 15 0.00 -1.45 26.05
C LEU H 15 0.13 -1.32 24.54
N MET H 16 -0.95 -0.88 23.91
CA MET H 16 -0.95 -0.61 22.47
C MET H 16 0.18 0.34 22.12
N ARG H 17 0.27 1.44 22.86
CA ARG H 17 1.34 2.43 22.70
C ARG H 17 2.75 1.82 22.85
N LEU H 18 2.93 1.00 23.89
CA LEU H 18 4.23 0.40 24.15
C LEU H 18 4.63 -0.50 23.00
N LYS H 19 3.73 -1.41 22.60
CA LYS H 19 4.01 -2.35 21.53
C LYS H 19 4.30 -1.59 20.24
N SER H 20 3.45 -0.61 19.93
CA SER H 20 3.59 0.21 18.73
C SER H 20 4.91 0.96 18.71
N ASP H 21 5.32 1.49 19.85
CA ASP H 21 6.61 2.17 19.99
C ASP H 21 7.75 1.17 19.80
N LEU H 22 7.63 0.02 20.46
CA LEU H 22 8.67 -0.98 20.46
C LEU H 22 8.89 -1.60 19.09
N PHE H 23 7.80 -1.81 18.36
CA PHE H 23 7.86 -2.43 17.03
C PHE H 23 8.39 -1.45 15.98
N ASN H 24 7.84 -0.24 16.00
CA ASN H 24 8.22 0.82 15.08
C ASN H 24 9.56 1.46 15.33
N ARG H 25 10.26 1.04 16.37
CA ARG H 25 11.52 1.70 16.70
C ARG H 25 12.52 1.51 15.55
N SER H 26 13.21 2.59 15.18
CA SER H 26 14.20 2.57 14.10
C SER H 26 15.41 1.71 14.52
N PRO H 27 16.31 1.37 13.58
CA PRO H 27 16.91 0.11 13.13
C PRO H 27 16.22 -1.23 13.35
N MET H 28 14.89 -1.30 13.33
CA MET H 28 14.24 -2.57 13.74
C MET H 28 15.21 -3.81 13.65
N TYR H 29 15.86 -4.06 14.80
CA TYR H 29 16.89 -5.09 15.08
C TYR H 29 17.22 -6.14 14.01
N PRO H 30 18.49 -6.19 13.56
CA PRO H 30 18.89 -7.10 12.50
C PRO H 30 19.57 -8.41 12.91
N GLY H 31 19.36 -8.89 14.13
CA GLY H 31 20.10 -10.04 14.65
C GLY H 31 21.40 -9.66 15.36
N PRO H 32 21.91 -10.54 16.24
CA PRO H 32 23.20 -10.29 16.84
C PRO H 32 24.34 -10.23 15.80
N THR H 33 25.36 -9.43 16.11
CA THR H 33 26.55 -9.30 15.28
C THR H 33 27.77 -9.32 16.20
N LYS H 34 28.99 -9.31 15.62
CA LYS H 34 30.20 -9.22 16.43
C LYS H 34 30.21 -7.98 17.31
N ASP H 35 29.85 -6.82 16.76
CA ASP H 35 29.85 -5.57 17.55
C ASP H 35 28.67 -5.45 18.52
N ASP H 36 27.73 -6.39 18.42
CA ASP H 36 26.49 -6.33 19.18
C ASP H 36 26.06 -7.76 19.59
N PRO H 37 26.95 -8.47 20.33
CA PRO H 37 26.71 -9.87 20.61
C PRO H 37 25.60 -10.08 21.63
N LEU H 38 25.23 -11.34 21.83
CA LEU H 38 24.06 -11.70 22.62
C LEU H 38 24.35 -12.97 23.42
N THR H 39 23.71 -13.12 24.57
CA THR H 39 23.83 -14.35 25.34
C THR H 39 22.46 -15.00 25.49
N VAL H 40 22.34 -16.23 25.01
CA VAL H 40 21.11 -16.98 25.18
C VAL H 40 21.28 -18.00 26.29
N THR H 41 20.38 -17.99 27.26
CA THR H 41 20.41 -18.96 28.34
C THR H 41 19.48 -20.13 28.05
N LEU H 42 20.04 -21.34 28.11
CA LEU H 42 19.26 -22.56 27.85
C LEU H 42 19.04 -23.37 29.11
N GLY H 43 17.85 -23.91 29.23
CA GLY H 43 17.50 -24.85 30.28
C GLY H 43 16.55 -25.89 29.71
N PHE H 44 16.64 -27.12 30.21
CA PHE H 44 15.69 -28.16 29.82
C PHE H 44 14.89 -28.68 31.01
N THR H 45 13.56 -28.69 30.85
CA THR H 45 12.70 -29.47 31.73
C THR H 45 12.28 -30.70 30.93
N LEU H 46 12.74 -31.86 31.37
CA LEU H 46 12.51 -33.08 30.66
C LEU H 46 11.25 -33.74 31.17
N GLN H 47 10.29 -33.94 30.27
CA GLN H 47 8.98 -34.48 30.63
C GLN H 47 8.84 -35.98 30.48
N ASP H 48 9.26 -36.50 29.33
CA ASP H 48 9.05 -37.92 29.03
C ASP H 48 10.07 -38.45 28.02
N ILE H 49 10.53 -39.68 28.24
CA ILE H 49 11.11 -40.43 27.15
C ILE H 49 9.97 -41.31 26.65
N VAL H 50 9.45 -40.99 25.48
CA VAL H 50 8.26 -41.66 24.97
C VAL H 50 8.59 -42.99 24.35
N LYS H 51 9.66 -43.02 23.57
CA LYS H 51 9.95 -44.14 22.69
C LYS H 51 11.46 -44.32 22.53
N ALA H 52 11.91 -45.58 22.57
CA ALA H 52 13.30 -45.89 22.25
C ALA H 52 13.31 -46.95 21.17
N ASP H 53 13.49 -46.53 19.92
CA ASP H 53 13.45 -47.48 18.80
C ASP H 53 14.82 -48.09 18.61
N SER H 54 14.96 -49.34 19.01
CA SER H 54 16.25 -50.04 18.96
C SER H 54 16.59 -50.61 17.58
N SER H 55 15.61 -50.63 16.68
CA SER H 55 15.84 -51.08 15.31
C SER H 55 16.34 -49.95 14.40
N THR H 56 16.26 -48.71 14.86
CA THR H 56 16.79 -47.57 14.12
C THR H 56 17.71 -46.67 14.96
N ASN H 57 17.89 -47.01 16.22
CA ASN H 57 18.63 -46.15 17.15
C ASN H 57 18.16 -44.69 17.12
N GLU H 58 16.86 -44.52 17.31
CA GLU H 58 16.21 -43.22 17.46
C GLU H 58 15.51 -43.20 18.82
N VAL H 59 15.64 -42.09 19.54
CA VAL H 59 14.94 -41.92 20.82
C VAL H 59 14.11 -40.65 20.80
N ASP H 60 12.92 -40.73 21.41
CA ASP H 60 11.94 -39.64 21.39
C ASP H 60 11.78 -38.99 22.77
N LEU H 61 12.13 -37.71 22.86
CA LEU H 61 11.97 -36.95 24.10
C LEU H 61 10.91 -35.88 23.98
N VAL H 62 10.24 -35.62 25.08
CA VAL H 62 9.36 -34.48 25.20
C VAL H 62 9.94 -33.62 26.31
N TYR H 63 10.19 -32.35 26.02
CA TYR H 63 10.80 -31.43 26.98
C TYR H 63 10.28 -30.02 26.78
N TYR H 64 10.53 -29.18 27.78
CA TYR H 64 10.37 -27.73 27.65
C TYR H 64 11.77 -27.17 27.48
N GLU H 65 11.98 -26.42 26.41
CA GLU H 65 13.25 -25.81 26.16
C GLU H 65 13.08 -24.37 26.49
N GLN H 66 13.74 -23.92 27.55
CA GLN H 66 13.55 -22.58 28.00
C GLN H 66 14.66 -21.69 27.50
N GLN H 67 14.27 -20.62 26.84
CA GLN H 67 15.22 -19.72 26.21
C GLN H 67 15.14 -18.33 26.80
N ARG H 68 16.28 -17.69 27.00
CA ARG H 68 16.30 -16.35 27.54
C ARG H 68 17.38 -15.52 26.88
N TRP H 69 17.06 -14.25 26.62
CA TRP H 69 18.03 -13.29 26.10
C TRP H 69 17.54 -11.88 26.38
N LYS H 70 18.42 -10.91 26.16
CA LYS H 70 18.11 -9.53 26.50
C LYS H 70 18.51 -8.58 25.36
N LEU H 71 17.57 -7.77 24.90
CA LEU H 71 17.88 -6.79 23.87
C LEU H 71 17.66 -5.39 24.37
N ASN H 72 18.62 -4.50 24.12
CA ASN H 72 18.45 -3.09 24.43
C ASN H 72 17.22 -2.53 23.76
N SER H 73 16.98 -2.99 22.53
CA SER H 73 15.85 -2.52 21.73
C SER H 73 14.47 -2.97 22.24
N LEU H 74 14.43 -3.73 23.32
CA LEU H 74 13.15 -4.10 23.92
C LEU H 74 12.97 -3.48 25.30
N MET H 75 13.93 -2.63 25.68
CA MET H 75 13.88 -1.89 26.93
C MET H 75 12.81 -0.81 26.89
N TRP H 76 12.18 -0.56 28.03
CA TRP H 76 11.35 0.63 28.20
C TRP H 76 11.28 1.04 29.67
N ASP H 77 10.86 2.27 29.93
CA ASP H 77 10.66 2.72 31.28
C ASP H 77 9.17 2.58 31.63
N PRO H 78 8.84 1.70 32.57
CA PRO H 78 7.45 1.46 32.94
C PRO H 78 6.71 2.75 33.28
N ASN H 79 7.44 3.74 33.77
CA ASN H 79 6.86 5.02 34.12
C ASN H 79 6.28 5.78 32.94
N GLU H 80 6.86 5.57 31.77
CA GLU H 80 6.37 6.18 30.54
C GLU H 80 5.23 5.39 29.93
N TYR H 81 5.07 4.16 30.38
CA TYR H 81 4.05 3.29 29.80
C TYR H 81 3.02 2.76 30.81
N GLY H 82 2.47 3.66 31.62
CA GLY H 82 1.43 3.32 32.59
C GLY H 82 1.78 2.16 33.49
N ASN H 83 3.02 2.17 34.00
CA ASN H 83 3.54 1.14 34.92
C ASN H 83 3.53 -0.29 34.39
N ILE H 84 3.37 -0.46 33.08
CA ILE H 84 3.44 -1.77 32.45
C ILE H 84 4.86 -2.29 32.57
N THR H 85 5.03 -3.52 33.03
CA THR H 85 6.35 -4.06 33.29
C THR H 85 6.73 -5.21 32.36
N ASP H 86 5.74 -5.79 31.71
CA ASP H 86 5.93 -6.97 30.86
C ASP H 86 4.73 -7.23 29.98
N PHE H 87 4.95 -7.80 28.82
CA PHE H 87 3.84 -8.15 27.92
C PHE H 87 4.04 -9.47 27.19
N ARG H 88 2.94 -10.11 26.82
CA ARG H 88 3.00 -11.31 26.02
C ARG H 88 2.86 -10.92 24.56
N THR H 89 3.68 -11.53 23.71
CA THR H 89 3.54 -11.34 22.28
C THR H 89 3.84 -12.62 21.51
N SER H 90 3.28 -12.73 20.31
CA SER H 90 3.58 -13.89 19.47
C SER H 90 5.08 -13.95 19.14
N ALA H 91 5.64 -15.14 19.20
CA ALA H 91 7.07 -15.32 18.91
C ALA H 91 7.45 -14.91 17.50
N ALA H 92 6.49 -14.90 16.59
CA ALA H 92 6.75 -14.45 15.23
C ALA H 92 6.86 -12.92 15.11
N ASP H 93 6.49 -12.21 16.17
CA ASP H 93 6.54 -10.74 16.18
C ASP H 93 7.91 -10.22 16.57
N ILE H 94 8.80 -11.13 16.98
CA ILE H 94 10.13 -10.73 17.47
C ILE H 94 11.21 -11.66 16.96
N TRP H 95 12.45 -11.18 16.96
CA TRP H 95 13.58 -12.02 16.68
C TRP H 95 13.65 -13.07 17.78
N THR H 96 13.98 -14.29 17.40
CA THR H 96 14.22 -15.39 18.34
C THR H 96 15.50 -16.13 17.89
N PRO H 97 16.23 -16.76 18.83
CA PRO H 97 17.46 -17.41 18.41
C PRO H 97 17.19 -18.70 17.66
N ASP H 98 18.11 -19.09 16.78
CA ASP H 98 17.95 -20.25 15.94
C ASP H 98 18.55 -21.51 16.58
N ILE H 99 18.17 -21.76 17.83
CA ILE H 99 18.74 -22.87 18.58
C ILE H 99 18.20 -24.21 18.06
N THR H 100 19.09 -25.06 17.56
CA THR H 100 18.69 -26.35 17.00
C THR H 100 19.40 -27.51 17.66
N ALA H 101 18.76 -28.67 17.65
CA ALA H 101 19.40 -29.93 18.00
C ALA H 101 20.27 -30.35 16.83
N TYR H 102 21.52 -30.71 17.10
CA TYR H 102 22.44 -31.03 16.02
C TYR H 102 22.29 -32.43 15.44
N SER H 103 21.67 -33.34 16.20
CA SER H 103 21.54 -34.73 15.76
C SER H 103 20.12 -35.27 15.78
N SER H 104 19.14 -34.46 15.38
CA SER H 104 17.75 -34.93 15.25
C SER H 104 17.60 -35.83 14.02
N THR H 105 16.56 -36.65 14.02
CA THR H 105 16.31 -37.53 12.88
C THR H 105 14.98 -37.21 12.21
N ARG H 106 14.21 -36.33 12.82
CA ARG H 106 12.93 -35.87 12.29
C ARG H 106 12.81 -34.39 12.64
N PRO H 107 12.05 -33.62 11.83
CA PRO H 107 11.88 -32.23 12.23
C PRO H 107 11.23 -32.19 13.61
N VAL H 108 11.73 -31.30 14.48
CA VAL H 108 11.19 -31.14 15.82
C VAL H 108 9.72 -30.80 15.74
N GLN H 109 8.93 -31.29 16.68
CA GLN H 109 7.51 -30.95 16.74
C GLN H 109 7.22 -30.02 17.90
N VAL H 110 6.55 -28.90 17.61
CA VAL H 110 6.22 -27.93 18.65
C VAL H 110 4.86 -28.29 19.25
N LEU H 111 4.82 -28.42 20.57
CA LEU H 111 3.65 -28.90 21.28
C LEU H 111 2.84 -27.79 21.93
N SER H 112 3.46 -26.63 22.07
CA SER H 112 2.86 -25.50 22.77
C SER H 112 2.67 -24.31 21.82
N PRO H 113 1.89 -23.29 22.25
CA PRO H 113 1.91 -22.04 21.49
C PRO H 113 3.30 -21.38 21.42
N GLN H 114 3.49 -20.60 20.36
CA GLN H 114 4.72 -19.85 20.11
C GLN H 114 4.53 -18.45 20.63
N ILE H 115 4.61 -18.29 21.94
CA ILE H 115 4.37 -16.99 22.56
C ILE H 115 5.50 -16.69 23.50
N ALA H 116 6.05 -15.49 23.42
CA ALA H 116 7.14 -15.08 24.29
C ALA H 116 6.68 -14.01 25.29
N VAL H 117 7.44 -13.85 26.37
CA VAL H 117 7.12 -12.86 27.38
C VAL H 117 8.26 -11.86 27.41
N VAL H 118 7.93 -10.58 27.19
CA VAL H 118 8.94 -9.51 27.21
C VAL H 118 8.85 -8.65 28.46
N THR H 119 10.00 -8.39 29.08
CA THR H 119 10.08 -7.60 30.31
C THR H 119 10.77 -6.27 30.05
N HIS H 120 10.48 -5.27 30.87
CA HIS H 120 10.91 -3.89 30.63
C HIS H 120 12.42 -3.69 30.52
N ASP H 121 13.20 -4.57 31.13
CA ASP H 121 14.65 -4.52 31.02
C ASP H 121 15.14 -5.03 29.68
N GLY H 122 14.21 -5.44 28.83
CA GLY H 122 14.51 -5.90 27.48
C GLY H 122 14.73 -7.38 27.36
N SER H 123 14.53 -8.12 28.44
CA SER H 123 14.71 -9.56 28.42
C SER H 123 13.48 -10.29 27.89
N VAL H 124 13.73 -11.28 27.05
CA VAL H 124 12.67 -12.09 26.49
C VAL H 124 12.74 -13.49 27.07
N MET H 125 11.59 -14.07 27.34
CA MET H 125 11.53 -15.45 27.76
C MET H 125 10.59 -16.26 26.88
N PHE H 126 11.16 -17.31 26.28
CA PHE H 126 10.45 -18.13 25.33
C PHE H 126 10.66 -19.61 25.76
N ILE H 127 9.56 -20.31 26.05
CA ILE H 127 9.62 -21.69 26.54
C ILE H 127 8.71 -22.66 25.75
N PRO H 128 9.11 -23.03 24.53
CA PRO H 128 8.30 -23.98 23.78
C PRO H 128 8.43 -25.42 24.26
N ALA H 129 7.31 -26.14 24.24
CA ALA H 129 7.32 -27.59 24.47
C ALA H 129 7.58 -28.31 23.15
N GLN H 130 8.43 -29.33 23.16
CA GLN H 130 8.81 -30.01 21.92
C GLN H 130 8.88 -31.52 22.07
N ARG H 131 8.58 -32.23 20.98
CA ARG H 131 8.95 -33.64 20.87
C ARG H 131 10.08 -33.74 19.84
N LEU H 132 11.20 -34.31 20.26
CA LEU H 132 12.39 -34.44 19.42
C LEU H 132 12.74 -35.91 19.22
N SER H 133 12.96 -36.30 17.98
CA SER H 133 13.57 -37.60 17.67
C SER H 133 15.03 -37.39 17.34
N PHE H 134 15.91 -38.05 18.06
CA PHE H 134 17.33 -37.88 17.80
C PHE H 134 18.09 -39.20 17.86
N MET H 135 19.31 -39.18 17.32
CA MET H 135 20.14 -40.35 17.21
C MET H 135 20.60 -40.75 18.56
N CYS H 136 20.22 -41.97 18.96
CA CYS H 136 20.57 -42.50 20.26
C CYS H 136 20.38 -44.01 20.24
N ASP H 137 21.43 -44.73 20.64
CA ASP H 137 21.44 -46.19 20.69
C ASP H 137 21.01 -46.64 22.08
N PRO H 138 19.84 -47.29 22.19
CA PRO H 138 19.30 -47.64 23.50
C PRO H 138 19.75 -48.98 24.08
N THR H 139 20.89 -49.50 23.63
CA THR H 139 21.38 -50.78 24.13
C THR H 139 21.66 -50.71 25.62
N GLY H 140 21.10 -51.66 26.36
CA GLY H 140 21.33 -51.75 27.80
C GLY H 140 20.31 -51.01 28.61
N VAL H 141 19.31 -50.44 27.94
CA VAL H 141 18.20 -49.79 28.62
C VAL H 141 17.41 -50.84 29.38
N ASP H 142 17.50 -52.08 28.89
CA ASP H 142 16.87 -53.26 29.47
C ASP H 142 17.67 -53.81 30.64
N SER H 143 18.79 -53.16 30.97
CA SER H 143 19.65 -53.56 32.08
C SER H 143 19.60 -52.57 33.23
N GLU H 144 20.42 -52.80 34.25
CA GLU H 144 20.39 -51.97 35.47
C GLU H 144 21.11 -50.63 35.34
N GLU H 145 22.26 -50.62 34.65
CA GLU H 145 23.01 -49.38 34.44
C GLU H 145 22.39 -48.52 33.34
N GLY H 146 21.49 -49.12 32.57
CA GLY H 146 20.73 -48.39 31.57
C GLY H 146 21.53 -48.02 30.34
N ALA H 147 20.97 -47.12 29.53
CA ALA H 147 21.64 -46.63 28.35
C ALA H 147 21.90 -45.14 28.52
N THR H 148 22.89 -44.61 27.80
CA THR H 148 23.23 -43.19 27.89
C THR H 148 23.15 -42.58 26.51
N CYS H 149 22.48 -41.43 26.39
CA CYS H 149 22.42 -40.70 25.11
C CYS H 149 22.70 -39.22 25.27
N ALA H 150 23.14 -38.59 24.19
CA ALA H 150 23.50 -37.18 24.21
C ALA H 150 23.03 -36.51 22.94
N VAL H 151 22.66 -35.25 23.06
CA VAL H 151 22.31 -34.43 21.91
C VAL H 151 22.81 -33.00 22.17
N LYS H 152 23.42 -32.39 21.17
CA LYS H 152 23.91 -31.03 21.32
C LYS H 152 22.88 -30.05 20.79
N PHE H 153 22.71 -28.94 21.50
CA PHE H 153 21.85 -27.85 21.06
C PHE H 153 22.70 -26.60 20.88
N GLY H 154 22.46 -25.87 19.81
CA GLY H 154 23.18 -24.61 19.60
C GLY H 154 22.66 -23.83 18.41
N SER H 155 23.21 -22.63 18.21
CA SER H 155 22.81 -21.83 17.05
C SER H 155 23.19 -22.57 15.78
N TRP H 156 22.40 -22.39 14.73
CA TRP H 156 22.70 -23.02 13.46
C TRP H 156 23.72 -22.25 12.62
N VAL H 157 23.69 -20.92 12.67
CA VAL H 157 24.51 -20.08 11.79
C VAL H 157 25.36 -19.04 12.52
N TYR H 158 25.15 -18.89 13.82
CA TYR H 158 25.86 -17.91 14.64
C TYR H 158 26.99 -18.52 15.46
N SER H 159 28.17 -17.91 15.38
CA SER H 159 29.31 -18.35 16.17
C SER H 159 29.22 -17.78 17.58
N GLY H 160 30.16 -18.18 18.43
CA GLY H 160 30.23 -17.70 19.81
C GLY H 160 30.45 -16.21 19.93
N PHE H 161 31.05 -15.63 18.89
CA PHE H 161 31.26 -14.20 18.79
C PHE H 161 29.97 -13.41 18.58
N GLU H 162 28.91 -14.07 18.14
CA GLU H 162 27.63 -13.41 17.93
C GLU H 162 26.61 -13.86 18.98
N ILE H 163 26.44 -15.17 19.13
CA ILE H 163 25.58 -15.73 20.17
C ILE H 163 26.42 -16.60 21.09
N ASP H 164 26.47 -16.25 22.36
CA ASP H 164 27.04 -17.10 23.37
C ASP H 164 25.89 -17.81 24.07
N LEU H 165 26.11 -19.06 24.45
CA LEU H 165 25.13 -19.82 25.24
C LEU H 165 25.60 -19.93 26.68
N LYS H 166 24.62 -20.05 27.59
CA LYS H 166 24.91 -20.37 28.97
C LYS H 166 23.74 -21.07 29.63
N THR H 167 24.02 -21.81 30.70
CA THR H 167 22.97 -22.49 31.45
C THR H 167 22.93 -21.88 32.84
N ASP H 168 21.79 -21.97 33.50
CA ASP H 168 21.71 -21.55 34.90
C ASP H 168 22.25 -22.64 35.82
N THR H 169 22.21 -23.88 35.33
CA THR H 169 22.63 -25.03 36.10
C THR H 169 22.94 -26.21 35.18
N ASP H 170 23.70 -27.16 35.70
CA ASP H 170 24.04 -28.40 34.99
C ASP H 170 22.96 -29.46 35.04
N GLN H 171 21.99 -29.28 35.94
CA GLN H 171 20.95 -30.25 36.15
C GLN H 171 19.78 -29.97 35.29
N VAL H 172 19.47 -30.92 34.41
CA VAL H 172 18.22 -30.89 33.68
C VAL H 172 17.10 -31.04 34.73
N ASP H 173 16.10 -30.17 34.65
CA ASP H 173 14.98 -30.16 35.58
C ASP H 173 14.05 -31.36 35.43
N LEU H 174 14.10 -32.25 36.40
CA LEU H 174 13.35 -33.51 36.33
C LEU H 174 12.08 -33.54 37.20
N SER H 175 11.70 -32.39 37.75
CA SER H 175 10.58 -32.31 38.68
C SER H 175 9.25 -32.50 37.95
N SER H 176 9.28 -32.44 36.62
CA SER H 176 8.07 -32.61 35.82
C SER H 176 8.10 -33.87 34.98
N TYR H 177 9.10 -34.72 35.21
CA TYR H 177 9.20 -35.99 34.48
C TYR H 177 8.04 -36.91 34.80
N TYR H 178 7.45 -37.46 33.75
CA TYR H 178 6.26 -38.28 33.87
C TYR H 178 6.50 -39.45 34.82
N ALA H 179 5.80 -39.42 35.95
CA ALA H 179 5.96 -40.42 36.99
C ALA H 179 5.84 -41.85 36.46
N SER H 180 4.94 -42.08 35.51
CA SER H 180 4.65 -43.43 35.03
C SER H 180 5.15 -43.70 33.62
N SER H 181 6.23 -43.04 33.23
CA SER H 181 6.85 -43.26 31.92
C SER H 181 7.35 -44.71 31.78
N LYS H 182 7.51 -45.17 30.54
CA LYS H 182 8.10 -46.47 30.26
C LYS H 182 9.56 -46.52 30.67
N TYR H 183 10.20 -45.36 30.74
CA TYR H 183 11.61 -45.24 31.08
C TYR H 183 11.80 -44.27 32.23
N GLU H 184 12.67 -44.63 33.17
CA GLU H 184 13.02 -43.72 34.26
C GLU H 184 14.41 -43.08 34.06
N ILE H 185 14.57 -41.85 34.56
CA ILE H 185 15.81 -41.11 34.39
C ILE H 185 16.76 -41.43 35.50
N LEU H 186 17.97 -41.84 35.13
CA LEU H 186 19.01 -42.09 36.12
C LEU H 186 19.84 -40.84 36.38
N SER H 187 20.09 -40.08 35.30
CA SER H 187 20.62 -38.71 35.40
C SER H 187 20.38 -37.97 34.11
N ALA H 188 20.30 -36.64 34.21
CA ALA H 188 20.14 -35.78 33.05
C ALA H 188 20.87 -34.48 33.29
N THR H 189 21.89 -34.22 32.46
CA THR H 189 22.71 -33.01 32.60
C THR H 189 22.63 -32.15 31.33
N GLN H 190 22.92 -30.87 31.51
CA GLN H 190 23.02 -29.91 30.40
C GLN H 190 24.32 -29.14 30.59
N THR H 191 25.24 -29.29 29.65
CA THR H 191 26.59 -28.78 29.86
C THR H 191 26.99 -27.89 28.70
N ARG H 192 27.58 -26.74 29.04
CA ARG H 192 28.01 -25.80 28.02
C ARG H 192 29.31 -26.29 27.44
N GLN H 193 29.42 -26.20 26.12
CA GLN H 193 30.63 -26.61 25.43
C GLN H 193 31.13 -25.53 24.49
N VAL H 194 32.45 -25.35 24.46
CA VAL H 194 33.09 -24.48 23.51
C VAL H 194 33.86 -25.37 22.54
N GLN H 195 33.36 -25.34 21.31
CA GLN H 195 33.89 -26.11 20.18
C GLN H 195 34.59 -25.18 19.16
N HIS H 196 35.70 -25.65 18.60
CA HIS H 196 36.38 -24.94 17.52
C HIS H 196 36.47 -25.85 16.29
N TYR H 197 36.42 -25.26 15.10
CA TYR H 197 36.54 -25.99 13.84
C TYR H 197 37.69 -25.46 13.04
N SER H 198 38.38 -26.34 12.31
CA SER H 198 39.68 -25.97 11.72
C SER H 198 39.61 -24.96 10.58
N CYS H 199 38.39 -24.68 10.12
CA CYS H 199 38.15 -23.73 9.06
C CYS H 199 38.07 -22.29 9.55
N CYS H 200 38.01 -22.12 10.87
CA CYS H 200 37.32 -20.97 11.43
C CYS H 200 37.91 -20.58 12.77
N PRO H 201 38.28 -19.30 12.94
CA PRO H 201 38.88 -18.88 14.22
C PRO H 201 37.88 -18.86 15.37
N GLU H 202 36.67 -18.39 15.10
CA GLU H 202 35.67 -18.15 16.14
C GLU H 202 35.32 -19.41 16.94
N PRO H 203 35.09 -19.24 18.26
CA PRO H 203 34.49 -20.29 19.06
C PRO H 203 33.04 -20.49 18.67
N TYR H 204 32.57 -21.72 18.73
CA TYR H 204 31.13 -22.03 18.64
C TYR H 204 30.68 -22.56 19.96
N ILE H 205 29.42 -22.35 20.26
CA ILE H 205 28.93 -22.76 21.56
C ILE H 205 27.76 -23.69 21.39
N ASP H 206 27.72 -24.72 22.22
CA ASP H 206 26.53 -25.56 22.32
C ASP H 206 26.24 -26.01 23.76
N VAL H 207 25.01 -26.44 23.98
CA VAL H 207 24.68 -27.10 25.23
C VAL H 207 24.46 -28.58 24.96
N ASN H 208 25.21 -29.40 25.70
CA ASN H 208 25.16 -30.84 25.53
C ASN H 208 24.24 -31.50 26.56
N LEU H 209 23.10 -31.98 26.07
CA LEU H 209 22.10 -32.63 26.90
C LEU H 209 22.43 -34.12 26.97
N VAL H 210 22.72 -34.61 28.16
CA VAL H 210 23.11 -36.01 28.31
C VAL H 210 22.17 -36.73 29.25
N VAL H 211 21.48 -37.76 28.75
CA VAL H 211 20.51 -38.51 29.54
C VAL H 211 20.91 -39.95 29.75
N LYS H 212 20.89 -40.38 31.00
CA LYS H 212 21.00 -41.80 31.33
C LYS H 212 19.68 -42.35 31.75
N PHE H 213 19.19 -43.35 31.04
CA PHE H 213 17.87 -43.92 31.32
C PHE H 213 17.80 -45.44 31.23
N ARG H 214 16.74 -46.01 31.77
CA ARG H 214 16.50 -47.45 31.72
C ARG H 214 15.01 -47.76 31.76
N GLU H 215 14.65 -49.00 31.43
CA GLU H 215 13.26 -49.41 31.47
C GLU H 215 12.76 -49.44 32.90
N ARG H 216 11.49 -49.08 33.07
CA ARG H 216 10.84 -49.05 34.38
C ARG H 216 10.98 -50.39 35.12
N ARG H 217 11.37 -50.33 36.39
CA ARG H 217 11.41 -51.52 37.27
C ARG H 217 11.04 -51.15 38.71
N ASP I 1 -38.74 -10.31 -4.82
CA ASP I 1 -38.42 -9.41 -5.96
C ASP I 1 -37.28 -8.46 -5.59
N TYR I 2 -37.32 -7.23 -6.12
CA TYR I 2 -36.32 -6.19 -5.85
C TYR I 2 -36.27 -5.79 -4.38
N LYS I 3 -37.45 -5.68 -3.74
CA LYS I 3 -37.51 -5.25 -2.34
C LYS I 3 -36.81 -6.24 -1.41
N ASP I 4 -37.10 -7.53 -1.54
CA ASP I 4 -36.38 -8.50 -0.69
C ASP I 4 -34.98 -8.87 -1.20
N ASP I 5 -34.61 -8.36 -2.37
CA ASP I 5 -33.21 -8.37 -2.80
C ASP I 5 -32.44 -7.26 -2.08
N ASP I 6 -33.09 -6.09 -2.01
CA ASP I 6 -32.60 -4.91 -1.30
C ASP I 6 -32.62 -5.15 0.20
N ASP I 7 -33.58 -5.95 0.67
CA ASP I 7 -33.64 -6.35 2.07
C ASP I 7 -32.43 -7.16 2.45
N LYS I 8 -32.12 -8.19 1.67
CA LYS I 8 -30.98 -9.06 1.98
C LYS I 8 -29.65 -8.27 1.94
N LEU I 9 -29.56 -7.35 0.97
CA LEU I 9 -28.45 -6.43 0.85
C LEU I 9 -28.31 -5.53 2.06
N HIS I 10 -29.44 -5.03 2.56
CA HIS I 10 -29.44 -4.23 3.77
C HIS I 10 -28.86 -5.00 4.96
N SER I 11 -29.36 -6.22 5.16
CA SER I 11 -28.91 -7.07 6.27
C SER I 11 -27.42 -7.40 6.16
N GLN I 12 -26.94 -7.53 4.92
CA GLN I 12 -25.53 -7.78 4.67
C GLN I 12 -24.71 -6.58 5.05
N ALA I 13 -25.14 -5.39 4.62
CA ALA I 13 -24.45 -4.15 4.92
C ALA I 13 -24.36 -3.88 6.42
N ASN I 14 -25.43 -4.16 7.16
CA ASN I 14 -25.39 -4.00 8.60
C ASN I 14 -24.32 -4.87 9.25
N LEU I 15 -24.24 -6.14 8.86
CA LEU I 15 -23.19 -7.04 9.37
C LEU I 15 -21.80 -6.54 9.02
N MET I 16 -21.64 -6.09 7.77
CA MET I 16 -20.36 -5.55 7.31
C MET I 16 -19.95 -4.36 8.16
N ARG I 17 -20.91 -3.47 8.41
CA ARG I 17 -20.71 -2.32 9.27
C ARG I 17 -20.27 -2.75 10.66
N LEU I 18 -20.98 -3.71 11.25
CA LEU I 18 -20.69 -4.15 12.61
C LEU I 18 -19.28 -4.70 12.69
N LYS I 19 -18.95 -5.63 11.79
CA LYS I 19 -17.64 -6.26 11.79
C LYS I 19 -16.54 -5.23 11.53
N SER I 20 -16.73 -4.35 10.56
CA SER I 20 -15.74 -3.29 10.28
C SER I 20 -15.54 -2.38 11.49
N ASP I 21 -16.63 -2.03 12.17
CA ASP I 21 -16.55 -1.18 13.34
C ASP I 21 -15.86 -1.92 14.48
N LEU I 22 -16.19 -3.19 14.66
CA LEU I 22 -15.62 -3.98 15.73
C LEU I 22 -14.13 -4.24 15.53
N PHE I 23 -13.70 -4.45 14.29
CA PHE I 23 -12.30 -4.75 13.97
C PHE I 23 -11.44 -3.50 14.06
N ASN I 24 -11.93 -2.43 13.45
CA ASN I 24 -11.23 -1.16 13.39
C ASN I 24 -11.26 -0.31 14.66
N ARG I 25 -11.86 -0.83 15.72
CA ARG I 25 -11.98 -0.04 16.95
C ARG I 25 -10.59 0.19 17.51
N SER I 26 -10.34 1.43 17.96
CA SER I 26 -9.04 1.80 18.54
C SER I 26 -8.84 1.06 19.89
N PRO I 27 -7.62 1.08 20.46
CA PRO I 27 -6.72 0.08 20.98
C PRO I 27 -6.76 -1.38 20.50
N MET I 28 -7.15 -1.66 19.27
CA MET I 28 -7.35 -3.08 18.88
C MET I 28 -6.65 -4.08 19.88
N TYR I 29 -7.44 -4.47 20.88
CA TYR I 29 -7.14 -5.37 22.02
C TYR I 29 -5.78 -6.09 22.07
N PRO I 30 -4.97 -5.83 23.12
CA PRO I 30 -3.63 -6.42 23.20
C PRO I 30 -3.49 -7.66 24.11
N GLY I 31 -4.54 -8.43 24.32
CA GLY I 31 -4.50 -9.54 25.29
C GLY I 31 -4.85 -9.11 26.71
N PRO I 32 -5.26 -10.07 27.56
CA PRO I 32 -5.47 -9.77 28.97
C PRO I 32 -4.19 -9.31 29.70
N THR I 33 -4.39 -8.44 30.69
CA THR I 33 -3.31 -7.94 31.54
C THR I 33 -3.79 -7.96 32.98
N LYS I 34 -2.91 -7.62 33.92
CA LYS I 34 -3.29 -7.48 35.33
C LYS I 34 -4.41 -6.48 35.56
N ASP I 35 -4.34 -5.31 34.92
CA ASP I 35 -5.38 -4.29 35.07
C ASP I 35 -6.64 -4.60 34.28
N ASP I 36 -6.56 -5.62 33.43
CA ASP I 36 -7.66 -5.95 32.51
C ASP I 36 -7.78 -7.47 32.37
N PRO I 37 -8.01 -8.18 33.49
CA PRO I 37 -7.98 -9.64 33.48
C PRO I 37 -9.20 -10.25 32.79
N LEU I 38 -9.17 -11.55 32.62
CA LEU I 38 -10.14 -12.25 31.81
C LEU I 38 -10.47 -13.61 32.43
N THR I 39 -11.70 -14.07 32.27
CA THR I 39 -12.05 -15.41 32.70
C THR I 39 -12.41 -16.27 31.51
N VAL I 40 -11.71 -17.39 31.35
CA VAL I 40 -12.02 -18.34 30.31
C VAL I 40 -12.74 -19.52 30.93
N THR I 41 -13.89 -19.89 30.38
CA THR I 41 -14.61 -21.06 30.84
C THR I 41 -14.30 -22.26 29.94
N LEU I 42 -13.87 -23.36 30.55
CA LEU I 42 -13.57 -24.59 29.84
C LEU I 42 -14.59 -25.68 30.11
N GLY I 43 -14.90 -26.44 29.07
CA GLY I 43 -15.71 -27.63 29.19
C GLY I 43 -15.19 -28.65 28.19
N PHE I 44 -15.35 -29.93 28.52
CA PHE I 44 -15.01 -30.97 27.56
C PHE I 44 -16.19 -31.85 27.22
N THR I 45 -16.43 -32.00 25.93
CA THR I 45 -17.27 -33.08 25.45
C THR I 45 -16.37 -34.19 24.89
N LEU I 46 -16.30 -35.31 25.61
CA LEU I 46 -15.40 -36.39 25.26
C LEU I 46 -16.11 -37.35 24.29
N GLN I 47 -15.49 -37.52 23.12
CA GLN I 47 -16.08 -38.31 22.04
C GLN I 47 -15.58 -39.75 21.98
N ASP I 48 -14.26 -39.93 22.03
CA ASP I 48 -13.69 -41.24 21.86
C ASP I 48 -12.35 -41.35 22.53
N ILE I 49 -12.08 -42.51 23.14
CA ILE I 49 -10.73 -42.93 23.41
C ILE I 49 -10.36 -43.83 22.23
N VAL I 50 -9.51 -43.34 21.34
CA VAL I 50 -9.25 -44.07 20.11
C VAL I 50 -8.23 -45.17 20.36
N LYS I 51 -7.18 -44.83 21.08
CA LYS I 51 -5.98 -45.67 21.14
C LYS I 51 -5.35 -45.58 22.54
N ALA I 52 -4.96 -46.73 23.08
CA ALA I 52 -4.17 -46.74 24.29
C ALA I 52 -2.91 -47.52 24.00
N ASP I 53 -1.80 -46.82 23.74
CA ASP I 53 -0.53 -47.48 23.42
C ASP I 53 0.22 -47.80 24.69
N SER I 54 0.24 -49.09 25.04
CA SER I 54 0.85 -49.54 26.28
C SER I 54 2.36 -49.73 26.19
N SER I 55 2.90 -49.70 24.97
CA SER I 55 4.34 -49.79 24.78
C SER I 55 5.04 -48.43 24.82
N THR I 56 4.26 -47.35 24.84
CA THR I 56 4.80 -45.99 25.01
C THR I 56 4.07 -45.17 26.07
N ASN I 57 3.05 -45.75 26.69
CA ASN I 57 2.19 -45.03 27.62
C ASN I 57 1.70 -43.70 27.07
N GLU I 58 1.11 -43.76 25.87
CA GLU I 58 0.42 -42.64 25.24
C GLU I 58 -1.03 -43.02 25.03
N VAL I 59 -1.95 -42.11 25.32
CA VAL I 59 -3.37 -42.34 25.05
C VAL I 59 -3.97 -41.25 24.15
N ASP I 60 -4.83 -41.68 23.21
CA ASP I 60 -5.38 -40.77 22.19
C ASP I 60 -6.85 -40.49 22.44
N LEU I 61 -7.17 -39.20 22.69
CA LEU I 61 -8.54 -38.76 22.90
C LEU I 61 -9.02 -37.89 21.78
N VAL I 62 -10.31 -37.97 21.48
CA VAL I 62 -10.99 -37.03 20.62
C VAL I 62 -12.08 -36.35 21.45
N TYR I 63 -12.04 -35.03 21.53
CA TYR I 63 -12.97 -34.26 22.33
C TYR I 63 -13.32 -32.94 21.67
N TYR I 64 -14.40 -32.32 22.12
CA TYR I 64 -14.69 -30.93 21.80
C TYR I 64 -14.27 -30.15 23.01
N GLU I 65 -13.43 -29.15 22.79
CA GLU I 65 -12.96 -28.32 23.86
C GLU I 65 -13.67 -27.01 23.73
N GLN I 66 -14.56 -26.74 24.66
CA GLN I 66 -15.40 -25.59 24.54
C GLN I 66 -14.84 -24.44 25.36
N GLN I 67 -14.61 -23.32 24.70
CA GLN I 67 -14.00 -22.15 25.32
C GLN I 67 -14.95 -20.97 25.31
N ARG I 68 -14.96 -20.22 26.40
CA ARG I 68 -15.80 -19.04 26.49
C ARG I 68 -15.11 -17.91 27.22
N TRP I 69 -15.25 -16.69 26.70
CA TRP I 69 -14.76 -15.50 27.37
C TRP I 69 -15.53 -14.27 26.89
N LYS I 70 -15.36 -13.14 27.57
CA LYS I 70 -16.14 -11.94 27.29
C LYS I 70 -15.24 -10.71 27.24
N LEU I 71 -15.29 -9.98 26.12
CA LEU I 71 -14.49 -8.78 25.98
C LEU I 71 -15.36 -7.56 25.83
N ASN I 72 -15.08 -6.51 26.59
CA ASN I 72 -15.79 -5.24 26.39
C ASN I 72 -15.69 -4.73 24.98
N SER I 73 -14.52 -4.94 24.37
CA SER I 73 -14.23 -4.49 23.02
C SER I 73 -14.97 -5.25 21.92
N LEU I 74 -15.76 -6.25 22.32
CA LEU I 74 -16.61 -6.95 21.35
C LEU I 74 -18.10 -6.70 21.59
N MET I 75 -18.40 -5.82 22.54
CA MET I 75 -19.76 -5.38 22.84
C MET I 75 -20.31 -4.51 21.74
N TRP I 76 -21.62 -4.61 21.50
CA TRP I 76 -22.33 -3.65 20.67
C TRP I 76 -23.81 -3.59 21.04
N ASP I 77 -24.48 -2.52 20.62
CA ASP I 77 -25.90 -2.39 20.83
C ASP I 77 -26.63 -2.83 19.57
N PRO I 78 -27.35 -3.97 19.63
CA PRO I 78 -28.05 -4.50 18.47
C PRO I 78 -28.91 -3.46 17.79
N ASN I 79 -29.39 -2.49 18.57
CA ASN I 79 -30.22 -1.42 18.05
C ASN I 79 -29.52 -0.54 17.04
N GLU I 80 -28.21 -0.39 17.20
CA GLU I 80 -27.41 0.40 16.28
C GLU I 80 -26.96 -0.40 15.07
N TYR I 81 -27.15 -1.71 15.11
CA TYR I 81 -26.67 -2.56 14.03
C TYR I 81 -27.74 -3.47 13.46
N GLY I 82 -28.89 -2.88 13.13
CA GLY I 82 -30.00 -3.61 12.53
C GLY I 82 -30.44 -4.86 13.25
N ASN I 83 -30.55 -4.76 14.58
CA ASN I 83 -30.97 -5.85 15.47
C ASN I 83 -30.12 -7.11 15.42
N ILE I 84 -28.91 -7.03 14.86
CA ILE I 84 -27.97 -8.15 14.82
C ILE I 84 -27.52 -8.46 16.23
N THR I 85 -27.61 -9.73 16.64
CA THR I 85 -27.30 -10.08 18.03
C THR I 85 -26.04 -10.94 18.17
N ASP I 86 -25.59 -11.51 17.05
CA ASP I 86 -24.44 -12.40 17.06
C ASP I 86 -23.93 -12.62 15.65
N PHE I 87 -22.63 -12.90 15.50
CA PHE I 87 -22.06 -13.21 14.19
C PHE I 87 -21.00 -14.31 14.27
N ARG I 88 -20.78 -14.99 13.15
CA ARG I 88 -19.70 -15.96 13.05
C ARG I 88 -18.50 -15.27 12.41
N THR I 89 -17.32 -15.54 12.96
CA THR I 89 -16.11 -15.05 12.34
C THR I 89 -14.98 -16.06 12.48
N SER I 90 -14.00 -15.98 11.59
CA SER I 90 -12.84 -16.87 11.68
C SER I 90 -12.09 -16.62 12.98
N ALA I 91 -11.64 -17.69 13.63
CA ALA I 91 -10.95 -17.58 14.90
C ALA I 91 -9.62 -16.82 14.76
N ALA I 92 -9.08 -16.78 13.55
CA ALA I 92 -7.86 -16.01 13.31
C ALA I 92 -8.13 -14.50 13.26
N ASP I 93 -9.40 -14.10 13.21
CA ASP I 93 -9.76 -12.69 13.11
C ASP I 93 -9.80 -12.04 14.48
N ILE I 94 -9.73 -12.86 15.53
CA ILE I 94 -9.88 -12.38 16.90
C ILE I 94 -8.86 -13.00 17.84
N TRP I 95 -8.60 -12.33 18.95
CA TRP I 95 -7.76 -12.90 19.98
C TRP I 95 -8.47 -14.14 20.51
N THR I 96 -7.71 -15.20 20.78
CA THR I 96 -8.22 -16.42 21.42
C THR I 96 -7.23 -16.86 22.51
N PRO I 97 -7.72 -17.55 23.56
CA PRO I 97 -6.81 -17.86 24.66
C PRO I 97 -5.86 -19.00 24.28
N ASP I 98 -4.70 -19.02 24.90
CA ASP I 98 -3.63 -19.95 24.55
C ASP I 98 -3.70 -21.21 25.42
N ILE I 99 -4.90 -21.80 25.51
CA ILE I 99 -5.15 -22.95 26.36
C ILE I 99 -4.48 -24.20 25.80
N THR I 100 -3.55 -24.78 26.54
CA THR I 100 -2.80 -25.94 26.08
C THR I 100 -2.88 -27.09 27.07
N ALA I 101 -2.80 -28.31 26.55
CA ALA I 101 -2.61 -29.49 27.36
C ALA I 101 -1.15 -29.52 27.83
N TYR I 102 -0.93 -29.71 29.12
CA TYR I 102 0.42 -29.65 29.67
C TYR I 102 1.27 -30.89 29.44
N SER I 103 0.63 -32.02 29.18
CA SER I 103 1.36 -33.27 29.02
C SER I 103 1.04 -34.02 27.72
N SER I 104 0.95 -33.30 26.60
CA SER I 104 0.77 -33.93 25.29
C SER I 104 2.08 -34.55 24.79
N THR I 105 1.98 -35.50 23.89
CA THR I 105 3.17 -36.15 23.34
C THR I 105 3.30 -35.91 21.84
N ARG I 106 2.27 -35.34 21.24
CA ARG I 106 2.26 -34.98 19.83
C ARG I 106 1.53 -33.64 19.70
N PRO I 107 1.86 -32.85 18.67
CA PRO I 107 1.08 -31.62 18.53
C PRO I 107 -0.38 -31.97 18.40
N VAL I 108 -1.25 -31.25 19.11
CA VAL I 108 -2.70 -31.46 19.00
C VAL I 108 -3.15 -31.32 17.55
N GLN I 109 -4.13 -32.13 17.14
CA GLN I 109 -4.66 -32.04 15.80
C GLN I 109 -6.07 -31.48 15.83
N VAL I 110 -6.31 -30.44 15.03
CA VAL I 110 -7.62 -29.79 14.97
C VAL I 110 -8.50 -30.48 13.94
N LEU I 111 -9.68 -30.91 14.36
CA LEU I 111 -10.55 -31.71 13.53
C LEU I 111 -11.66 -30.91 12.86
N SER I 112 -11.93 -29.73 13.41
CA SER I 112 -13.04 -28.89 12.98
C SER I 112 -12.54 -27.58 12.38
N PRO I 113 -13.42 -26.83 11.71
CA PRO I 113 -13.05 -25.46 11.39
C PRO I 113 -12.74 -24.60 12.61
N GLN I 114 -11.91 -23.58 12.39
CA GLN I 114 -11.53 -22.60 13.40
C GLN I 114 -12.43 -21.38 13.28
N ILE I 115 -13.66 -21.51 13.79
CA ILE I 115 -14.63 -20.43 13.67
C ILE I 115 -15.23 -20.20 15.02
N ALA I 116 -15.31 -18.93 15.41
CA ALA I 116 -15.89 -18.53 16.68
C ALA I 116 -17.23 -17.83 16.49
N VAL I 117 -18.03 -17.81 17.55
CA VAL I 117 -19.31 -17.13 17.52
C VAL I 117 -19.28 -16.00 18.53
N VAL I 118 -19.51 -14.77 18.05
CA VAL I 118 -19.51 -13.59 18.91
C VAL I 118 -20.92 -13.06 19.16
N THR I 119 -21.22 -12.72 20.41
CA THR I 119 -22.53 -12.23 20.81
C THR I 119 -22.42 -10.79 21.30
N HIS I 120 -23.53 -10.03 21.19
CA HIS I 120 -23.54 -8.59 21.42
C HIS I 120 -23.05 -8.12 22.79
N ASP I 121 -23.15 -8.97 23.80
CA ASP I 121 -22.61 -8.67 25.13
C ASP I 121 -21.07 -8.80 25.17
N GLY I 122 -20.47 -9.18 24.06
CA GLY I 122 -19.02 -9.25 23.96
C GLY I 122 -18.47 -10.63 24.25
N SER I 123 -19.34 -11.60 24.45
CA SER I 123 -18.90 -12.95 24.73
C SER I 123 -18.62 -13.73 23.45
N VAL I 124 -17.50 -14.48 23.47
CA VAL I 124 -17.07 -15.28 22.35
C VAL I 124 -17.22 -16.73 22.75
N MET I 125 -17.64 -17.54 21.79
CA MET I 125 -17.67 -18.97 21.99
C MET I 125 -16.94 -19.70 20.87
N PHE I 126 -15.96 -20.51 21.28
CA PHE I 126 -15.08 -21.20 20.36
C PHE I 126 -15.01 -22.66 20.82
N ILE I 127 -15.41 -23.59 19.95
CA ILE I 127 -15.48 -25.02 20.30
C ILE I 127 -14.81 -25.91 19.26
N PRO I 128 -13.47 -25.94 19.25
CA PRO I 128 -12.76 -26.82 18.31
C PRO I 128 -12.75 -28.30 18.72
N ALA I 129 -12.90 -29.17 17.73
CA ALA I 129 -12.71 -30.60 17.92
C ALA I 129 -11.24 -30.93 17.76
N GLN I 130 -10.71 -31.75 18.66
CA GLN I 130 -9.30 -32.09 18.63
C GLN I 130 -9.03 -33.57 18.88
N ARG I 131 -7.93 -34.07 18.32
CA ARG I 131 -7.35 -35.34 18.72
C ARG I 131 -6.09 -35.01 19.47
N LEU I 132 -5.99 -35.51 20.70
CA LEU I 132 -4.82 -35.27 21.56
C LEU I 132 -4.16 -36.56 21.97
N SER I 133 -2.83 -36.64 21.80
CA SER I 133 -2.04 -37.72 22.37
C SER I 133 -1.35 -37.21 23.62
N PHE I 134 -1.56 -37.87 24.73
CA PHE I 134 -0.94 -37.43 25.97
C PHE I 134 -0.40 -38.58 26.79
N MET I 135 0.45 -38.25 27.76
CA MET I 135 1.08 -39.23 28.63
C MET I 135 0.06 -39.84 29.54
N CYS I 136 -0.07 -41.15 29.43
CA CYS I 136 -1.04 -41.90 30.21
C CYS I 136 -0.67 -43.38 30.16
N ASP I 137 -0.50 -43.98 31.33
CA ASP I 137 -0.19 -45.41 31.45
C ASP I 137 -1.49 -46.22 31.54
N PRO I 138 -1.77 -47.04 30.51
CA PRO I 138 -3.04 -47.75 30.45
C PRO I 138 -3.10 -49.09 31.21
N THR I 139 -2.17 -49.32 32.14
CA THR I 139 -2.16 -50.58 32.89
C THR I 139 -3.47 -50.80 33.63
N GLY I 140 -4.05 -51.98 33.45
CA GLY I 140 -5.28 -52.33 34.15
C GLY I 140 -6.53 -51.95 33.38
N VAL I 141 -6.36 -51.43 32.18
CA VAL I 141 -7.49 -51.14 31.30
C VAL I 141 -8.15 -52.45 30.86
N ASP I 142 -7.36 -53.51 30.90
CA ASP I 142 -7.78 -54.87 30.59
C ASP I 142 -8.50 -55.54 31.78
N SER I 143 -8.63 -54.79 32.88
CA SER I 143 -9.27 -55.31 34.11
C SER I 143 -10.61 -54.61 34.36
N GLU I 144 -11.25 -54.95 35.47
CA GLU I 144 -12.57 -54.41 35.80
C GLU I 144 -12.57 -52.96 36.31
N GLU I 145 -11.61 -52.62 37.18
CA GLU I 145 -11.49 -51.25 37.71
C GLU I 145 -10.91 -50.30 36.68
N GLY I 146 -10.31 -50.84 35.63
CA GLY I 146 -9.81 -50.05 34.53
C GLY I 146 -8.55 -49.27 34.86
N ALA I 147 -8.20 -48.33 33.98
CA ALA I 147 -7.05 -47.47 34.18
C ALA I 147 -7.53 -46.04 34.37
N THR I 148 -6.71 -45.22 35.04
CA THR I 148 -7.04 -43.83 35.27
C THR I 148 -5.97 -42.94 34.69
N CYS I 149 -6.37 -41.91 33.95
CA CYS I 149 -5.41 -40.95 33.41
C CYS I 149 -5.85 -39.51 33.59
N ALA I 150 -4.88 -38.59 33.62
CA ALA I 150 -5.16 -37.19 33.84
C ALA I 150 -4.30 -36.34 32.91
N VAL I 151 -4.85 -35.21 32.50
CA VAL I 151 -4.10 -34.22 31.72
C VAL I 151 -4.56 -32.85 32.18
N LYS I 152 -3.62 -31.93 32.36
CA LYS I 152 -3.99 -30.58 32.77
C LYS I 152 -4.05 -29.68 31.54
N PHE I 153 -5.06 -28.81 31.51
CA PHE I 153 -5.20 -27.78 30.49
C PHE I 153 -5.08 -26.41 31.14
N GLY I 154 -4.34 -25.51 30.53
CA GLY I 154 -4.24 -24.16 31.06
C GLY I 154 -3.54 -23.21 30.13
N SER I 155 -3.50 -21.92 30.49
CA SER I 155 -2.80 -20.95 29.65
C SER I 155 -1.33 -21.33 29.62
N TRP I 156 -0.67 -21.03 28.50
CA TRP I 156 0.75 -21.32 28.41
C TRP I 156 1.62 -20.23 29.02
N VAL I 157 1.22 -18.96 28.87
CA VAL I 157 2.05 -17.83 29.31
C VAL I 157 1.41 -16.84 30.27
N TYR I 158 0.10 -17.02 30.51
CA TYR I 158 -0.67 -16.13 31.37
C TYR I 158 -0.92 -16.74 32.74
N SER I 159 -0.65 -15.96 33.77
CA SER I 159 -0.93 -16.38 35.15
C SER I 159 -2.40 -16.18 35.50
N GLY I 160 -2.76 -16.55 36.73
CA GLY I 160 -4.13 -16.42 37.23
C GLY I 160 -4.55 -14.97 37.33
N PHE I 161 -3.58 -14.08 37.49
CA PHE I 161 -3.79 -12.65 37.51
C PHE I 161 -4.22 -12.04 36.17
N GLU I 162 -3.97 -12.76 35.07
CA GLU I 162 -4.33 -12.30 33.75
C GLU I 162 -5.50 -13.10 33.16
N ILE I 163 -5.33 -14.42 33.15
CA ILE I 163 -6.40 -15.34 32.75
C ILE I 163 -6.77 -16.24 33.90
N ASP I 164 -8.04 -16.19 34.30
CA ASP I 164 -8.59 -17.12 35.28
C ASP I 164 -9.41 -18.15 34.51
N LEU I 165 -9.34 -19.40 34.96
CA LEU I 165 -10.13 -20.47 34.35
C LEU I 165 -11.28 -20.82 35.25
N LYS I 166 -12.36 -21.29 34.64
CA LYS I 166 -13.48 -21.86 35.40
C LYS I 166 -14.25 -22.87 34.57
N THR I 167 -14.97 -23.76 35.24
CA THR I 167 -15.79 -24.73 34.55
C THR I 167 -17.22 -24.47 34.92
N ASP I 168 -18.15 -24.88 34.08
CA ASP I 168 -19.57 -24.78 34.44
C ASP I 168 -19.97 -25.97 35.32
N THR I 169 -19.23 -27.05 35.20
CA THR I 169 -19.52 -28.28 35.93
C THR I 169 -18.27 -29.15 36.01
N ASP I 170 -18.26 -30.06 36.98
CA ASP I 170 -17.17 -31.03 37.15
C ASP I 170 -17.28 -32.22 36.22
N GLN I 171 -18.46 -32.39 35.62
CA GLN I 171 -18.75 -33.53 34.76
C GLN I 171 -18.38 -33.27 33.33
N VAL I 172 -17.40 -34.03 32.85
CA VAL I 172 -17.09 -34.04 31.44
C VAL I 172 -18.33 -34.57 30.73
N ASP I 173 -18.75 -33.87 29.68
CA ASP I 173 -19.94 -34.23 28.92
C ASP I 173 -19.78 -35.53 28.11
N LEU I 174 -20.42 -36.59 28.58
CA LEU I 174 -20.28 -37.91 27.97
C LEU I 174 -21.43 -38.31 27.05
N SER I 175 -22.33 -37.38 26.78
CA SER I 175 -23.55 -37.69 26.01
C SER I 175 -23.24 -37.91 24.53
N SER I 176 -22.03 -37.57 24.11
CA SER I 176 -21.62 -37.79 22.74
C SER I 176 -20.53 -38.85 22.62
N TYR I 177 -20.22 -39.54 23.71
CA TYR I 177 -19.21 -40.57 23.67
C TYR I 177 -19.59 -41.68 22.72
N TYR I 178 -18.68 -42.04 21.83
CA TYR I 178 -18.91 -43.08 20.84
C TYR I 178 -19.38 -44.39 21.49
N ALA I 179 -20.64 -44.73 21.20
CA ALA I 179 -21.29 -45.89 21.77
C ALA I 179 -20.47 -47.18 21.59
N SER I 180 -19.79 -47.31 20.45
CA SER I 180 -19.08 -48.53 20.11
C SER I 180 -17.56 -48.38 20.14
N SER I 181 -17.06 -47.52 21.00
CA SER I 181 -15.62 -47.36 21.16
C SER I 181 -14.96 -48.63 21.72
N LYS I 182 -13.66 -48.77 21.49
CA LYS I 182 -12.89 -49.87 22.05
C LYS I 182 -12.81 -49.77 23.56
N TYR I 183 -13.00 -48.56 24.09
CA TYR I 183 -12.92 -48.29 25.52
C TYR I 183 -14.18 -47.60 25.99
N GLU I 184 -14.69 -48.02 27.14
CA GLU I 184 -15.83 -47.34 27.76
C GLU I 184 -15.40 -46.46 28.96
N ILE I 185 -16.14 -45.37 29.18
CA ILE I 185 -15.80 -44.41 30.24
C ILE I 185 -16.47 -44.82 31.54
N LEU I 186 -15.65 -44.97 32.58
CA LEU I 186 -16.17 -45.26 33.91
C LEU I 186 -16.49 -43.98 34.68
N SER I 187 -15.64 -42.96 34.48
CA SER I 187 -15.90 -41.58 34.90
C SER I 187 -14.99 -40.61 34.18
N ALA I 188 -15.43 -39.37 34.04
CA ALA I 188 -14.62 -38.33 33.44
C ALA I 188 -14.96 -37.01 34.10
N THR I 189 -13.96 -36.41 34.73
CA THR I 189 -14.16 -35.15 35.47
C THR I 189 -13.25 -34.07 34.92
N GLN I 190 -13.65 -32.82 35.15
CA GLN I 190 -12.86 -31.64 34.81
C GLN I 190 -12.86 -30.74 36.03
N THR I 191 -11.70 -30.54 36.62
CA THR I 191 -11.61 -29.86 37.92
C THR I 191 -10.67 -28.69 37.87
N ARG I 192 -11.11 -27.56 38.40
CA ARG I 192 -10.29 -26.36 38.41
C ARG I 192 -9.25 -26.51 39.51
N GLN I 193 -8.03 -26.11 39.21
CA GLN I 193 -6.93 -26.17 40.16
C GLN I 193 -6.21 -24.86 40.23
N VAL I 194 -5.86 -24.46 41.45
CA VAL I 194 -4.98 -23.32 41.69
C VAL I 194 -3.66 -23.85 42.27
N GLN I 195 -2.59 -23.71 41.49
CA GLN I 195 -1.26 -24.13 41.90
C GLN I 195 -0.52 -22.93 42.49
N HIS I 196 0.13 -23.13 43.62
CA HIS I 196 1.05 -22.12 44.11
C HIS I 196 2.42 -22.73 44.01
N TYR I 197 3.42 -21.92 43.70
CA TYR I 197 4.81 -22.35 43.80
C TYR I 197 5.55 -21.42 44.76
N SER I 198 6.29 -21.97 45.73
CA SER I 198 6.91 -21.16 46.80
C SER I 198 7.97 -20.15 46.28
N CYS I 199 8.23 -20.21 44.98
CA CYS I 199 9.05 -19.23 44.26
C CYS I 199 8.24 -17.97 43.97
N CYS I 200 7.19 -18.17 43.19
CA CYS I 200 6.57 -17.17 42.34
C CYS I 200 5.20 -16.84 42.90
N PRO I 201 5.03 -15.65 43.47
CA PRO I 201 3.86 -15.30 44.29
C PRO I 201 2.51 -15.34 43.57
N GLU I 202 2.52 -15.31 42.23
CA GLU I 202 1.27 -15.27 41.45
C GLU I 202 0.57 -16.65 41.35
N PRO I 203 -0.76 -16.65 41.48
CA PRO I 203 -1.47 -17.93 41.41
C PRO I 203 -1.48 -18.47 40.00
N TYR I 204 -1.40 -19.80 39.89
CA TYR I 204 -1.53 -20.47 38.58
C TYR I 204 -2.78 -21.34 38.53
N ILE I 205 -3.52 -21.26 37.43
CA ILE I 205 -4.79 -21.97 37.32
C ILE I 205 -4.71 -23.01 36.21
N ASP I 206 -5.37 -24.15 36.40
CA ASP I 206 -5.51 -25.13 35.34
C ASP I 206 -6.83 -25.93 35.45
N VAL I 207 -7.25 -26.58 34.38
CA VAL I 207 -8.35 -27.52 34.49
C VAL I 207 -7.77 -28.90 34.30
N ASN I 208 -8.06 -29.77 35.26
CA ASN I 208 -7.53 -31.12 35.30
C ASN I 208 -8.57 -32.09 34.80
N LEU I 209 -8.32 -32.65 33.63
CA LEU I 209 -9.20 -33.62 33.01
C LEU I 209 -8.79 -35.01 33.43
N VAL I 210 -9.67 -35.71 34.15
CA VAL I 210 -9.36 -37.03 34.69
C VAL I 210 -10.35 -38.08 34.16
N VAL I 211 -9.83 -39.07 33.45
CA VAL I 211 -10.65 -40.12 32.86
C VAL I 211 -10.33 -41.50 33.44
N LYS I 212 -11.38 -42.21 33.85
CA LYS I 212 -11.27 -43.63 34.16
C LYS I 212 -11.90 -44.45 33.08
N PHE I 213 -11.13 -45.35 32.49
CA PHE I 213 -11.62 -46.14 31.38
C PHE I 213 -11.16 -47.59 31.40
N ARG I 214 -11.86 -48.45 30.66
CA ARG I 214 -11.49 -49.85 30.50
C ARG I 214 -11.93 -50.39 29.15
N GLU I 215 -11.40 -51.55 28.79
CA GLU I 215 -11.76 -52.18 27.51
C GLU I 215 -13.21 -52.61 27.54
N ARG I 216 -13.88 -52.48 26.39
CA ARG I 216 -15.32 -52.70 26.30
C ARG I 216 -15.69 -54.10 26.78
N ARG I 217 -16.90 -54.26 27.34
CA ARG I 217 -17.34 -55.58 27.81
C ARG I 217 -18.79 -55.83 27.41
N ASP J 1 -5.36 -15.38 -37.48
CA ASP J 1 -4.38 -14.25 -37.58
C ASP J 1 -4.52 -13.31 -36.37
N TYR J 2 -4.50 -12.01 -36.64
CA TYR J 2 -4.67 -10.99 -35.60
C TYR J 2 -6.08 -10.91 -35.04
N LYS J 3 -7.09 -11.16 -35.89
CA LYS J 3 -8.49 -11.05 -35.47
C LYS J 3 -8.87 -12.13 -34.47
N ASP J 4 -8.47 -13.37 -34.71
CA ASP J 4 -8.74 -14.45 -33.75
C ASP J 4 -7.70 -14.54 -32.61
N ASP J 5 -6.72 -13.65 -32.65
CA ASP J 5 -5.82 -13.39 -31.51
C ASP J 5 -6.44 -12.29 -30.64
N ASP J 6 -7.11 -11.36 -31.29
CA ASP J 6 -7.86 -10.30 -30.62
C ASP J 6 -9.17 -10.84 -30.06
N ASP J 7 -9.74 -11.84 -30.72
CA ASP J 7 -10.97 -12.44 -30.25
C ASP J 7 -10.74 -13.17 -28.94
N LYS J 8 -9.62 -13.90 -28.88
CA LYS J 8 -9.24 -14.62 -27.67
C LYS J 8 -8.98 -13.62 -26.54
N LEU J 9 -8.28 -12.54 -26.88
CA LEU J 9 -8.03 -11.42 -25.96
C LEU J 9 -9.32 -10.80 -25.45
N HIS J 10 -10.27 -10.57 -26.37
CA HIS J 10 -11.60 -10.06 -26.05
C HIS J 10 -12.28 -10.97 -25.03
N SER J 11 -12.32 -12.26 -25.33
CA SER J 11 -12.97 -13.21 -24.45
C SER J 11 -12.31 -13.24 -23.07
N GLN J 12 -11.00 -13.01 -23.04
CA GLN J 12 -10.27 -13.00 -21.77
C GLN J 12 -10.63 -11.76 -20.99
N ALA J 13 -10.65 -10.63 -21.68
CA ALA J 13 -11.03 -9.36 -21.07
C ALA J 13 -12.41 -9.43 -20.46
N ASN J 14 -13.35 -10.07 -21.15
CA ASN J 14 -14.69 -10.25 -20.60
C ASN J 14 -14.74 -11.01 -19.29
N LEU J 15 -13.98 -12.09 -19.19
CA LEU J 15 -13.95 -12.84 -17.94
C LEU J 15 -13.26 -12.04 -16.83
N MET J 16 -12.14 -11.41 -17.19
CA MET J 16 -11.43 -10.47 -16.31
C MET J 16 -12.42 -9.50 -15.70
N ARG J 17 -13.20 -8.85 -16.57
CA ARG J 17 -14.22 -7.87 -16.17
C ARG J 17 -15.24 -8.48 -15.23
N LEU J 18 -15.74 -9.67 -15.55
CA LEU J 18 -16.76 -10.34 -14.74
C LEU J 18 -16.24 -10.61 -13.34
N LYS J 19 -15.09 -11.27 -13.27
CA LYS J 19 -14.50 -11.60 -11.98
C LYS J 19 -14.20 -10.32 -11.20
N SER J 20 -13.58 -9.34 -11.84
CA SER J 20 -13.28 -8.05 -11.21
C SER J 20 -14.53 -7.36 -10.67
N ASP J 21 -15.62 -7.41 -11.43
CA ASP J 21 -16.88 -6.83 -10.99
C ASP J 21 -17.43 -7.64 -9.83
N LEU J 22 -17.42 -8.95 -9.95
CA LEU J 22 -18.00 -9.82 -8.93
C LEU J 22 -17.26 -9.79 -7.59
N PHE J 23 -15.94 -9.66 -7.65
CA PHE J 23 -15.09 -9.60 -6.45
C PHE J 23 -15.20 -8.24 -5.76
N ASN J 24 -15.08 -7.17 -6.54
CA ASN J 24 -15.15 -5.81 -6.00
C ASN J 24 -16.53 -5.35 -5.60
N ARG J 25 -17.55 -6.17 -5.81
CA ARG J 25 -18.91 -5.72 -5.51
C ARG J 25 -19.03 -5.36 -4.04
N SER J 26 -19.69 -4.22 -3.76
CA SER J 26 -19.90 -3.76 -2.38
C SER J 26 -20.86 -4.72 -1.63
N PRO J 27 -20.98 -4.58 -0.29
CA PRO J 27 -20.89 -5.48 0.83
C PRO J 27 -20.12 -6.80 0.72
N MET J 28 -19.03 -6.88 -0.04
CA MET J 28 -18.41 -8.20 -0.27
C MET J 28 -18.80 -9.23 0.82
N TYR J 29 -19.88 -9.97 0.51
CA TYR J 29 -20.55 -11.03 1.29
C TYR J 29 -19.99 -11.50 2.64
N PRO J 30 -20.75 -11.33 3.74
CA PRO J 30 -20.28 -11.66 5.07
C PRO J 30 -20.70 -13.00 5.66
N GLY J 31 -21.03 -13.97 4.83
CA GLY J 31 -21.64 -15.22 5.32
C GLY J 31 -23.17 -15.18 5.46
N PRO J 32 -23.82 -16.36 5.48
CA PRO J 32 -25.25 -16.41 5.74
C PRO J 32 -25.61 -15.89 7.11
N THR J 33 -26.79 -15.28 7.22
CA THR J 33 -27.31 -14.77 8.48
C THR J 33 -28.77 -15.16 8.58
N LYS J 34 -29.41 -14.91 9.73
CA LYS J 34 -30.82 -15.18 9.76
C LYS J 34 -31.67 -14.44 8.74
N ASP J 35 -31.38 -13.17 8.50
CA ASP J 35 -32.13 -12.41 7.49
C ASP J 35 -31.75 -12.77 6.05
N ASP J 36 -30.72 -13.59 5.89
CA ASP J 36 -30.15 -13.87 4.59
C ASP J 36 -29.67 -15.32 4.56
N PRO J 37 -30.59 -16.27 4.81
CA PRO J 37 -30.18 -17.66 4.97
C PRO J 37 -29.80 -18.31 3.66
N LEU J 38 -29.29 -19.54 3.74
CA LEU J 38 -28.67 -20.22 2.62
C LEU J 38 -28.98 -21.72 2.69
N THR J 39 -29.11 -22.36 1.52
CA THR J 39 -29.27 -23.82 1.49
C THR J 39 -28.08 -24.48 0.80
N VAL J 40 -27.39 -25.35 1.53
CA VAL J 40 -26.30 -26.12 0.95
C VAL J 40 -26.75 -27.55 0.63
N THR J 41 -26.58 -27.95 -0.62
CA THR J 41 -26.93 -29.31 -1.03
C THR J 41 -25.72 -30.26 -0.95
N LEU J 42 -25.89 -31.36 -0.22
CA LEU J 42 -24.83 -32.33 -0.05
C LEU J 42 -25.12 -33.61 -0.78
N GLY J 43 -24.06 -34.16 -1.38
CA GLY J 43 -24.11 -35.46 -2.03
C GLY J 43 -22.78 -36.16 -1.83
N PHE J 44 -22.80 -37.48 -1.66
CA PHE J 44 -21.56 -38.25 -1.57
C PHE J 44 -21.42 -39.26 -2.70
N THR J 45 -20.28 -39.20 -3.38
CA THR J 45 -19.86 -40.30 -4.24
C THR J 45 -18.78 -41.07 -3.49
N LEU J 46 -19.10 -42.28 -3.09
CA LEU J 46 -18.20 -43.09 -2.28
C LEU J 46 -17.31 -43.92 -3.19
N GLN J 47 -16.00 -43.71 -3.04
CA GLN J 47 -14.99 -44.35 -3.88
C GLN J 47 -14.42 -45.64 -3.29
N ASP J 48 -14.00 -45.58 -2.03
CA ASP J 48 -13.32 -46.72 -1.45
C ASP J 48 -13.42 -46.72 0.08
N ILE J 49 -13.61 -47.90 0.65
CA ILE J 49 -13.28 -48.10 2.04
C ILE J 49 -11.87 -48.69 2.02
N VAL J 50 -10.89 -47.89 2.43
CA VAL J 50 -9.50 -48.29 2.31
C VAL J 50 -9.07 -49.20 3.45
N LYS J 51 -9.49 -48.86 4.67
CA LYS J 51 -8.96 -49.45 5.88
C LYS J 51 -10.02 -49.51 6.96
N ALA J 52 -10.09 -50.64 7.67
CA ALA J 52 -10.95 -50.77 8.84
C ALA J 52 -10.09 -51.25 10.00
N ASP J 53 -9.69 -50.32 10.86
CA ASP J 53 -8.80 -50.68 11.97
C ASP J 53 -9.64 -51.12 13.14
N SER J 54 -9.64 -52.42 13.39
CA SER J 54 -10.46 -52.99 14.44
C SER J 54 -9.84 -52.89 15.84
N SER J 55 -8.57 -52.51 15.92
CA SER J 55 -7.92 -52.31 17.20
C SER J 55 -8.14 -50.90 17.74
N THR J 56 -8.61 -49.99 16.90
CA THR J 56 -8.93 -48.62 17.35
C THR J 56 -10.35 -48.19 17.00
N ASN J 57 -11.10 -49.05 16.29
CA ASN J 57 -12.42 -48.67 15.76
C ASN J 57 -12.40 -47.36 14.97
N GLU J 58 -11.49 -47.31 13.99
CA GLU J 58 -11.39 -46.23 13.03
C GLU J 58 -11.58 -46.83 11.65
N VAL J 59 -12.36 -46.16 10.81
CA VAL J 59 -12.52 -46.57 9.40
C VAL J 59 -12.15 -45.42 8.45
N ASP J 60 -11.51 -45.76 7.33
CA ASP J 60 -11.04 -44.78 6.36
C ASP J 60 -11.82 -44.83 5.05
N LEU J 61 -12.49 -43.73 4.73
CA LEU J 61 -13.24 -43.61 3.48
C LEU J 61 -12.59 -42.61 2.54
N VAL J 62 -12.67 -42.90 1.24
CA VAL J 62 -12.35 -41.91 0.22
C VAL J 62 -13.65 -41.64 -0.53
N TYR J 63 -14.02 -40.37 -0.64
CA TYR J 63 -15.27 -39.98 -1.30
C TYR J 63 -15.13 -38.64 -1.97
N TYR J 64 -16.08 -38.32 -2.85
CA TYR J 64 -16.25 -36.96 -3.37
C TYR J 64 -17.44 -36.35 -2.64
N GLU J 65 -17.22 -35.21 -2.01
CA GLU J 65 -18.26 -34.54 -1.27
C GLU J 65 -18.68 -33.38 -2.13
N GLN J 66 -19.88 -33.45 -2.65
CA GLN J 66 -20.35 -32.47 -3.58
C GLN J 66 -21.20 -31.44 -2.87
N GLN J 67 -20.81 -30.19 -3.00
CA GLN J 67 -21.46 -29.11 -2.30
C GLN J 67 -22.08 -28.14 -3.32
N ARG J 68 -23.26 -27.63 -2.99
CA ARG J 68 -23.91 -26.67 -3.85
C ARG J 68 -24.64 -25.61 -3.03
N TRP J 69 -24.59 -24.38 -3.51
CA TRP J 69 -25.33 -23.28 -2.90
C TRP J 69 -25.47 -22.16 -3.91
N LYS J 70 -26.27 -21.15 -3.59
CA LYS J 70 -26.55 -20.09 -4.52
C LYS J 70 -26.52 -18.74 -3.80
N LEU J 71 -25.73 -17.80 -4.31
CA LEU J 71 -25.67 -16.46 -3.75
C LEU J 71 -26.16 -15.43 -4.77
N ASN J 72 -27.03 -14.53 -4.33
CA ASN J 72 -27.42 -13.41 -5.17
C ASN J 72 -26.21 -12.62 -5.61
N SER J 73 -25.24 -12.48 -4.72
CA SER J 73 -24.03 -11.72 -4.98
C SER J 73 -23.09 -12.35 -6.01
N LEU J 74 -23.43 -13.52 -6.54
CA LEU J 74 -22.63 -14.13 -7.60
C LEU J 74 -23.37 -14.18 -8.92
N MET J 75 -24.56 -13.59 -8.94
CA MET J 75 -25.40 -13.48 -10.12
C MET J 75 -24.82 -12.50 -11.12
N TRP J 76 -24.99 -12.78 -12.41
CA TRP J 76 -24.73 -11.80 -13.46
C TRP J 76 -25.58 -12.12 -14.68
N ASP J 77 -25.72 -11.14 -15.56
CA ASP J 77 -26.39 -11.35 -16.83
C ASP J 77 -25.34 -11.65 -17.91
N PRO J 78 -25.36 -12.87 -18.48
CA PRO J 78 -24.38 -13.25 -19.47
C PRO J 78 -24.30 -12.26 -20.63
N ASN J 79 -25.41 -11.57 -20.90
CA ASN J 79 -25.46 -10.58 -21.97
C ASN J 79 -24.55 -9.39 -21.75
N GLU J 80 -24.35 -9.02 -20.49
CA GLU J 80 -23.45 -7.95 -20.14
C GLU J 80 -22.01 -8.41 -20.12
N TYR J 81 -21.78 -9.72 -20.08
CA TYR J 81 -20.43 -10.23 -19.94
C TYR J 81 -20.05 -11.18 -21.06
N GLY J 82 -20.28 -10.75 -22.29
CA GLY J 82 -19.86 -11.49 -23.48
C GLY J 82 -20.32 -12.92 -23.50
N ASN J 83 -21.58 -13.14 -23.13
CA ASN J 83 -22.23 -14.45 -23.09
C ASN J 83 -21.55 -15.52 -22.23
N ILE J 84 -20.65 -15.08 -21.34
CA ILE J 84 -20.04 -15.96 -20.34
C ILE J 84 -21.11 -16.46 -19.38
N THR J 85 -21.18 -17.77 -19.17
CA THR J 85 -22.25 -18.34 -18.37
C THR J 85 -21.76 -18.96 -17.05
N ASP J 86 -20.45 -19.18 -16.97
CA ASP J 86 -19.84 -19.88 -15.84
C ASP J 86 -18.33 -19.72 -15.85
N PHE J 87 -17.71 -19.72 -14.66
CA PHE J 87 -16.25 -19.63 -14.58
C PHE J 87 -15.69 -20.50 -13.45
N ARG J 88 -14.44 -20.91 -13.63
CA ARG J 88 -13.74 -21.62 -12.57
C ARG J 88 -12.94 -20.64 -11.75
N THR J 89 -12.95 -20.81 -10.44
CA THR J 89 -12.13 -19.99 -9.57
C THR J 89 -11.62 -20.80 -8.39
N SER J 90 -10.51 -20.36 -7.81
CA SER J 90 -9.99 -20.98 -6.61
C SER J 90 -11.01 -20.86 -5.46
N ALA J 91 -11.19 -21.94 -4.70
CA ALA J 91 -12.14 -21.97 -3.60
C ALA J 91 -11.78 -20.97 -2.51
N ALA J 92 -10.52 -20.55 -2.47
CA ALA J 92 -10.09 -19.55 -1.51
C ALA J 92 -10.52 -18.14 -1.90
N ASP J 93 -11.00 -17.98 -3.13
CA ASP J 93 -11.42 -16.68 -3.64
C ASP J 93 -12.88 -16.39 -3.30
N ILE J 94 -13.58 -17.37 -2.75
CA ILE J 94 -14.99 -17.20 -2.42
C ILE J 94 -15.36 -17.82 -1.08
N TRP J 95 -16.47 -17.37 -0.53
CA TRP J 95 -17.01 -17.97 0.68
C TRP J 95 -17.39 -19.38 0.31
N THR J 96 -17.14 -20.30 1.23
CA THR J 96 -17.53 -21.71 1.10
C THR J 96 -18.12 -22.16 2.45
N PRO J 97 -19.04 -23.13 2.44
CA PRO J 97 -19.62 -23.51 3.72
C PRO J 97 -18.64 -24.35 4.56
N ASP J 98 -18.81 -24.30 5.88
CA ASP J 98 -17.91 -24.96 6.82
C ASP J 98 -18.40 -26.37 7.17
N ILE J 99 -18.71 -27.15 6.15
CA ILE J 99 -19.28 -28.49 6.34
C ILE J 99 -18.26 -29.47 6.88
N THR J 100 -18.48 -29.97 8.09
CA THR J 100 -17.52 -30.87 8.73
C THR J 100 -18.15 -32.20 9.11
N ALA J 101 -17.30 -33.23 9.18
CA ALA J 101 -17.69 -34.51 9.75
C ALA J 101 -17.64 -34.35 11.25
N TYR J 102 -18.70 -34.78 11.94
CA TYR J 102 -18.78 -34.59 13.36
C TYR J 102 -17.97 -35.60 14.19
N SER J 103 -17.64 -36.75 13.59
CA SER J 103 -16.96 -37.79 14.35
C SER J 103 -15.67 -38.31 13.69
N SER J 104 -14.91 -37.41 13.08
CA SER J 104 -13.60 -37.80 12.53
C SER J 104 -12.57 -38.07 13.65
N THR J 105 -11.52 -38.81 13.33
CA THR J 105 -10.48 -39.09 14.30
C THR J 105 -9.13 -38.54 13.87
N ARG J 106 -9.09 -37.96 12.68
CA ARG J 106 -7.88 -37.36 12.11
C ARG J 106 -8.36 -36.22 11.27
N PRO J 107 -7.55 -35.15 11.12
CA PRO J 107 -7.97 -34.12 10.19
C PRO J 107 -8.22 -34.70 8.80
N VAL J 108 -9.31 -34.29 8.15
CA VAL J 108 -9.62 -34.72 6.80
C VAL J 108 -8.48 -34.40 5.86
N GLN J 109 -8.22 -35.27 4.89
CA GLN J 109 -7.22 -35.00 3.88
C GLN J 109 -7.88 -34.68 2.57
N VAL J 110 -7.47 -33.58 1.95
CA VAL J 110 -8.03 -33.18 0.65
C VAL J 110 -7.16 -33.76 -0.46
N LEU J 111 -7.80 -34.47 -1.37
CA LEU J 111 -7.12 -35.23 -2.41
C LEU J 111 -7.11 -34.54 -3.77
N SER J 112 -7.98 -33.54 -3.91
CA SER J 112 -8.18 -32.86 -5.18
C SER J 112 -7.84 -31.39 -5.04
N PRO J 113 -7.72 -30.67 -6.17
CA PRO J 113 -7.64 -29.21 -6.08
C PRO J 113 -8.88 -28.56 -5.45
N GLN J 114 -8.65 -27.41 -4.83
CA GLN J 114 -9.69 -26.61 -4.22
C GLN J 114 -10.14 -25.58 -5.24
N ILE J 115 -10.99 -26.01 -6.17
CA ILE J 115 -11.48 -25.12 -7.21
C ILE J 115 -12.98 -25.28 -7.31
N ALA J 116 -13.69 -24.17 -7.36
CA ALA J 116 -15.15 -24.19 -7.50
C ALA J 116 -15.59 -23.67 -8.89
N VAL J 117 -16.83 -23.98 -9.25
CA VAL J 117 -17.38 -23.56 -10.53
C VAL J 117 -18.57 -22.68 -10.23
N VAL J 118 -18.53 -21.44 -10.73
CA VAL J 118 -19.62 -20.49 -10.50
C VAL J 118 -20.45 -20.28 -11.75
N THR J 119 -21.78 -20.32 -11.60
CA THR J 119 -22.70 -20.15 -12.73
C THR J 119 -23.48 -18.84 -12.60
N HIS J 120 -23.97 -18.32 -13.73
CA HIS J 120 -24.51 -16.96 -13.79
C HIS J 120 -25.68 -16.70 -12.88
N ASP J 121 -26.41 -17.75 -12.55
CA ASP J 121 -27.55 -17.63 -11.64
C ASP J 121 -27.06 -17.48 -10.20
N GLY J 122 -25.74 -17.47 -10.01
CA GLY J 122 -25.15 -17.28 -8.70
C GLY J 122 -24.90 -18.56 -7.94
N SER J 123 -25.12 -19.70 -8.57
CA SER J 123 -24.87 -20.99 -7.93
C SER J 123 -23.40 -21.42 -8.02
N VAL J 124 -22.90 -21.97 -6.93
CA VAL J 124 -21.55 -22.43 -6.85
C VAL J 124 -21.55 -23.94 -6.71
N MET J 125 -20.62 -24.60 -7.37
CA MET J 125 -20.44 -26.02 -7.18
C MET J 125 -19.00 -26.34 -6.81
N PHE J 126 -18.86 -27.00 -5.68
CA PHE J 126 -17.56 -27.33 -5.13
C PHE J 126 -17.56 -28.82 -4.78
N ILE J 127 -16.66 -29.60 -5.39
CA ILE J 127 -16.62 -31.05 -5.21
C ILE J 127 -15.21 -31.57 -4.84
N PRO J 128 -14.79 -31.35 -3.59
CA PRO J 128 -13.49 -31.89 -3.17
C PRO J 128 -13.48 -33.41 -2.91
N ALA J 129 -12.40 -34.07 -3.32
CA ALA J 129 -12.14 -35.47 -2.97
C ALA J 129 -11.44 -35.49 -1.62
N GLN J 130 -11.86 -36.41 -0.75
CA GLN J 130 -11.33 -36.46 0.62
C GLN J 130 -11.06 -37.87 1.09
N ARG J 131 -10.05 -38.02 1.96
CA ARG J 131 -9.92 -39.23 2.77
C ARG J 131 -10.25 -38.86 4.21
N LEU J 132 -11.25 -39.53 4.78
CA LEU J 132 -11.68 -39.28 6.16
C LEU J 132 -11.50 -40.50 7.05
N SER J 133 -10.88 -40.30 8.21
CA SER J 133 -10.84 -41.31 9.27
C SER J 133 -11.87 -40.96 10.31
N PHE J 134 -12.83 -41.87 10.53
CA PHE J 134 -13.86 -41.59 11.49
C PHE J 134 -14.15 -42.78 12.40
N MET J 135 -14.84 -42.50 13.51
CA MET J 135 -15.15 -43.50 14.52
C MET J 135 -16.16 -44.46 13.97
N CYS J 136 -15.74 -45.72 13.90
CA CYS J 136 -16.56 -46.77 13.37
C CYS J 136 -16.02 -48.13 13.83
N ASP J 137 -16.90 -48.93 14.44
CA ASP J 137 -16.55 -50.25 14.94
C ASP J 137 -16.86 -51.29 13.85
N PRO J 138 -15.81 -51.93 13.31
CA PRO J 138 -15.99 -52.83 12.16
C PRO J 138 -16.29 -54.29 12.50
N THR J 139 -16.83 -54.55 13.70
CA THR J 139 -17.20 -55.91 14.10
C THR J 139 -18.25 -56.50 13.17
N GLY J 140 -17.96 -57.70 12.67
CA GLY J 140 -18.89 -58.41 11.80
C GLY J 140 -18.70 -58.13 10.33
N VAL J 141 -17.70 -57.31 10.01
CA VAL J 141 -17.32 -57.04 8.62
C VAL J 141 -16.81 -58.33 7.98
N ASP J 142 -16.30 -59.22 8.84
CA ASP J 142 -15.80 -60.55 8.47
C ASP J 142 -16.94 -61.56 8.34
N SER J 143 -18.18 -61.10 8.53
CA SER J 143 -19.38 -61.95 8.42
C SER J 143 -20.21 -61.58 7.19
N GLU J 144 -21.35 -62.24 7.02
CA GLU J 144 -22.19 -62.04 5.84
C GLU J 144 -23.04 -60.78 5.89
N GLU J 145 -23.61 -60.45 7.04
CA GLU J 145 -24.42 -59.24 7.21
C GLU J 145 -23.56 -57.98 7.32
N GLY J 146 -22.27 -58.19 7.54
CA GLY J 146 -21.31 -57.09 7.52
C GLY J 146 -21.40 -56.20 8.74
N ALA J 147 -20.76 -55.04 8.66
CA ALA J 147 -20.78 -54.06 9.74
C ALA J 147 -21.45 -52.81 9.23
N THR J 148 -21.99 -52.02 10.15
CA THR J 148 -22.66 -50.78 9.78
C THR J 148 -22.01 -49.60 10.51
N CYS J 149 -21.68 -48.55 9.77
CA CYS J 149 -21.14 -47.33 10.38
C CYS J 149 -21.85 -46.07 9.90
N ALA J 150 -21.79 -45.02 10.71
CA ALA J 150 -22.44 -43.76 10.39
C ALA J 150 -21.55 -42.59 10.75
N VAL J 151 -21.67 -41.52 10.00
CA VAL J 151 -20.97 -40.27 10.30
C VAL J 151 -21.89 -39.12 9.89
N LYS J 152 -22.00 -38.11 10.75
CA LYS J 152 -22.82 -36.93 10.46
C LYS J 152 -21.95 -35.84 9.87
N PHE J 153 -22.47 -35.19 8.83
CA PHE J 153 -21.83 -34.01 8.24
C PHE J 153 -22.72 -32.79 8.41
N GLY J 154 -22.14 -31.65 8.75
CA GLY J 154 -22.92 -30.44 8.87
C GLY J 154 -22.08 -29.22 9.17
N SER J 155 -22.72 -28.05 9.21
CA SER J 155 -22.01 -26.81 9.53
C SER J 155 -21.45 -26.91 10.93
N TRP J 156 -20.27 -26.32 11.12
CA TRP J 156 -19.67 -26.31 12.44
C TRP J 156 -20.22 -25.21 13.36
N VAL J 157 -20.53 -24.04 12.81
CA VAL J 157 -20.95 -22.89 13.62
C VAL J 157 -22.32 -22.28 13.26
N TYR J 158 -22.91 -22.74 12.16
CA TYR J 158 -24.17 -22.21 11.66
C TYR J 158 -25.38 -23.10 11.96
N SER J 159 -26.43 -22.50 12.53
CA SER J 159 -27.65 -23.23 12.78
C SER J 159 -28.49 -23.37 11.50
N GLY J 160 -29.60 -24.11 11.59
CA GLY J 160 -30.53 -24.29 10.47
C GLY J 160 -31.14 -22.99 10.00
N PHE J 161 -31.18 -22.00 10.89
CA PHE J 161 -31.70 -20.68 10.56
C PHE J 161 -30.78 -19.88 9.67
N GLU J 162 -29.51 -20.30 9.59
CA GLU J 162 -28.52 -19.65 8.73
C GLU J 162 -28.15 -20.51 7.53
N ILE J 163 -27.75 -21.75 7.79
CA ILE J 163 -27.51 -22.72 6.73
C ILE J 163 -28.46 -23.90 6.87
N ASP J 164 -29.28 -24.14 5.87
CA ASP J 164 -30.05 -25.36 5.83
C ASP J 164 -29.30 -26.33 4.91
N LEU J 165 -29.38 -27.61 5.22
CA LEU J 165 -28.84 -28.65 4.34
C LEU J 165 -29.94 -29.40 3.63
N LYS J 166 -29.61 -29.93 2.46
CA LYS J 166 -30.51 -30.82 1.75
C LYS J 166 -29.76 -31.76 0.81
N THR J 167 -30.36 -32.89 0.50
CA THR J 167 -29.76 -33.82 -0.44
C THR J 167 -30.63 -33.89 -1.66
N ASP J 168 -30.06 -34.29 -2.79
CA ASP J 168 -30.86 -34.52 -3.98
C ASP J 168 -31.48 -35.90 -3.93
N THR J 169 -30.85 -36.80 -3.17
CA THR J 169 -31.31 -38.19 -3.03
C THR J 169 -30.76 -38.84 -1.76
N ASP J 170 -31.41 -39.91 -1.33
CA ASP J 170 -30.99 -40.67 -0.17
C ASP J 170 -29.88 -41.66 -0.47
N GLN J 171 -29.68 -41.93 -1.76
CA GLN J 171 -28.67 -42.89 -2.19
C GLN J 171 -27.33 -42.24 -2.37
N VAL J 172 -26.36 -42.70 -1.59
CA VAL J 172 -24.97 -42.37 -1.83
C VAL J 172 -24.60 -42.99 -3.18
N ASP J 173 -23.97 -42.20 -4.02
CA ASP J 173 -23.58 -42.62 -5.37
C ASP J 173 -22.45 -43.65 -5.36
N LEU J 174 -22.78 -44.87 -5.75
CA LEU J 174 -21.83 -45.97 -5.68
C LEU J 174 -21.30 -46.41 -7.05
N SER J 175 -21.56 -45.60 -8.06
CA SER J 175 -21.20 -45.94 -9.44
C SER J 175 -19.70 -45.81 -9.66
N SER J 176 -19.02 -45.15 -8.72
CA SER J 176 -17.56 -44.98 -8.79
C SER J 176 -16.80 -45.75 -7.70
N TYR J 177 -17.52 -46.61 -6.98
CA TYR J 177 -16.88 -47.42 -5.95
C TYR J 177 -15.88 -48.40 -6.52
N TYR J 178 -14.69 -48.42 -5.94
CA TYR J 178 -13.57 -49.22 -6.43
C TYR J 178 -13.97 -50.67 -6.55
N ALA J 179 -14.02 -51.16 -7.78
CA ALA J 179 -14.45 -52.53 -8.08
C ALA J 179 -13.71 -53.57 -7.23
N SER J 180 -12.41 -53.37 -7.03
CA SER J 180 -11.58 -54.36 -6.37
C SER J 180 -11.16 -53.98 -4.95
N SER J 181 -11.99 -53.20 -4.26
CA SER J 181 -11.71 -52.82 -2.89
C SER J 181 -11.65 -54.04 -1.96
N LYS J 182 -11.00 -53.88 -0.82
CA LYS J 182 -10.99 -54.93 0.21
C LYS J 182 -12.37 -55.14 0.80
N TYR J 183 -13.21 -54.12 0.72
CA TYR J 183 -14.55 -54.15 1.30
C TYR J 183 -15.57 -53.80 0.24
N GLU J 184 -16.68 -54.55 0.21
CA GLU J 184 -17.79 -54.19 -0.69
C GLU J 184 -18.98 -53.54 0.03
N ILE J 185 -19.68 -52.64 -0.67
CA ILE J 185 -20.78 -51.89 -0.08
C ILE J 185 -22.07 -52.66 -0.19
N LEU J 186 -22.73 -52.85 0.95
CA LEU J 186 -24.02 -53.51 0.97
C LEU J 186 -25.14 -52.48 0.85
N SER J 187 -24.96 -51.32 1.48
CA SER J 187 -25.80 -50.15 1.23
C SER J 187 -25.10 -48.90 1.71
N ALA J 188 -25.44 -47.77 1.11
CA ALA J 188 -24.92 -46.49 1.54
C ALA J 188 -25.98 -45.41 1.35
N THR J 189 -26.39 -44.79 2.44
CA THR J 189 -27.44 -43.77 2.39
C THR J 189 -26.92 -42.44 2.93
N GLN J 190 -27.56 -41.36 2.51
CA GLN J 190 -27.30 -40.02 3.04
C GLN J 190 -28.64 -39.39 3.40
N THR J 191 -28.82 -39.06 4.67
CA THR J 191 -30.14 -38.70 5.14
C THR J 191 -30.06 -37.39 5.87
N ARG J 192 -30.99 -36.49 5.58
CA ARG J 192 -31.03 -35.19 6.25
C ARG J 192 -31.63 -35.36 7.63
N GLN J 193 -31.03 -34.69 8.59
CA GLN J 193 -31.52 -34.74 9.96
C GLN J 193 -31.71 -33.35 10.53
N VAL J 194 -32.81 -33.17 11.27
CA VAL J 194 -33.03 -31.96 12.04
C VAL J 194 -32.86 -32.29 13.50
N GLN J 195 -31.82 -31.69 14.09
CA GLN J 195 -31.37 -31.95 15.46
C GLN J 195 -31.79 -30.85 16.42
N HIS J 196 -32.20 -31.23 17.62
CA HIS J 196 -32.59 -30.25 18.64
C HIS J 196 -31.79 -30.37 19.92
N TYR J 197 -31.27 -29.21 20.37
CA TYR J 197 -30.40 -29.14 21.55
C TYR J 197 -31.04 -28.31 22.66
N SER J 198 -30.79 -28.71 23.91
CA SER J 198 -31.50 -28.10 25.05
C SER J 198 -31.11 -26.66 25.37
N CYS J 199 -29.95 -26.20 24.90
CA CYS J 199 -29.58 -24.80 25.03
C CYS J 199 -30.38 -23.92 24.09
N CYS J 200 -30.76 -24.47 22.94
CA CYS J 200 -30.87 -23.69 21.73
C CYS J 200 -32.18 -23.84 20.97
N PRO J 201 -32.96 -22.75 20.85
CA PRO J 201 -34.21 -22.79 20.09
C PRO J 201 -34.05 -22.89 18.56
N GLU J 202 -32.88 -22.58 18.03
CA GLU J 202 -32.64 -22.79 16.60
C GLU J 202 -32.43 -24.30 16.38
N PRO J 203 -32.99 -24.83 15.28
CA PRO J 203 -32.72 -26.22 14.94
C PRO J 203 -31.38 -26.31 14.25
N TYR J 204 -30.75 -27.48 14.32
CA TYR J 204 -29.48 -27.69 13.65
C TYR J 204 -29.61 -28.84 12.67
N ILE J 205 -29.08 -28.65 11.47
CA ILE J 205 -29.20 -29.67 10.45
C ILE J 205 -27.89 -30.43 10.29
N ASP J 206 -28.00 -31.67 9.82
CA ASP J 206 -26.84 -32.41 9.31
C ASP J 206 -27.28 -33.41 8.24
N VAL J 207 -26.32 -34.02 7.57
CA VAL J 207 -26.57 -35.15 6.70
C VAL J 207 -25.88 -36.36 7.30
N ASN J 208 -26.66 -37.41 7.54
CA ASN J 208 -26.15 -38.63 8.13
C ASN J 208 -25.80 -39.69 7.10
N LEU J 209 -24.49 -39.90 6.93
CA LEU J 209 -23.97 -40.89 5.99
C LEU J 209 -23.89 -42.24 6.69
N VAL J 210 -24.64 -43.23 6.18
CA VAL J 210 -24.67 -44.55 6.82
C VAL J 210 -24.22 -45.61 5.84
N VAL J 211 -23.15 -46.32 6.17
CA VAL J 211 -22.59 -47.34 5.28
C VAL J 211 -22.62 -48.74 5.90
N LYS J 212 -23.19 -49.68 5.14
CA LYS J 212 -23.11 -51.09 5.49
C LYS J 212 -22.13 -51.77 4.56
N PHE J 213 -21.09 -52.34 5.13
CA PHE J 213 -20.05 -53.00 4.35
C PHE J 213 -19.57 -54.34 4.93
N ARG J 214 -18.84 -55.10 4.11
CA ARG J 214 -18.25 -56.35 4.55
C ARG J 214 -17.00 -56.67 3.74
N GLU J 215 -16.20 -57.62 4.23
CA GLU J 215 -15.01 -58.06 3.51
C GLU J 215 -15.41 -58.71 2.19
N ARG J 216 -14.69 -58.39 1.11
CA ARG J 216 -14.95 -58.93 -0.23
C ARG J 216 -14.93 -60.45 -0.19
N ARG J 217 -15.77 -61.10 -0.98
CA ARG J 217 -15.86 -62.58 -0.94
C ARG J 217 -15.76 -63.21 -2.32
#